data_9CO2
#
_entry.id   9CO2
#
_cell.length_a   98.792
_cell.length_b   167.274
_cell.length_c   104.821
_cell.angle_alpha   90.00
_cell.angle_beta   110.99
_cell.angle_gamma   90.00
#
_symmetry.space_group_name_H-M   'P 1 21 1'
#
loop_
_entity.id
_entity.type
_entity.pdbx_description
1 polymer 'Outer membrane protein assembly factor BamA'
2 polymer 'PTB2 circular peptide'
#
loop_
_entity_poly.entity_id
_entity_poly.type
_entity_poly.pdbx_seq_one_letter_code
_entity_poly.pdbx_strand_id
1 'polypeptide(L)'
;SFNFGIGYGTESGVSFQAGVQQDNWLGTGYAVGINGTKNDYQTYAELSVTNPYFTVDGVSLGGRLFYNDFQADDADLSDY
TNKSYGTDVTLGFPINEYNSLRAGLGYVHNSLSNMQPQVAMWRYLYSMGEHPSTSDQDNSFKTDDFTFNYGWTYNKLDRG
YFPTDGSRVNLTGKVTIPGSDNEYYKVTLDTATYVPIDDDHKWVVLGRTRWGYGDGLGGKEMPFYENFYAGGSSTVRGFQ
SNTIGPKAVYFPHQASNYDPDYDYECATQDGAKDLCKSDDAVGGNAMAVASLEFITPTPFISDKYANSVRTSFFWDMGTV
WDTNWDSSQYSGYPDYSDPSNIRMSAGIALQWMSPLGPLVFSYAQPFKKYDGDKAEQFQFNI
;
A,B,C,D
2 'polypeptide(L)' (ACE)FGTIHKRRFRYWFCG(NH2) E,F,G,I
#
loop_
_chem_comp.id
_chem_comp.type
_chem_comp.name
_chem_comp.formula
ACE non-polymer 'ACETYL GROUP' 'C2 H4 O'
NH2 non-polymer 'AMINO GROUP' 'H2 N'
#
# COMPACT_ATOMS: atom_id res chain seq x y z
N SER A 1 45.71 -15.51 26.75
CA SER A 1 45.48 -16.79 26.11
C SER A 1 45.87 -16.74 24.62
N PHE A 2 45.38 -17.72 23.85
CA PHE A 2 46.08 -18.15 22.64
C PHE A 2 45.16 -18.95 21.73
N ASN A 3 45.08 -18.53 20.47
CA ASN A 3 44.57 -19.40 19.41
C ASN A 3 44.82 -18.73 18.07
N PHE A 4 44.66 -19.51 17.00
CA PHE A 4 44.84 -19.04 15.64
C PHE A 4 44.33 -20.11 14.67
N GLY A 5 43.83 -19.66 13.53
CA GLY A 5 43.46 -20.54 12.42
C GLY A 5 43.25 -19.76 11.13
N ILE A 6 43.46 -20.45 10.00
CA ILE A 6 43.11 -20.00 8.65
C ILE A 6 42.52 -21.21 7.92
N GLY A 7 42.30 -21.15 6.61
CA GLY A 7 41.68 -22.29 5.97
C GLY A 7 41.78 -22.31 4.46
N TYR A 8 41.61 -23.56 4.05
CA TYR A 8 41.06 -23.98 2.80
C TYR A 8 39.60 -23.56 2.77
N GLY A 9 38.85 -24.56 2.38
CA GLY A 9 37.47 -24.78 1.98
C GLY A 9 36.70 -25.71 2.91
N THR A 10 36.47 -25.31 4.19
CA THR A 10 35.48 -25.90 5.10
C THR A 10 34.11 -25.21 4.97
N GLU A 11 33.27 -25.60 4.01
CA GLU A 11 31.93 -24.97 3.88
C GLU A 11 31.95 -23.45 4.12
N SER A 12 32.61 -22.99 5.18
CA SER A 12 32.85 -21.58 5.43
C SER A 12 34.05 -21.09 4.62
N GLY A 13 34.48 -19.85 4.86
CA GLY A 13 35.47 -19.23 4.00
C GLY A 13 36.92 -19.29 4.43
N VAL A 14 37.61 -18.15 4.34
CA VAL A 14 39.05 -18.10 4.62
C VAL A 14 39.34 -18.60 6.03
N SER A 15 38.48 -18.24 6.99
CA SER A 15 38.50 -18.77 8.35
C SER A 15 39.74 -18.33 9.14
N PHE A 16 40.15 -17.07 8.98
CA PHE A 16 41.00 -16.47 10.00
C PHE A 16 40.26 -16.50 11.32
N GLN A 17 40.90 -17.02 12.36
CA GLN A 17 40.23 -17.13 13.64
C GLN A 17 41.25 -16.94 14.77
N ALA A 18 40.81 -16.29 15.84
CA ALA A 18 41.68 -15.98 16.96
C ALA A 18 40.87 -15.78 18.23
N GLY A 19 41.34 -16.39 19.31
CA GLY A 19 40.86 -16.10 20.65
C GLY A 19 42.05 -15.87 21.56
N VAL A 20 42.09 -14.72 22.23
CA VAL A 20 43.30 -14.25 22.90
C VAL A 20 42.91 -13.55 24.20
N GLN A 21 43.77 -13.71 25.22
CA GLN A 21 43.57 -13.04 26.50
C GLN A 21 44.91 -12.54 27.01
N GLN A 22 44.99 -11.24 27.36
CA GLN A 22 46.14 -10.65 28.04
C GLN A 22 45.69 -10.27 29.44
N ASP A 23 46.35 -10.84 30.45
CA ASP A 23 45.76 -10.88 31.78
C ASP A 23 46.86 -10.77 32.84
N ASN A 24 46.43 -10.73 34.10
CA ASN A 24 47.36 -10.71 35.23
C ASN A 24 46.76 -11.49 36.40
N TRP A 25 47.62 -11.90 37.33
CA TRP A 25 47.13 -12.43 38.59
C TRP A 25 47.01 -11.32 39.62
N LEU A 26 47.96 -10.39 39.63
CA LEU A 26 47.93 -9.24 40.53
C LEU A 26 48.83 -8.16 39.95
N GLY A 27 48.51 -6.86 40.11
CA GLY A 27 49.57 -5.87 40.02
C GLY A 27 49.43 -4.67 39.06
N THR A 28 48.92 -4.87 37.83
CA THR A 28 48.69 -3.73 36.96
C THR A 28 47.24 -3.58 36.53
N GLY A 29 46.42 -4.60 36.72
CA GLY A 29 44.98 -4.46 36.81
C GLY A 29 44.19 -4.86 35.57
N TYR A 30 44.75 -4.67 34.38
CA TYR A 30 43.92 -4.82 33.18
C TYR A 30 43.62 -6.28 32.90
N ALA A 31 42.42 -6.53 32.38
CA ALA A 31 42.04 -7.83 31.83
C ALA A 31 41.52 -7.59 30.42
N VAL A 32 42.23 -8.12 29.44
CA VAL A 32 41.98 -7.83 28.02
C VAL A 32 41.68 -9.13 27.29
N GLY A 33 40.68 -9.09 26.42
CA GLY A 33 40.33 -10.23 25.60
C GLY A 33 40.02 -9.80 24.17
N ILE A 34 40.30 -10.71 23.24
CA ILE A 34 40.16 -10.42 21.82
C ILE A 34 39.64 -11.66 21.10
N ASN A 35 38.64 -11.47 20.24
CA ASN A 35 38.11 -12.52 19.38
C ASN A 35 38.06 -12.02 17.94
N GLY A 36 38.39 -12.90 17.00
CA GLY A 36 38.41 -12.53 15.59
C GLY A 36 38.06 -13.70 14.70
N THR A 37 37.37 -13.41 13.61
CA THR A 37 36.92 -14.43 12.65
C THR A 37 36.66 -13.77 11.31
N LYS A 38 37.46 -14.11 10.30
CA LYS A 38 37.27 -13.63 8.94
C LYS A 38 36.98 -14.81 8.02
N ASN A 39 35.87 -14.72 7.30
CA ASN A 39 35.46 -15.68 6.29
C ASN A 39 35.21 -14.94 4.99
N ASP A 40 34.87 -15.69 3.94
CA ASP A 40 34.34 -15.05 2.73
C ASP A 40 33.03 -14.33 3.03
N TYR A 41 32.33 -14.72 4.09
CA TYR A 41 30.98 -14.25 4.35
C TYR A 41 30.82 -13.54 5.69
N GLN A 42 31.90 -13.34 6.45
CA GLN A 42 31.77 -12.66 7.73
C GLN A 42 33.12 -12.12 8.17
N THR A 43 33.08 -10.99 8.86
CA THR A 43 34.24 -10.42 9.56
C THR A 43 33.78 -9.99 10.94
N TYR A 44 34.22 -10.71 11.97
CA TYR A 44 33.80 -10.52 13.34
C TYR A 44 35.02 -10.20 14.19
N ALA A 45 34.94 -9.12 14.96
CA ALA A 45 36.06 -8.68 15.79
C ALA A 45 35.50 -8.09 17.08
N GLU A 46 35.90 -8.66 18.21
CA GLU A 46 35.43 -8.22 19.52
C GLU A 46 36.63 -7.95 20.41
N LEU A 47 36.68 -6.74 20.99
CA LEU A 47 37.73 -6.33 21.90
C LEU A 47 37.10 -5.98 23.24
N SER A 48 37.61 -6.55 24.31
CA SER A 48 37.01 -6.41 25.63
C SER A 48 38.07 -6.08 26.66
N VAL A 49 37.74 -5.18 27.59
CA VAL A 49 38.62 -4.82 28.70
C VAL A 49 37.81 -4.81 29.98
N THR A 50 38.51 -5.02 31.10
CA THR A 50 37.87 -5.00 32.41
C THR A 50 38.91 -4.65 33.46
N ASN A 51 38.53 -3.74 34.36
CA ASN A 51 39.28 -3.43 35.57
C ASN A 51 38.50 -4.00 36.75
N PRO A 52 39.00 -5.04 37.41
CA PRO A 52 38.28 -5.63 38.55
C PRO A 52 38.45 -4.85 39.85
N TYR A 53 39.30 -3.82 39.85
CA TYR A 53 39.56 -2.97 41.01
C TYR A 53 39.43 -1.50 40.55
N PHE A 54 38.21 -1.16 40.13
CA PHE A 54 37.92 0.23 39.78
C PHE A 54 37.99 1.15 40.98
N THR A 55 37.73 0.62 42.17
CA THR A 55 37.81 1.40 43.40
C THR A 55 38.11 0.46 44.56
N VAL A 56 38.31 1.05 45.75
CA VAL A 56 38.73 0.29 46.92
C VAL A 56 37.69 -0.75 47.30
N ASP A 57 36.41 -0.50 46.99
CA ASP A 57 35.33 -1.39 47.42
C ASP A 57 35.31 -2.71 46.67
N GLY A 58 36.20 -2.92 45.70
CA GLY A 58 36.17 -4.12 44.88
C GLY A 58 35.23 -4.07 43.70
N VAL A 59 34.63 -2.90 43.43
CA VAL A 59 33.72 -2.76 42.30
C VAL A 59 34.51 -2.80 40.99
N SER A 60 33.90 -3.36 39.94
CA SER A 60 34.58 -3.54 38.68
C SER A 60 33.94 -2.67 37.59
N LEU A 61 34.73 -2.38 36.55
CA LEU A 61 34.26 -1.64 35.38
C LEU A 61 34.72 -2.37 34.13
N GLY A 62 33.77 -2.73 33.27
CA GLY A 62 34.07 -3.51 32.08
C GLY A 62 33.47 -2.92 30.82
N GLY A 63 34.28 -2.88 29.76
CA GLY A 63 33.81 -2.33 28.50
C GLY A 63 34.20 -3.23 27.34
N ARG A 64 33.54 -3.00 26.21
CA ARG A 64 33.84 -3.79 25.01
C ARG A 64 33.39 -3.04 23.77
N LEU A 65 34.02 -3.38 22.65
CA LEU A 65 33.83 -2.75 21.36
C LEU A 65 33.85 -3.84 20.29
N PHE A 66 32.82 -3.86 19.43
CA PHE A 66 32.68 -4.98 18.51
C PHE A 66 32.28 -4.49 17.12
N TYR A 67 32.66 -5.30 16.13
CA TYR A 67 32.38 -5.12 14.70
C TYR A 67 32.00 -6.48 14.14
N ASN A 68 30.97 -6.54 13.31
CA ASN A 68 30.43 -7.83 12.85
C ASN A 68 29.74 -7.60 11.50
N ASP A 69 30.43 -7.97 10.42
CA ASP A 69 30.04 -7.62 9.06
C ASP A 69 29.76 -8.89 8.29
N PHE A 70 28.51 -9.12 7.90
CA PHE A 70 28.11 -10.32 7.18
C PHE A 70 27.66 -9.97 5.78
N GLN A 71 28.22 -10.70 4.79
CA GLN A 71 27.87 -10.56 3.38
C GLN A 71 27.59 -11.95 2.82
N ALA A 72 26.40 -12.13 2.25
CA ALA A 72 25.96 -13.44 1.77
C ALA A 72 26.59 -13.85 0.44
N ASP A 73 27.40 -12.99 -0.15
CA ASP A 73 28.14 -13.36 -1.34
C ASP A 73 29.61 -13.04 -1.10
N ASP A 74 30.34 -12.76 -2.20
CA ASP A 74 31.79 -12.85 -2.26
C ASP A 74 32.46 -11.95 -3.33
N ALA A 75 31.70 -11.09 -4.02
CA ALA A 75 32.20 -10.27 -5.10
C ALA A 75 31.14 -9.29 -5.60
N ASP A 76 29.87 -9.64 -5.39
CA ASP A 76 28.73 -8.88 -5.92
C ASP A 76 28.14 -7.91 -4.92
N LEU A 77 28.28 -8.19 -3.62
CA LEU A 77 27.43 -7.56 -2.60
C LEU A 77 25.99 -7.80 -3.07
N SER A 78 25.14 -6.78 -3.09
CA SER A 78 23.84 -6.82 -3.76
C SER A 78 22.93 -7.94 -3.28
N ASP A 79 23.35 -8.72 -2.28
CA ASP A 79 22.55 -9.76 -1.67
C ASP A 79 22.40 -9.43 -0.18
N TYR A 80 21.69 -10.28 0.55
CA TYR A 80 21.43 -10.03 1.97
C TYR A 80 22.72 -9.72 2.71
N THR A 81 22.79 -8.52 3.28
CA THR A 81 23.99 -8.02 3.92
C THR A 81 23.61 -7.39 5.26
N ASN A 82 24.32 -7.76 6.32
CA ASN A 82 23.99 -7.33 7.67
C ASN A 82 25.29 -6.91 8.36
N LYS A 83 25.50 -5.61 8.51
CA LYS A 83 26.65 -5.09 9.23
C LYS A 83 26.19 -4.54 10.57
N SER A 84 27.01 -4.76 11.60
CA SER A 84 26.72 -4.26 12.93
C SER A 84 28.03 -3.84 13.58
N TYR A 85 27.93 -2.85 14.45
CA TYR A 85 29.05 -2.57 15.36
C TYR A 85 28.49 -1.90 16.60
N GLY A 86 29.33 -1.73 17.61
CA GLY A 86 28.86 -1.04 18.79
C GLY A 86 29.79 -1.18 19.97
N THR A 87 29.30 -0.72 21.11
CA THR A 87 30.09 -0.55 22.31
C THR A 87 29.21 -0.80 23.53
N ASP A 88 29.84 -1.33 24.59
CA ASP A 88 29.19 -1.50 25.88
C ASP A 88 30.14 -1.02 26.97
N VAL A 89 29.58 -0.43 28.03
CA VAL A 89 30.32 -0.11 29.24
C VAL A 89 29.41 -0.41 30.43
N THR A 90 29.98 -1.02 31.46
CA THR A 90 29.18 -1.52 32.59
C THR A 90 29.97 -1.41 33.88
N LEU A 91 29.24 -1.29 34.98
CA LEU A 91 29.75 -1.31 36.34
C LEU A 91 29.18 -2.51 37.07
N GLY A 92 30.04 -3.18 37.83
CA GLY A 92 29.65 -4.33 38.62
C GLY A 92 29.88 -4.10 40.10
N PHE A 93 28.81 -4.24 40.87
CA PHE A 93 28.80 -3.94 42.30
C PHE A 93 28.60 -5.22 43.10
N PRO A 94 29.59 -5.69 43.84
CA PRO A 94 29.32 -6.68 44.88
C PRO A 94 28.74 -6.01 46.11
N ILE A 95 27.87 -6.74 46.79
CA ILE A 95 27.24 -6.25 48.02
C ILE A 95 27.22 -7.37 49.04
N ASN A 96 26.36 -8.37 48.81
CA ASN A 96 26.47 -9.63 49.52
C ASN A 96 27.49 -10.50 48.82
N GLU A 97 28.18 -11.33 49.60
CA GLU A 97 29.20 -12.20 49.00
C GLU A 97 28.59 -13.18 48.01
N TYR A 98 27.30 -13.49 48.16
CA TYR A 98 26.62 -14.33 47.18
C TYR A 98 26.24 -13.57 45.92
N ASN A 99 26.11 -12.25 45.99
CA ASN A 99 25.40 -11.48 44.99
C ASN A 99 26.29 -10.47 44.28
N SER A 100 25.78 -9.98 43.15
CA SER A 100 26.35 -8.85 42.44
C SER A 100 25.25 -8.21 41.61
N LEU A 101 25.36 -6.90 41.41
CA LEU A 101 24.49 -6.18 40.49
C LEU A 101 25.33 -5.55 39.40
N ARG A 102 24.68 -5.26 38.27
CA ARG A 102 25.38 -4.69 37.12
C ARG A 102 24.51 -3.63 36.48
N ALA A 103 25.13 -2.52 36.09
CA ALA A 103 24.43 -1.44 35.41
C ALA A 103 25.35 -0.80 34.39
N GLY A 104 24.84 -0.55 33.19
CA GLY A 104 25.69 0.00 32.16
C GLY A 104 24.89 0.56 31.00
N LEU A 105 25.64 1.07 30.02
CA LEU A 105 25.10 1.68 28.82
C LEU A 105 25.69 1.01 27.58
N GLY A 106 24.88 0.89 26.54
CA GLY A 106 25.32 0.28 25.30
C GLY A 106 24.81 1.04 24.09
N TYR A 107 25.56 0.94 23.00
CA TYR A 107 25.21 1.52 21.72
C TYR A 107 25.46 0.50 20.63
N VAL A 108 24.52 0.39 19.68
CA VAL A 108 24.59 -0.59 18.60
C VAL A 108 24.12 0.04 17.31
N HIS A 109 24.94 -0.04 16.26
CA HIS A 109 24.55 0.37 14.92
C HIS A 109 24.34 -0.87 14.06
N ASN A 110 23.24 -0.87 13.30
CA ASN A 110 22.88 -1.99 12.44
C ASN A 110 22.50 -1.47 11.05
N SER A 111 23.14 -2.00 10.02
CA SER A 111 22.87 -1.67 8.63
C SER A 111 22.45 -2.94 7.90
N LEU A 112 21.35 -2.87 7.15
CA LEU A 112 20.81 -3.98 6.40
C LEU A 112 20.66 -3.60 4.94
N SER A 113 21.06 -4.51 4.06
CA SER A 113 20.90 -4.31 2.61
C SER A 113 20.31 -5.58 2.01
N ASN A 114 19.27 -5.42 1.19
CA ASN A 114 18.80 -6.47 0.30
C ASN A 114 18.34 -7.71 1.06
N MET A 115 17.59 -7.50 2.15
CA MET A 115 17.07 -8.62 2.91
C MET A 115 15.90 -9.27 2.18
N GLN A 116 15.84 -10.60 2.24
CA GLN A 116 14.82 -11.33 1.51
C GLN A 116 13.46 -11.16 2.18
N PRO A 117 12.41 -10.82 1.42
CA PRO A 117 11.11 -10.51 2.04
C PRO A 117 10.48 -11.73 2.71
N GLN A 118 10.23 -11.60 4.02
CA GLN A 118 9.50 -12.60 4.78
C GLN A 118 8.61 -11.88 5.77
N VAL A 119 7.61 -12.60 6.30
CA VAL A 119 6.51 -11.95 7.01
C VAL A 119 7.01 -11.25 8.27
N ALA A 120 7.70 -11.98 9.15
CA ALA A 120 8.03 -11.46 10.47
C ALA A 120 8.92 -10.22 10.39
N MET A 121 10.04 -10.33 9.67
CA MET A 121 10.92 -9.19 9.46
C MET A 121 10.14 -7.98 8.97
N TRP A 122 9.21 -8.20 8.05
CA TRP A 122 8.53 -7.08 7.43
C TRP A 122 7.36 -6.57 8.26
N ARG A 123 6.79 -7.41 9.12
CA ARG A 123 5.92 -6.89 10.17
C ARG A 123 6.68 -5.90 11.04
N TYR A 124 7.90 -6.25 11.44
CA TYR A 124 8.73 -5.33 12.22
C TYR A 124 9.03 -4.05 11.44
N LEU A 125 9.43 -4.19 10.18
CA LEU A 125 9.77 -3.02 9.37
C LEU A 125 8.56 -2.10 9.20
N TYR A 126 7.40 -2.68 8.90
CA TYR A 126 6.15 -1.92 8.87
C TYR A 126 5.92 -1.20 10.18
N SER A 127 6.17 -1.88 11.30
CA SER A 127 5.98 -1.27 12.61
C SER A 127 6.93 -0.10 12.83
N MET A 128 8.11 -0.13 12.23
CA MET A 128 9.05 0.97 12.36
C MET A 128 8.75 2.14 11.42
N GLY A 129 7.67 2.06 10.65
CA GLY A 129 7.37 3.09 9.67
C GLY A 129 8.05 2.92 8.34
N GLU A 130 8.70 1.79 8.10
CA GLU A 130 9.35 1.48 6.83
C GLU A 130 8.45 0.55 6.03
N HIS A 131 8.25 0.86 4.75
CA HIS A 131 7.40 0.06 3.87
C HIS A 131 8.18 -0.37 2.64
N PRO A 132 8.98 -1.42 2.75
CA PRO A 132 9.63 -1.99 1.56
C PRO A 132 8.64 -2.84 0.77
N SER A 133 9.13 -3.39 -0.34
CA SER A 133 8.23 -3.79 -1.42
C SER A 133 7.50 -5.09 -1.10
N THR A 134 8.25 -6.18 -0.90
CA THR A 134 7.83 -7.60 -0.79
C THR A 134 7.86 -8.26 -2.16
N SER A 135 8.29 -7.57 -3.21
CA SER A 135 8.37 -8.14 -4.54
C SER A 135 9.80 -8.26 -5.05
N ASP A 136 10.78 -7.74 -4.32
CA ASP A 136 12.16 -7.74 -4.77
C ASP A 136 13.08 -7.58 -3.56
N GLN A 137 14.36 -7.80 -3.80
CA GLN A 137 15.39 -7.62 -2.78
C GLN A 137 16.02 -6.24 -2.83
N ASP A 138 15.33 -5.24 -3.38
CA ASP A 138 15.83 -3.88 -3.38
C ASP A 138 15.27 -3.18 -2.14
N ASN A 139 16.00 -3.28 -1.04
CA ASN A 139 15.60 -2.66 0.21
C ASN A 139 16.84 -2.37 1.04
N SER A 140 16.64 -1.63 2.13
CA SER A 140 17.73 -1.31 3.05
C SER A 140 17.13 -0.76 4.34
N PHE A 141 17.97 -0.71 5.37
CA PHE A 141 17.57 -0.17 6.67
C PHE A 141 18.83 0.17 7.44
N LYS A 142 18.71 1.12 8.37
CA LYS A 142 19.88 1.57 9.12
C LYS A 142 19.42 2.20 10.43
N THR A 143 19.92 1.68 11.56
CA THR A 143 19.46 2.09 12.87
C THR A 143 20.63 2.29 13.82
N ASP A 144 20.51 3.33 14.65
CA ASP A 144 21.36 3.55 15.82
C ASP A 144 20.52 3.34 17.07
N ASP A 145 20.96 2.43 17.93
CA ASP A 145 20.25 2.09 19.16
C ASP A 145 21.12 2.43 20.37
N PHE A 146 20.48 2.92 21.42
CA PHE A 146 21.11 3.15 22.72
C PHE A 146 20.28 2.48 23.79
N THR A 147 20.93 1.80 24.72
CA THR A 147 20.25 0.98 25.70
C THR A 147 20.88 1.16 27.08
N PHE A 148 20.04 1.03 28.11
CA PHE A 148 20.46 0.87 29.49
C PHE A 148 20.35 -0.62 29.83
N ASN A 149 21.46 -1.22 30.23
CA ASN A 149 21.54 -2.63 30.57
C ASN A 149 21.68 -2.77 32.08
N TYR A 150 21.03 -3.78 32.63
CA TYR A 150 21.12 -4.03 34.07
C TYR A 150 21.09 -5.52 34.32
N GLY A 151 21.42 -5.91 35.55
CA GLY A 151 21.44 -7.32 35.88
C GLY A 151 21.69 -7.55 37.36
N TRP A 152 21.34 -8.76 37.79
CA TRP A 152 21.57 -9.23 39.15
C TRP A 152 21.95 -10.71 39.09
N THR A 153 23.05 -11.06 39.75
CA THR A 153 23.55 -12.43 39.74
C THR A 153 23.71 -12.92 41.18
N TYR A 154 23.19 -14.11 41.45
CA TYR A 154 23.24 -14.78 42.74
C TYR A 154 23.92 -16.12 42.55
N ASN A 155 24.96 -16.40 43.34
CA ASN A 155 25.86 -17.51 43.04
C ASN A 155 26.25 -18.26 44.31
N LYS A 156 25.24 -18.73 45.06
CA LYS A 156 25.50 -19.46 46.28
C LYS A 156 25.39 -20.97 46.02
N LEU A 157 26.36 -21.48 45.25
CA LEU A 157 26.61 -22.91 45.18
C LEU A 157 27.99 -23.17 45.77
N ASP A 158 28.08 -24.23 46.56
CA ASP A 158 29.16 -24.32 47.54
C ASP A 158 30.54 -24.35 46.89
N ARG A 159 30.66 -24.88 45.67
CA ARG A 159 31.93 -24.94 44.96
C ARG A 159 31.69 -24.72 43.48
N GLY A 160 32.65 -24.09 42.82
CA GLY A 160 32.41 -23.49 41.53
C GLY A 160 32.91 -24.26 40.33
N TYR A 161 33.79 -25.22 40.62
CA TYR A 161 34.52 -26.01 39.63
C TYR A 161 33.59 -27.02 38.98
N PHE A 162 32.72 -27.63 39.77
CA PHE A 162 31.79 -28.73 39.51
C PHE A 162 30.74 -28.70 40.62
N PRO A 163 29.62 -28.00 40.41
CA PRO A 163 28.72 -27.72 41.53
C PRO A 163 28.11 -28.99 42.13
N THR A 164 27.75 -28.89 43.41
CA THR A 164 27.17 -30.03 44.13
C THR A 164 25.93 -29.69 44.94
N ASP A 165 25.70 -28.43 45.29
CA ASP A 165 24.54 -28.03 46.07
C ASP A 165 24.38 -26.52 45.92
N GLY A 166 23.13 -26.06 45.90
CA GLY A 166 22.87 -24.64 45.82
C GLY A 166 22.48 -24.21 44.43
N SER A 167 22.37 -22.90 44.24
CA SER A 167 21.81 -22.38 43.00
C SER A 167 22.68 -21.26 42.44
N ARG A 168 22.62 -21.12 41.11
CA ARG A 168 23.10 -19.95 40.40
C ARG A 168 21.95 -19.34 39.60
N VAL A 169 21.64 -18.09 39.89
CA VAL A 169 20.57 -17.35 39.24
C VAL A 169 21.17 -16.12 38.59
N ASN A 170 20.76 -15.82 37.36
CA ASN A 170 21.25 -14.65 36.64
C ASN A 170 20.09 -14.00 35.91
N LEU A 171 19.83 -12.74 36.22
CA LEU A 171 18.81 -11.95 35.55
C LEU A 171 19.50 -10.79 34.85
N THR A 172 19.28 -10.66 33.54
CA THR A 172 19.88 -9.60 32.75
C THR A 172 18.82 -8.96 31.87
N GLY A 173 18.88 -7.65 31.73
CA GLY A 173 17.82 -6.93 31.05
C GLY A 173 18.30 -5.68 30.35
N LYS A 174 17.48 -5.23 29.40
CA LYS A 174 17.75 -4.07 28.57
C LYS A 174 16.50 -3.23 28.42
N VAL A 175 16.68 -1.91 28.41
CA VAL A 175 15.62 -0.97 28.04
C VAL A 175 16.23 0.13 27.18
N THR A 176 15.61 0.41 26.03
CA THR A 176 16.12 1.50 25.20
C THR A 176 15.98 2.84 25.92
N ILE A 177 17.03 3.65 25.87
CA ILE A 177 16.99 4.99 26.43
C ILE A 177 16.52 5.95 25.33
N PRO A 178 15.80 7.02 25.67
CA PRO A 178 15.27 7.91 24.63
C PRO A 178 16.36 8.49 23.75
N GLY A 179 16.08 8.51 22.45
CA GLY A 179 17.05 8.91 21.43
C GLY A 179 17.41 7.81 20.47
N SER A 180 17.13 6.55 20.81
CA SER A 180 17.45 5.43 19.95
C SER A 180 16.39 5.26 18.87
N ASP A 181 16.81 4.70 17.73
CA ASP A 181 15.87 4.43 16.66
C ASP A 181 14.88 3.34 17.06
N ASN A 182 15.38 2.17 17.46
CA ASN A 182 14.53 1.15 18.01
C ASN A 182 14.17 1.48 19.46
N GLU A 183 13.01 1.00 19.89
CA GLU A 183 12.54 1.21 21.26
C GLU A 183 11.99 -0.13 21.76
N TYR A 184 12.73 -0.78 22.66
CA TYR A 184 12.36 -2.10 23.11
C TYR A 184 12.83 -2.35 24.54
N TYR A 185 12.28 -3.41 25.13
CA TYR A 185 12.72 -3.92 26.42
C TYR A 185 12.90 -5.43 26.32
N LYS A 186 13.78 -5.96 27.18
CA LYS A 186 14.16 -7.37 27.10
C LYS A 186 14.63 -7.83 28.48
N VAL A 187 14.26 -9.07 28.84
CA VAL A 187 14.72 -9.70 30.07
C VAL A 187 15.06 -11.17 29.76
N THR A 188 16.15 -11.65 30.36
CA THR A 188 16.62 -13.02 30.23
C THR A 188 17.04 -13.51 31.61
N LEU A 189 16.51 -14.67 32.01
CA LEU A 189 16.74 -15.20 33.35
C LEU A 189 17.18 -16.65 33.25
N ASP A 190 18.41 -16.93 33.68
CA ASP A 190 18.93 -18.28 33.79
C ASP A 190 18.86 -18.71 35.25
N THR A 191 18.40 -19.93 35.48
CA THR A 191 18.32 -20.49 36.83
C THR A 191 18.85 -21.91 36.81
N ALA A 192 19.74 -22.22 37.76
CA ALA A 192 20.27 -23.56 37.91
C ALA A 192 20.28 -23.93 39.38
N THR A 193 19.78 -25.12 39.71
CA THR A 193 19.64 -25.58 41.09
C THR A 193 20.18 -27.00 41.20
N TYR A 194 21.24 -27.16 41.98
CA TYR A 194 21.83 -28.45 42.29
C TYR A 194 21.36 -28.91 43.66
N VAL A 195 20.83 -30.12 43.73
CA VAL A 195 20.41 -30.75 44.96
C VAL A 195 21.21 -32.05 45.12
N PRO A 196 22.04 -32.17 46.16
CA PRO A 196 22.80 -33.41 46.34
C PRO A 196 21.92 -34.53 46.88
N ILE A 197 22.22 -35.75 46.46
CA ILE A 197 21.35 -36.87 46.71
C ILE A 197 21.99 -37.93 47.61
N ASP A 198 23.30 -38.00 47.71
CA ASP A 198 23.95 -38.81 48.73
C ASP A 198 24.87 -37.94 49.57
N ASP A 199 25.26 -38.48 50.74
CA ASP A 199 26.05 -37.70 51.68
C ASP A 199 27.42 -37.33 51.12
N ASP A 200 27.92 -38.10 50.16
CA ASP A 200 29.21 -37.83 49.53
C ASP A 200 29.07 -36.93 48.31
N HIS A 201 27.85 -36.63 47.87
CA HIS A 201 27.60 -35.69 46.77
C HIS A 201 28.15 -36.21 45.44
N LYS A 202 28.11 -37.53 45.25
CA LYS A 202 28.48 -38.12 43.97
C LYS A 202 27.28 -38.30 43.05
N TRP A 203 26.08 -38.41 43.59
CA TRP A 203 24.84 -38.36 42.82
C TRP A 203 24.13 -37.05 43.12
N VAL A 204 23.79 -36.30 42.08
CA VAL A 204 23.16 -34.99 42.22
C VAL A 204 21.97 -34.92 41.26
N VAL A 205 21.04 -34.02 41.58
CA VAL A 205 19.94 -33.70 40.66
C VAL A 205 20.03 -32.21 40.33
N LEU A 206 20.10 -31.89 39.04
CA LEU A 206 20.16 -30.52 38.57
C LEU A 206 18.86 -30.17 37.87
N GLY A 207 18.17 -29.15 38.37
CA GLY A 207 17.11 -28.50 37.63
C GLY A 207 17.67 -27.24 37.01
N ARG A 208 17.16 -26.90 35.82
CA ARG A 208 17.70 -25.75 35.11
C ARG A 208 16.60 -25.16 34.23
N THR A 209 16.64 -23.84 34.04
CA THR A 209 15.66 -23.20 33.19
C THR A 209 16.23 -21.90 32.63
N ARG A 210 15.78 -21.57 31.43
CA ARG A 210 16.03 -20.28 30.79
C ARG A 210 14.69 -19.66 30.45
N TRP A 211 14.54 -18.38 30.77
CA TRP A 211 13.35 -17.61 30.42
C TRP A 211 13.78 -16.36 29.67
N GLY A 212 13.00 -15.97 28.67
CA GLY A 212 13.31 -14.77 27.93
C GLY A 212 12.07 -14.11 27.37
N TYR A 213 11.89 -12.83 27.66
CA TYR A 213 10.75 -12.10 27.11
C TYR A 213 11.22 -10.71 26.72
N GLY A 214 10.50 -10.13 25.76
CA GLY A 214 10.89 -8.82 25.26
C GLY A 214 9.87 -8.35 24.24
N ASP A 215 9.85 -7.04 24.05
CA ASP A 215 8.84 -6.46 23.17
C ASP A 215 9.24 -5.02 22.84
N GLY A 216 8.54 -4.47 21.84
CA GLY A 216 8.69 -3.07 21.52
C GLY A 216 7.75 -2.20 22.33
N LEU A 217 8.06 -0.90 22.34
CA LEU A 217 7.34 0.07 23.16
C LEU A 217 6.47 0.96 22.27
N GLY A 218 5.23 1.18 22.71
CA GLY A 218 4.35 2.13 22.07
C GLY A 218 3.87 1.78 20.69
N GLY A 219 3.94 0.51 20.28
CA GLY A 219 3.52 0.11 18.96
C GLY A 219 4.63 -0.34 18.05
N LYS A 220 5.89 -0.13 18.43
CA LYS A 220 6.99 -0.69 17.68
C LYS A 220 7.17 -2.17 18.01
N GLU A 221 7.76 -2.90 17.08
CA GLU A 221 8.08 -4.31 17.32
C GLU A 221 9.48 -4.43 17.90
N MET A 222 9.74 -5.55 18.55
CA MET A 222 11.09 -5.82 19.04
C MET A 222 12.02 -6.03 17.85
N PRO A 223 13.20 -5.42 17.84
CA PRO A 223 14.11 -5.59 16.70
C PRO A 223 14.43 -7.06 16.46
N PHE A 224 14.41 -7.46 15.19
CA PHE A 224 14.61 -8.85 14.83
C PHE A 224 15.99 -9.36 15.23
N TYR A 225 16.98 -8.46 15.32
CA TYR A 225 18.33 -8.91 15.67
C TYR A 225 18.49 -9.14 17.17
N GLU A 226 17.43 -8.97 17.95
CA GLU A 226 17.44 -9.27 19.38
C GLU A 226 16.59 -10.48 19.71
N ASN A 227 16.19 -11.27 18.71
CA ASN A 227 15.29 -12.39 18.95
C ASN A 227 15.99 -13.49 19.76
N PHE A 228 15.16 -14.37 20.34
CA PHE A 228 15.65 -15.53 21.05
C PHE A 228 15.68 -16.74 20.13
N TYR A 229 16.76 -17.51 20.19
CA TYR A 229 16.91 -18.77 19.48
C TYR A 229 17.21 -19.88 20.47
N ALA A 230 16.63 -21.06 20.24
CA ALA A 230 16.86 -22.21 21.11
C ALA A 230 17.31 -23.41 20.31
N GLY A 231 17.93 -24.35 21.00
CA GLY A 231 18.45 -25.55 20.39
C GLY A 231 19.97 -25.58 20.48
N GLY A 232 20.51 -26.77 20.72
CA GLY A 232 21.94 -26.97 20.79
C GLY A 232 22.40 -27.40 22.17
N SER A 233 23.71 -27.39 22.35
CA SER A 233 24.30 -27.87 23.60
C SER A 233 23.93 -26.96 24.77
N SER A 234 23.81 -25.66 24.52
CA SER A 234 23.59 -24.70 25.61
C SER A 234 22.15 -24.72 26.11
N THR A 235 21.20 -25.19 25.32
CA THR A 235 19.79 -25.05 25.66
C THR A 235 19.07 -26.39 25.62
N VAL A 236 18.61 -26.80 24.45
CA VAL A 236 17.88 -28.05 24.27
C VAL A 236 18.67 -28.87 23.25
N ARG A 237 19.44 -29.84 23.73
CA ARG A 237 20.29 -30.62 22.85
C ARG A 237 19.51 -31.77 22.23
N GLY A 238 20.02 -32.25 21.09
CA GLY A 238 19.26 -33.10 20.19
C GLY A 238 18.73 -32.35 18.99
N PHE A 239 18.78 -31.02 19.02
CA PHE A 239 18.39 -30.17 17.91
C PHE A 239 19.63 -29.43 17.39
N GLN A 240 19.58 -29.01 16.14
CA GLN A 240 20.64 -28.17 15.62
C GLN A 240 20.63 -26.82 16.32
N SER A 241 21.81 -26.22 16.45
CA SER A 241 21.97 -25.00 17.24
C SER A 241 21.09 -23.89 16.69
N ASN A 242 20.26 -23.34 17.58
CA ASN A 242 19.44 -22.14 17.32
C ASN A 242 18.38 -22.35 16.26
N THR A 243 17.93 -23.59 16.04
CA THR A 243 16.93 -23.87 15.01
C THR A 243 15.52 -24.04 15.56
N ILE A 244 15.33 -24.07 16.87
CA ILE A 244 14.01 -24.26 17.45
C ILE A 244 13.23 -22.95 17.34
N GLY A 245 11.94 -23.06 17.05
CA GLY A 245 11.05 -21.92 17.12
C GLY A 245 10.42 -21.55 15.80
N PRO A 246 9.99 -20.29 15.68
CA PRO A 246 9.35 -19.84 14.44
C PRO A 246 10.27 -19.99 13.24
N LYS A 247 9.68 -20.32 12.10
CA LYS A 247 10.39 -20.41 10.84
C LYS A 247 9.93 -19.31 9.91
N ALA A 248 10.80 -18.92 8.99
CA ALA A 248 10.48 -17.87 8.04
C ALA A 248 9.49 -18.39 6.99
N VAL A 249 8.47 -17.58 6.71
CA VAL A 249 7.63 -17.76 5.54
C VAL A 249 7.87 -16.58 4.62
N TYR A 250 8.22 -16.87 3.37
CA TYR A 250 8.71 -15.85 2.44
C TYR A 250 7.60 -15.36 1.52
N PHE A 251 7.69 -14.10 1.13
CA PHE A 251 6.85 -13.61 0.05
C PHE A 251 7.48 -13.98 -1.29
N PRO A 252 6.66 -14.26 -2.31
CA PRO A 252 7.21 -14.47 -3.65
C PRO A 252 7.87 -13.20 -4.15
N HIS A 253 9.13 -13.33 -4.58
CA HIS A 253 9.91 -12.16 -4.93
C HIS A 253 10.98 -12.53 -5.95
N GLN A 254 11.55 -11.51 -6.57
CA GLN A 254 12.67 -11.67 -7.49
C GLN A 254 13.97 -11.62 -6.70
N ALA A 255 14.68 -12.75 -6.65
CA ALA A 255 15.98 -12.79 -5.98
C ALA A 255 17.00 -11.99 -6.77
N SER A 256 17.87 -11.29 -6.03
CA SER A 256 18.82 -10.35 -6.60
C SER A 256 20.05 -11.01 -7.21
N ASN A 257 20.56 -12.10 -6.62
CA ASN A 257 21.71 -12.84 -7.16
C ASN A 257 21.25 -14.25 -7.52
N TYR A 258 20.62 -14.40 -8.68
CA TYR A 258 19.97 -15.64 -9.05
C TYR A 258 20.86 -16.49 -9.94
N ASP A 259 20.70 -17.82 -9.81
CA ASP A 259 21.38 -18.82 -10.62
C ASP A 259 20.51 -20.07 -10.64
N PRO A 260 19.92 -20.43 -11.79
CA PRO A 260 18.98 -21.56 -11.82
C PRO A 260 19.59 -22.89 -11.44
N ASP A 261 20.92 -22.99 -11.44
CA ASP A 261 21.59 -24.21 -11.01
C ASP A 261 21.58 -24.40 -9.50
N TYR A 262 21.08 -23.42 -8.76
CA TYR A 262 21.07 -23.46 -7.30
C TYR A 262 19.64 -23.38 -6.78
N ASP A 263 19.50 -23.44 -5.46
CA ASP A 263 18.21 -23.62 -4.81
C ASP A 263 17.74 -22.33 -4.15
N TYR A 264 16.44 -22.05 -4.27
CA TYR A 264 15.87 -20.81 -3.76
C TYR A 264 14.51 -21.08 -3.11
N GLU A 265 14.06 -20.10 -2.32
CA GLU A 265 12.81 -20.18 -1.59
C GLU A 265 11.87 -19.06 -2.07
N CYS A 266 10.72 -19.46 -2.59
CA CYS A 266 9.70 -18.54 -3.10
C CYS A 266 10.30 -17.47 -4.01
N ALA A 267 11.21 -17.90 -4.87
CA ALA A 267 11.76 -17.02 -5.90
C ALA A 267 10.78 -16.92 -7.05
N THR A 268 10.57 -15.70 -7.54
CA THR A 268 9.56 -15.52 -8.59
C THR A 268 10.02 -16.07 -9.93
N GLN A 269 11.33 -16.19 -10.15
CA GLN A 269 11.85 -16.85 -11.34
C GLN A 269 12.00 -18.36 -11.14
N ASP A 270 11.33 -18.92 -10.14
CA ASP A 270 11.08 -20.35 -10.05
C ASP A 270 9.59 -20.66 -10.11
N GLY A 271 8.75 -19.65 -10.32
CA GLY A 271 7.33 -19.86 -10.48
C GLY A 271 6.51 -19.64 -9.24
N ALA A 272 6.97 -18.84 -8.28
CA ALA A 272 6.30 -18.68 -7.01
C ALA A 272 5.24 -17.59 -7.08
N LYS A 273 4.04 -17.90 -6.62
CA LYS A 273 2.94 -16.93 -6.58
C LYS A 273 2.44 -16.68 -5.18
N ASP A 274 2.27 -17.73 -4.40
CA ASP A 274 1.87 -17.64 -3.00
C ASP A 274 3.11 -17.55 -2.12
N LEU A 275 2.89 -17.19 -0.87
CA LEU A 275 3.93 -17.30 0.13
C LEU A 275 4.08 -18.77 0.54
N CYS A 276 5.32 -19.16 0.89
CA CYS A 276 5.63 -20.55 1.17
C CYS A 276 6.42 -20.72 2.46
N LYS A 277 6.08 -21.77 3.20
CA LYS A 277 6.74 -22.11 4.45
C LYS A 277 8.11 -22.73 4.19
N SER A 278 9.02 -22.55 5.14
CA SER A 278 10.40 -22.98 4.97
C SER A 278 10.93 -23.60 6.25
N ASP A 279 12.17 -24.09 6.19
CA ASP A 279 12.92 -24.58 7.34
C ASP A 279 13.68 -23.47 8.06
N ASP A 280 13.75 -22.28 7.47
CA ASP A 280 14.64 -21.23 7.94
C ASP A 280 14.18 -20.68 9.28
N ALA A 281 14.96 -20.93 10.33
CA ALA A 281 14.65 -20.43 11.66
C ALA A 281 14.97 -18.94 11.74
N VAL A 282 14.13 -18.19 12.45
CA VAL A 282 14.25 -16.75 12.54
C VAL A 282 14.11 -16.28 13.99
N GLY A 283 13.88 -17.22 14.91
CA GLY A 283 13.76 -16.89 16.31
C GLY A 283 12.47 -16.15 16.62
N GLY A 284 12.29 -15.84 17.89
CA GLY A 284 11.10 -15.15 18.35
C GLY A 284 11.37 -14.12 19.43
N ASN A 285 10.33 -13.50 19.98
CA ASN A 285 10.51 -12.55 21.05
C ASN A 285 10.30 -13.16 22.44
N ALA A 286 9.86 -14.41 22.51
CA ALA A 286 9.67 -15.07 23.80
C ALA A 286 10.24 -16.49 23.75
N MET A 287 10.73 -16.95 24.89
CA MET A 287 11.40 -18.24 24.97
C MET A 287 11.30 -18.79 26.39
N ALA A 288 11.09 -20.10 26.48
CA ALA A 288 11.13 -20.79 27.78
C ALA A 288 11.70 -22.17 27.57
N VAL A 289 12.79 -22.49 28.28
CA VAL A 289 13.37 -23.83 28.24
C VAL A 289 13.64 -24.29 29.67
N ALA A 290 13.68 -25.61 29.84
CA ALA A 290 13.96 -26.24 31.11
C ALA A 290 14.73 -27.53 30.87
N SER A 291 15.33 -28.06 31.94
CA SER A 291 16.16 -29.24 31.82
C SER A 291 16.27 -29.90 33.19
N LEU A 292 16.10 -31.22 33.22
CA LEU A 292 16.34 -32.01 34.42
C LEU A 292 17.45 -33.00 34.10
N GLU A 293 18.56 -32.89 34.84
CA GLU A 293 19.72 -33.77 34.67
C GLU A 293 19.94 -34.53 35.96
N PHE A 294 19.94 -35.85 35.87
CA PHE A 294 20.37 -36.70 36.98
C PHE A 294 21.87 -36.93 36.79
N ILE A 295 22.67 -36.26 37.63
CA ILE A 295 24.11 -36.44 37.66
C ILE A 295 24.43 -37.70 38.44
N THR A 296 25.16 -38.62 37.81
CA THR A 296 25.48 -39.91 38.41
C THR A 296 26.98 -40.12 38.39
N PRO A 297 27.50 -41.01 39.24
CA PRO A 297 28.87 -41.48 39.06
C PRO A 297 29.07 -42.12 37.70
N THR A 298 30.30 -42.04 37.22
CA THR A 298 30.62 -42.58 35.90
C THR A 298 30.48 -44.10 35.89
N PRO A 299 29.79 -44.66 34.91
CA PRO A 299 29.56 -46.11 34.90
C PRO A 299 30.78 -46.97 34.62
N PHE A 300 32.00 -46.47 34.34
CA PHE A 300 33.14 -47.31 34.75
C PHE A 300 34.38 -46.51 34.42
N ILE A 301 34.62 -45.52 35.29
CA ILE A 301 35.88 -44.79 35.46
C ILE A 301 36.24 -44.77 36.95
N SER A 302 37.54 -44.70 37.23
CA SER A 302 38.04 -44.72 38.60
C SER A 302 37.93 -43.35 39.25
N ASP A 303 37.93 -43.34 40.57
CA ASP A 303 37.43 -42.18 41.28
C ASP A 303 38.47 -41.11 41.51
N LYS A 304 39.76 -41.43 41.38
CA LYS A 304 40.80 -40.49 41.73
C LYS A 304 41.26 -39.64 40.54
N TYR A 305 40.77 -39.92 39.32
CA TYR A 305 40.82 -38.99 38.19
C TYR A 305 39.44 -38.50 37.79
N ALA A 306 38.37 -38.95 38.45
CA ALA A 306 37.00 -38.57 38.12
C ALA A 306 36.67 -37.14 38.52
N ASN A 307 37.53 -36.48 39.30
CA ASN A 307 37.32 -35.08 39.61
C ASN A 307 37.40 -34.18 38.39
N SER A 308 37.68 -34.73 37.20
CA SER A 308 37.68 -33.96 35.98
C SER A 308 36.55 -34.37 35.03
N VAL A 309 35.65 -35.24 35.48
CA VAL A 309 34.64 -35.86 34.63
C VAL A 309 33.31 -35.88 35.37
N ARG A 310 32.21 -35.78 34.62
CA ARG A 310 30.86 -35.85 35.16
C ARG A 310 29.96 -36.52 34.14
N THR A 311 28.97 -37.29 34.62
CA THR A 311 28.06 -38.02 33.75
C THR A 311 26.61 -37.74 34.17
N SER A 312 25.72 -37.61 33.19
CA SER A 312 24.33 -37.29 33.51
C SER A 312 23.37 -37.92 32.51
N PHE A 313 22.17 -38.22 33.01
CA PHE A 313 21.02 -38.60 32.21
C PHE A 313 20.03 -37.45 32.24
N PHE A 314 19.70 -36.88 31.07
CA PHE A 314 18.97 -35.62 31.05
C PHE A 314 17.72 -35.69 30.18
N TRP A 315 16.75 -34.83 30.47
CA TRP A 315 15.77 -34.46 29.46
C TRP A 315 15.52 -32.95 29.49
N ASP A 316 15.54 -32.41 28.29
CA ASP A 316 15.42 -30.99 28.00
C ASP A 316 14.08 -30.69 27.33
N MET A 317 13.47 -29.59 27.73
CA MET A 317 12.24 -29.07 27.15
C MET A 317 12.48 -27.64 26.73
N GLY A 318 11.79 -27.20 25.67
CA GLY A 318 12.02 -25.85 25.20
C GLY A 318 11.05 -25.37 24.14
N THR A 319 10.78 -24.06 24.14
CA THR A 319 9.89 -23.46 23.16
C THR A 319 10.28 -22.01 22.93
N VAL A 320 10.08 -21.55 21.70
CA VAL A 320 10.31 -20.18 21.29
C VAL A 320 9.11 -19.73 20.47
N TRP A 321 8.61 -18.53 20.74
CA TRP A 321 7.45 -18.05 20.00
C TRP A 321 7.50 -16.54 19.80
N ASP A 322 6.66 -16.09 18.85
CA ASP A 322 6.55 -14.71 18.42
C ASP A 322 5.18 -14.19 18.85
N THR A 323 5.17 -13.30 19.84
CA THR A 323 3.91 -12.83 20.42
C THR A 323 3.03 -12.11 19.41
N ASN A 324 3.64 -11.36 18.48
CA ASN A 324 2.88 -10.52 17.57
C ASN A 324 2.62 -11.18 16.23
N TRP A 325 2.68 -12.51 16.16
CA TRP A 325 2.31 -13.23 14.95
C TRP A 325 0.79 -13.28 14.82
N ASP A 326 0.29 -12.93 13.65
CA ASP A 326 -1.16 -12.86 13.41
C ASP A 326 -1.67 -14.25 13.06
N SER A 327 -2.26 -14.92 14.03
CA SER A 327 -2.84 -16.25 13.81
C SER A 327 -4.05 -16.23 12.89
N SER A 328 -4.60 -15.05 12.60
CA SER A 328 -5.79 -14.94 11.76
C SER A 328 -5.47 -14.63 10.31
N GLN A 329 -4.49 -13.74 10.05
CA GLN A 329 -4.16 -13.35 8.69
C GLN A 329 -3.57 -14.50 7.89
N TYR A 330 -2.98 -15.49 8.56
CA TYR A 330 -2.35 -16.63 7.90
C TYR A 330 -3.02 -17.89 8.46
N SER A 331 -4.23 -18.17 7.97
CA SER A 331 -5.07 -19.18 8.60
C SER A 331 -4.49 -20.58 8.43
N GLY A 332 -4.12 -20.95 7.21
CA GLY A 332 -3.59 -22.27 6.96
C GLY A 332 -2.15 -22.49 7.36
N TYR A 333 -1.49 -21.47 7.89
CA TYR A 333 -0.08 -21.48 8.27
C TYR A 333 0.08 -21.60 9.78
N PRO A 334 1.10 -22.30 10.26
CA PRO A 334 1.17 -22.65 11.68
C PRO A 334 1.23 -21.42 12.57
N ASP A 335 0.65 -21.57 13.77
CA ASP A 335 0.55 -20.47 14.73
C ASP A 335 1.86 -20.36 15.49
N TYR A 336 2.71 -19.42 15.08
CA TYR A 336 3.97 -19.19 15.76
C TYR A 336 3.81 -18.33 17.02
N SER A 337 2.59 -17.98 17.40
CA SER A 337 2.34 -17.27 18.64
C SER A 337 1.96 -18.21 19.79
N ASP A 338 1.72 -19.47 19.49
CA ASP A 338 1.35 -20.44 20.51
C ASP A 338 2.57 -20.82 21.34
N PRO A 339 2.51 -20.71 22.67
CA PRO A 339 3.64 -21.16 23.49
C PRO A 339 3.72 -22.67 23.64
N SER A 340 2.64 -23.40 23.42
CA SER A 340 2.55 -24.81 23.81
C SER A 340 3.23 -25.76 22.82
N ASN A 341 3.92 -25.25 21.80
CA ASN A 341 4.67 -26.10 20.89
C ASN A 341 6.02 -26.46 21.51
N ILE A 342 5.95 -27.19 22.62
CA ILE A 342 7.12 -27.46 23.45
C ILE A 342 7.86 -28.68 22.88
N ARG A 343 9.08 -28.45 22.40
CA ARG A 343 9.97 -29.52 21.99
C ARG A 343 10.58 -30.21 23.21
N MET A 344 10.81 -31.51 23.08
CA MET A 344 11.35 -32.30 24.18
C MET A 344 12.32 -33.35 23.66
N SER A 345 13.48 -33.44 24.31
CA SER A 345 14.50 -34.44 23.99
C SER A 345 15.02 -35.04 25.29
N ALA A 346 15.63 -36.22 25.17
CA ALA A 346 16.24 -36.91 26.30
C ALA A 346 17.52 -37.58 25.82
N GLY A 347 18.49 -37.72 26.73
CA GLY A 347 19.71 -38.40 26.35
C GLY A 347 20.69 -38.52 27.49
N ILE A 348 21.94 -38.82 27.13
CA ILE A 348 23.04 -38.97 28.06
C ILE A 348 24.12 -37.97 27.72
N ALA A 349 24.84 -37.50 28.73
CA ALA A 349 25.84 -36.45 28.56
C ALA A 349 27.04 -36.72 29.45
N LEU A 350 28.21 -36.26 28.98
CA LEU A 350 29.47 -36.44 29.67
C LEU A 350 30.18 -35.09 29.74
N GLN A 351 30.04 -34.40 30.87
CA GLN A 351 30.72 -33.13 31.08
C GLN A 351 32.17 -33.44 31.47
N TRP A 352 33.03 -33.46 30.46
CA TRP A 352 34.47 -33.65 30.65
C TRP A 352 35.09 -32.30 30.97
N MET A 353 36.43 -32.25 31.05
CA MET A 353 37.13 -30.99 31.25
C MET A 353 38.50 -31.08 30.60
N SER A 354 38.69 -30.34 29.52
CA SER A 354 40.00 -30.14 28.96
C SER A 354 40.86 -29.36 29.96
N PRO A 355 42.19 -29.39 29.81
CA PRO A 355 43.04 -28.60 30.72
C PRO A 355 42.76 -27.11 30.69
N LEU A 356 41.99 -26.61 29.72
CA LEU A 356 41.70 -25.19 29.60
C LEU A 356 40.21 -24.87 29.70
N GLY A 357 39.36 -25.85 30.00
CA GLY A 357 37.95 -25.59 30.14
C GLY A 357 37.09 -26.84 30.13
N PRO A 358 35.87 -26.72 30.66
CA PRO A 358 34.96 -27.88 30.66
C PRO A 358 34.36 -28.12 29.29
N LEU A 359 34.26 -29.39 28.92
CA LEU A 359 33.73 -29.82 27.63
C LEU A 359 32.54 -30.74 27.86
N VAL A 360 31.45 -30.46 27.16
CA VAL A 360 30.26 -31.30 27.19
C VAL A 360 30.19 -32.07 25.87
N PHE A 361 30.39 -33.38 25.96
CA PHE A 361 29.91 -34.33 24.96
C PHE A 361 28.48 -34.70 25.33
N SER A 362 27.68 -35.06 24.33
CA SER A 362 26.34 -35.54 24.66
C SER A 362 25.73 -36.24 23.45
N TYR A 363 24.88 -37.22 23.74
CA TYR A 363 23.98 -37.79 22.75
C TYR A 363 22.56 -37.59 23.24
N ALA A 364 21.69 -37.19 22.32
CA ALA A 364 20.27 -37.02 22.61
C ALA A 364 19.49 -37.33 21.35
N GLN A 365 18.20 -37.64 21.52
CA GLN A 365 17.30 -37.78 20.38
C GLN A 365 16.02 -37.03 20.69
N PRO A 366 15.61 -36.06 19.87
CA PRO A 366 14.39 -35.32 20.16
C PRO A 366 13.16 -36.16 19.84
N PHE A 367 12.29 -36.34 20.83
CA PHE A 367 11.10 -37.14 20.61
C PHE A 367 9.84 -36.30 20.46
N LYS A 368 9.77 -35.13 21.06
CA LYS A 368 8.71 -34.17 20.75
C LYS A 368 9.31 -33.10 19.86
N LYS A 369 8.95 -33.16 18.58
CA LYS A 369 9.56 -32.37 17.52
C LYS A 369 8.47 -31.89 16.59
N TYR A 370 8.73 -30.79 15.88
CA TYR A 370 7.77 -30.21 14.96
C TYR A 370 8.42 -30.00 13.60
N ASP A 371 7.57 -29.77 12.60
CA ASP A 371 8.06 -29.62 11.23
C ASP A 371 9.06 -28.46 11.14
N GLY A 372 10.08 -28.66 10.30
CA GLY A 372 11.13 -27.67 10.14
C GLY A 372 12.26 -27.75 11.14
N ASP A 373 12.05 -28.43 12.27
CA ASP A 373 13.12 -28.60 13.25
C ASP A 373 14.18 -29.53 12.69
N LYS A 374 15.45 -29.15 12.89
CA LYS A 374 16.59 -29.92 12.43
C LYS A 374 17.23 -30.64 13.61
N ALA A 375 17.40 -31.95 13.48
CA ALA A 375 17.95 -32.77 14.54
C ALA A 375 19.47 -32.78 14.50
N GLU A 376 20.08 -32.80 15.69
CA GLU A 376 21.53 -32.92 15.85
C GLU A 376 21.74 -33.82 17.08
N GLN A 377 21.72 -35.12 16.85
CA GLN A 377 21.68 -36.08 17.95
C GLN A 377 23.01 -36.20 18.67
N PHE A 378 24.10 -35.77 18.06
CA PHE A 378 25.45 -35.91 18.62
C PHE A 378 26.03 -34.50 18.80
N GLN A 379 26.29 -34.12 20.05
CA GLN A 379 26.60 -32.74 20.39
C GLN A 379 27.93 -32.65 21.12
N PHE A 380 28.65 -31.56 20.86
CA PHE A 380 29.87 -31.22 21.57
C PHE A 380 29.96 -29.70 21.69
N ASN A 381 30.38 -29.23 22.86
CA ASN A 381 30.72 -27.81 23.00
C ASN A 381 31.55 -27.59 24.25
N ILE A 382 32.16 -26.42 24.33
CA ILE A 382 32.96 -26.03 25.48
C ILE A 382 32.05 -25.57 26.61
N SER B 1 -2.61 15.56 63.06
CA SER B 1 -2.95 16.95 62.86
C SER B 1 -4.46 17.14 62.65
N PHE B 2 -4.86 18.29 62.11
CA PHE B 2 -6.18 18.83 62.38
C PHE B 2 -6.55 19.90 61.35
N ASN B 3 -7.72 19.73 60.73
CA ASN B 3 -8.38 20.84 60.04
C ASN B 3 -9.78 20.41 59.64
N PHE B 4 -10.60 21.38 59.25
CA PHE B 4 -11.96 21.15 58.81
C PHE B 4 -12.53 22.42 58.20
N GLY B 5 -13.41 22.26 57.23
CA GLY B 5 -14.17 23.37 56.66
C GLY B 5 -15.36 22.87 55.84
N ILE B 6 -16.39 23.73 55.74
CA ILE B 6 -17.53 23.58 54.83
C ILE B 6 -17.82 24.97 54.26
N GLY B 7 -18.94 25.17 53.57
CA GLY B 7 -19.13 26.48 52.97
C GLY B 7 -20.54 26.77 52.51
N TYR B 8 -20.65 27.81 51.69
CA TYR B 8 -21.95 28.15 51.15
C TYR B 8 -21.87 28.71 49.72
N GLY B 9 -21.01 29.71 49.48
CA GLY B 9 -20.80 30.17 48.13
C GLY B 9 -19.54 31.00 47.94
N THR B 10 -18.42 30.33 48.21
CA THR B 10 -17.19 30.53 47.50
C THR B 10 -17.70 30.34 46.08
N GLU B 11 -17.19 31.11 45.20
CA GLU B 11 -16.85 30.69 43.83
C GLU B 11 -16.84 29.17 43.65
N SER B 12 -16.18 28.45 44.55
CA SER B 12 -16.21 26.98 44.60
C SER B 12 -17.49 26.52 45.31
N GLY B 13 -17.59 25.21 45.55
CA GLY B 13 -18.84 24.64 46.01
C GLY B 13 -19.01 24.44 47.51
N VAL B 14 -19.51 23.25 47.90
CA VAL B 14 -19.83 22.97 49.30
C VAL B 14 -18.59 23.16 50.18
N SER B 15 -17.43 22.74 49.68
CA SER B 15 -16.13 23.02 50.31
C SER B 15 -15.95 22.29 51.64
N PHE B 16 -16.41 21.04 51.72
CA PHE B 16 -15.90 20.16 52.76
C PHE B 16 -14.39 20.03 52.58
N GLN B 17 -13.63 20.28 53.65
CA GLN B 17 -12.18 20.22 53.53
C GLN B 17 -11.60 19.71 54.83
N ALA B 18 -10.51 18.93 54.72
CA ALA B 18 -9.89 18.31 55.87
C ALA B 18 -8.44 17.98 55.56
N GLY B 19 -7.56 18.33 56.51
CA GLY B 19 -6.17 17.86 56.51
C GLY B 19 -5.85 17.32 57.88
N VAL B 20 -5.40 16.06 57.95
CA VAL B 20 -5.32 15.33 59.21
C VAL B 20 -4.07 14.47 59.21
N GLN B 21 -3.46 14.32 60.40
CA GLN B 21 -2.29 13.46 60.58
C GLN B 21 -2.42 12.71 61.89
N GLN B 22 -2.30 11.38 61.85
CA GLN B 22 -2.19 10.54 63.03
C GLN B 22 -0.79 9.96 63.08
N ASP B 23 -0.06 10.26 64.15
CA ASP B 23 1.39 10.12 64.12
C ASP B 23 1.91 9.67 65.48
N ASN B 24 3.22 9.46 65.57
CA ASN B 24 3.89 9.12 66.82
C ASN B 24 5.27 9.74 66.85
N TRP B 25 5.83 9.86 68.06
CA TRP B 25 7.23 10.21 68.17
C TRP B 25 8.09 8.95 68.24
N LEU B 26 7.61 7.93 68.94
CA LEU B 26 8.30 6.64 69.02
C LEU B 26 7.29 5.58 69.42
N GLY B 27 7.56 4.34 69.01
CA GLY B 27 6.79 3.28 69.61
C GLY B 27 5.98 2.32 68.80
N THR B 28 4.93 2.75 68.11
CA THR B 28 4.09 1.83 67.37
C THR B 28 4.25 1.94 65.86
N GLY B 29 4.88 3.01 65.37
CA GLY B 29 5.49 3.03 64.07
C GLY B 29 4.73 3.76 62.98
N TYR B 30 3.40 3.70 63.00
CA TYR B 30 2.65 4.17 61.83
C TYR B 30 2.70 5.69 61.72
N ALA B 31 2.72 6.18 60.49
CA ALA B 31 2.53 7.59 60.19
C ALA B 31 1.44 7.69 59.14
N VAL B 32 0.31 8.30 59.52
CA VAL B 32 -0.91 8.30 58.72
C VAL B 32 -1.30 9.74 58.41
N GLY B 33 -1.70 9.99 57.17
CA GLY B 33 -2.17 11.30 56.76
C GLY B 33 -3.39 11.18 55.88
N ILE B 34 -4.25 12.20 55.95
CA ILE B 34 -5.52 12.19 55.24
C ILE B 34 -5.83 13.60 54.74
N ASN B 35 -6.23 13.70 53.47
CA ASN B 35 -6.68 14.95 52.87
C ASN B 35 -8.04 14.72 52.21
N GLY B 36 -8.92 15.71 52.31
CA GLY B 36 -10.25 15.60 51.73
C GLY B 36 -10.78 16.96 51.32
N THR B 37 -11.54 16.96 50.22
CA THR B 37 -12.11 18.19 49.65
C THR B 37 -13.31 17.83 48.80
N LYS B 38 -14.50 18.24 49.22
CA LYS B 38 -15.73 18.05 48.45
C LYS B 38 -16.31 19.40 48.06
N ASN B 39 -16.54 19.59 46.77
CA ASN B 39 -17.18 20.76 46.21
C ASN B 39 -18.35 20.30 45.34
N ASP B 40 -19.08 21.26 44.79
CA ASP B 40 -20.04 20.93 43.74
C ASP B 40 -19.35 20.33 42.52
N TYR B 41 -18.06 20.61 42.35
CA TYR B 41 -17.34 20.27 41.14
C TYR B 41 -16.15 19.36 41.35
N GLN B 42 -15.91 18.89 42.58
CA GLN B 42 -14.78 18.00 42.81
C GLN B 42 -14.97 17.23 44.11
N THR B 43 -14.46 16.00 44.12
CA THR B 43 -14.35 15.17 45.32
C THR B 43 -12.96 14.56 45.33
N TYR B 44 -12.12 15.03 46.25
CA TYR B 44 -10.72 14.64 46.34
C TYR B 44 -10.48 14.02 47.70
N ALA B 45 -9.86 12.83 47.72
CA ALA B 45 -9.61 12.12 48.96
C ALA B 45 -8.28 11.38 48.81
N GLU B 46 -7.34 11.67 49.70
CA GLU B 46 -6.02 11.05 49.68
C GLU B 46 -5.71 10.48 51.05
N LEU B 47 -5.35 9.19 51.08
CA LEU B 47 -4.99 8.49 52.31
C LEU B 47 -3.56 7.98 52.16
N SER B 48 -2.71 8.29 53.14
CA SER B 48 -1.29 7.98 53.04
C SER B 48 -0.81 7.33 54.33
N VAL B 49 0.05 6.32 54.20
CA VAL B 49 0.67 5.67 55.34
C VAL B 49 2.16 5.52 55.08
N THR B 50 2.93 5.44 56.16
CA THR B 50 4.36 5.26 56.08
C THR B 50 4.88 4.59 57.35
N ASN B 51 5.73 3.58 57.16
CA ASN B 51 6.50 2.97 58.23
C ASN B 51 7.96 3.40 58.07
N PRO B 52 8.49 4.24 58.96
CA PRO B 52 9.89 4.69 58.84
C PRO B 52 10.91 3.67 59.32
N TYR B 53 10.48 2.55 59.91
CA TYR B 53 11.39 1.51 60.37
C TYR B 53 10.87 0.16 59.85
N PHE B 54 10.81 0.05 58.52
CA PHE B 54 10.42 -1.20 57.87
C PHE B 54 11.39 -2.33 58.21
N THR B 55 12.65 -2.00 58.51
CA THR B 55 13.64 -2.99 58.90
C THR B 55 14.69 -2.33 59.78
N VAL B 56 15.61 -3.15 60.28
CA VAL B 56 16.61 -2.67 61.24
C VAL B 56 17.49 -1.59 60.63
N ASP B 57 17.69 -1.62 59.32
CA ASP B 57 18.61 -0.70 58.65
C ASP B 57 18.09 0.73 58.60
N GLY B 58 16.88 1.00 59.08
CA GLY B 58 16.31 2.33 58.98
C GLY B 58 15.58 2.60 57.68
N VAL B 59 15.43 1.60 56.81
CA VAL B 59 14.74 1.77 55.54
C VAL B 59 13.25 1.96 55.78
N SER B 60 12.61 2.77 54.94
CA SER B 60 11.20 3.09 55.12
C SER B 60 10.36 2.54 53.98
N LEU B 61 9.07 2.34 54.26
CA LEU B 61 8.09 1.88 53.28
C LEU B 61 6.86 2.77 53.35
N GLY B 62 6.50 3.40 52.24
CA GLY B 62 5.39 4.34 52.22
C GLY B 62 4.41 4.07 51.09
N GLY B 63 3.12 4.11 51.42
CA GLY B 63 2.09 3.88 50.43
C GLY B 63 0.99 4.92 50.52
N ARG B 64 0.20 4.99 49.46
CA ARG B 64 -0.91 5.93 49.44
C ARG B 64 -1.96 5.48 48.42
N LEU B 65 -3.19 5.95 48.66
CA LEU B 65 -4.37 5.58 47.88
C LEU B 65 -5.22 6.84 47.70
N PHE B 66 -5.59 7.16 46.47
CA PHE B 66 -6.25 8.42 46.20
C PHE B 66 -7.41 8.26 45.23
N TYR B 67 -8.37 9.18 45.36
CA TYR B 67 -9.56 9.30 44.54
C TYR B 67 -9.77 10.78 44.25
N ASN B 68 -10.12 11.12 43.00
CA ASN B 68 -10.17 12.53 42.59
C ASN B 68 -11.15 12.64 41.42
N ASP B 69 -12.35 13.11 41.71
CA ASP B 69 -13.48 13.06 40.79
C ASP B 69 -13.92 14.48 40.49
N PHE B 70 -13.76 14.93 39.24
CA PHE B 70 -14.10 16.29 38.84
C PHE B 70 -15.26 16.26 37.85
N GLN B 71 -16.27 17.08 38.12
CA GLN B 71 -17.44 17.24 37.26
C GLN B 71 -17.67 18.73 37.05
N ALA B 72 -17.71 19.16 35.79
CA ALA B 72 -17.81 20.59 35.46
C ALA B 72 -19.21 21.15 35.62
N ASP B 73 -20.19 20.32 35.98
CA ASP B 73 -21.53 20.81 36.28
C ASP B 73 -21.90 20.27 37.65
N ASP B 74 -23.22 20.09 37.90
CA ASP B 74 -23.68 19.67 39.24
C ASP B 74 -24.92 18.77 39.24
N ALA B 75 -25.63 18.64 38.11
CA ALA B 75 -26.92 17.97 38.00
C ALA B 75 -27.07 17.24 36.67
N ASP B 76 -26.34 17.71 35.65
CA ASP B 76 -26.45 17.21 34.29
C ASP B 76 -25.42 16.15 33.94
N LEU B 77 -24.27 16.16 34.60
CA LEU B 77 -23.09 15.46 34.08
C LEU B 77 -22.90 15.97 32.65
N SER B 78 -22.72 15.09 31.67
CA SER B 78 -22.80 15.41 30.24
C SER B 78 -21.87 16.53 29.81
N ASP B 79 -21.04 17.05 30.71
CA ASP B 79 -20.03 18.05 30.40
C ASP B 79 -18.66 17.48 30.75
N TYR B 80 -17.61 18.27 30.54
CA TYR B 80 -16.25 17.79 30.77
C TYR B 80 -16.12 17.19 32.17
N THR B 81 -15.78 15.91 32.22
CA THR B 81 -15.72 15.14 33.46
C THR B 81 -14.44 14.33 33.48
N ASN B 82 -13.70 14.43 34.59
CA ASN B 82 -12.39 13.79 34.72
C ASN B 82 -12.33 13.09 36.07
N LYS B 83 -12.43 11.77 36.08
CA LYS B 83 -12.29 10.99 37.30
C LYS B 83 -10.96 10.27 37.28
N SER B 84 -10.32 10.19 38.44
CA SER B 84 -9.05 9.49 38.57
C SER B 84 -9.03 8.79 39.92
N TYR B 85 -8.31 7.69 39.98
CA TYR B 85 -7.96 7.11 41.28
C TYR B 85 -6.69 6.30 41.11
N GLY B 86 -6.13 5.85 42.21
CA GLY B 86 -4.95 5.02 42.09
C GLY B 86 -4.23 4.82 43.41
N THR B 87 -3.04 4.22 43.28
CA THR B 87 -2.28 3.73 44.42
C THR B 87 -0.79 3.87 44.13
N ASP B 88 -0.02 4.10 45.18
CA ASP B 88 1.44 4.12 45.11
C ASP B 88 2.00 3.34 46.29
N VAL B 89 3.10 2.64 46.05
CA VAL B 89 3.87 2.01 47.12
C VAL B 89 5.36 2.19 46.79
N THR B 90 6.15 2.53 47.81
CA THR B 90 7.54 2.91 47.58
C THR B 90 8.40 2.46 48.76
N LEU B 91 9.68 2.25 48.47
CA LEU B 91 10.71 1.95 49.45
C LEU B 91 11.75 3.05 49.43
N GLY B 92 12.18 3.47 50.61
CA GLY B 92 13.19 4.49 50.78
C GLY B 92 14.41 3.96 51.49
N PHE B 93 15.56 4.10 50.82
CA PHE B 93 16.84 3.55 51.28
C PHE B 93 17.79 4.66 51.63
N PRO B 94 18.13 4.86 52.90
CA PRO B 94 19.30 5.67 53.23
C PRO B 94 20.58 4.87 53.03
N ILE B 95 21.64 5.57 52.62
CA ILE B 95 22.94 4.94 52.41
C ILE B 95 24.02 5.86 52.98
N ASN B 96 24.26 6.98 52.30
CA ASN B 96 25.01 8.06 52.89
C ASN B 96 24.07 8.91 53.74
N GLU B 97 24.60 9.50 54.80
CA GLU B 97 23.77 10.32 55.67
C GLU B 97 23.23 11.53 54.93
N TYR B 98 23.90 11.97 53.87
CA TYR B 98 23.39 13.05 53.04
C TYR B 98 22.30 12.59 52.08
N ASN B 99 22.25 11.30 51.76
CA ASN B 99 21.54 10.82 50.58
C ASN B 99 20.41 9.86 50.95
N SER B 100 19.53 9.66 49.97
CA SER B 100 18.52 8.61 50.01
C SER B 100 18.12 8.28 48.59
N LEU B 101 17.74 7.02 48.37
CA LEU B 101 17.17 6.60 47.11
C LEU B 101 15.76 6.07 47.35
N ARG B 102 14.95 6.08 46.29
CA ARG B 102 13.56 5.65 46.39
C ARG B 102 13.20 4.84 45.16
N ALA B 103 12.46 3.75 45.39
CA ALA B 103 11.99 2.91 44.29
C ALA B 103 10.61 2.36 44.63
N GLY B 104 9.70 2.40 43.67
CA GLY B 104 8.36 1.94 43.96
C GLY B 104 7.54 1.71 42.71
N LEU B 105 6.30 1.31 42.93
CA LEU B 105 5.34 0.99 41.88
C LEU B 105 4.07 1.79 42.08
N GLY B 106 3.45 2.21 40.98
CA GLY B 106 2.22 2.98 41.03
C GLY B 106 1.23 2.52 39.98
N TYR B 107 -0.05 2.72 40.29
CA TYR B 107 -1.15 2.44 39.37
C TYR B 107 -2.12 3.60 39.39
N VAL B 108 -2.60 3.99 38.21
CA VAL B 108 -3.48 5.14 38.05
C VAL B 108 -4.56 4.82 37.03
N HIS B 109 -5.83 4.99 37.40
CA HIS B 109 -6.93 4.90 36.47
C HIS B 109 -7.49 6.28 36.20
N ASN B 110 -7.75 6.55 34.92
CA ASN B 110 -8.25 7.85 34.47
C ASN B 110 -9.43 7.64 33.51
N SER B 111 -10.56 8.27 33.82
CA SER B 111 -11.75 8.25 33.00
C SER B 111 -12.10 9.67 32.59
N LEU B 112 -12.36 9.86 31.29
CA LEU B 112 -12.69 11.16 30.73
C LEU B 112 -14.02 11.07 29.98
N SER B 113 -14.87 12.06 30.18
CA SER B 113 -16.13 12.16 29.46
C SER B 113 -16.31 13.59 28.94
N ASN B 114 -16.67 13.70 27.67
CA ASN B 114 -17.16 14.96 27.10
C ASN B 114 -16.13 16.08 27.19
N MET B 115 -14.88 15.77 26.88
CA MET B 115 -13.83 16.79 26.90
C MET B 115 -13.96 17.70 25.68
N GLN B 116 -13.71 18.99 25.90
CA GLN B 116 -13.89 19.98 24.83
C GLN B 116 -12.77 19.85 23.81
N PRO B 117 -13.08 19.78 22.52
CA PRO B 117 -12.05 19.54 21.50
C PRO B 117 -11.04 20.68 21.41
N GLN B 118 -9.77 20.35 21.64
CA GLN B 118 -8.67 21.28 21.44
C GLN B 118 -7.49 20.49 20.86
N VAL B 119 -6.54 21.22 20.27
CA VAL B 119 -5.52 20.60 19.42
C VAL B 119 -4.66 19.62 20.22
N ALA B 120 -4.04 20.09 21.31
CA ALA B 120 -3.03 19.30 21.99
C ALA B 120 -3.61 18.00 22.55
N MET B 121 -4.70 18.10 23.32
CA MET B 121 -5.38 16.91 23.83
C MET B 121 -5.66 15.91 22.71
N TRP B 122 -6.10 16.41 21.57
CA TRP B 122 -6.53 15.52 20.51
C TRP B 122 -5.38 15.02 19.65
N ARG B 123 -4.27 15.76 19.62
CA ARG B 123 -3.03 15.17 19.12
C ARG B 123 -2.66 13.94 19.94
N TYR B 124 -2.74 14.06 21.27
CA TYR B 124 -2.47 12.92 22.14
C TYR B 124 -3.44 11.77 21.89
N LEU B 125 -4.73 12.09 21.81
CA LEU B 125 -5.74 11.05 21.60
C LEU B 125 -5.53 10.34 20.27
N TYR B 126 -5.28 11.10 19.20
CA TYR B 126 -4.91 10.53 17.92
C TYR B 126 -3.70 9.61 18.05
N SER B 127 -2.70 10.04 18.83
CA SER B 127 -1.51 9.23 19.02
C SER B 127 -1.82 7.93 19.75
N MET B 128 -2.83 7.92 20.61
CA MET B 128 -3.23 6.70 21.32
C MET B 128 -4.09 5.78 20.47
N GLY B 129 -4.36 6.13 19.21
CA GLY B 129 -5.26 5.34 18.38
C GLY B 129 -6.73 5.67 18.55
N GLU B 130 -7.05 6.74 19.27
CA GLU B 130 -8.43 7.19 19.44
C GLU B 130 -8.70 8.35 18.51
N HIS B 131 -9.82 8.32 17.79
CA HIS B 131 -10.19 9.36 16.83
C HIS B 131 -11.57 9.91 17.17
N PRO B 132 -11.66 10.81 18.14
CA PRO B 132 -12.92 11.50 18.39
C PRO B 132 -13.15 12.60 17.37
N SER B 133 -14.29 13.27 17.49
CA SER B 133 -14.87 13.98 16.35
C SER B 133 -14.13 15.28 16.04
N THR B 134 -14.11 16.21 17.00
CA THR B 134 -13.68 17.63 16.93
C THR B 134 -14.87 18.52 16.58
N SER B 135 -16.07 17.97 16.44
CA SER B 135 -17.24 18.78 16.13
C SER B 135 -18.25 18.81 17.26
N ASP B 136 -18.03 18.04 18.33
CA ASP B 136 -19.00 17.94 19.42
C ASP B 136 -18.28 17.46 20.67
N GLN B 137 -18.97 17.56 21.80
CA GLN B 137 -18.48 17.07 23.07
C GLN B 137 -18.93 15.65 23.37
N ASP B 138 -19.29 14.87 22.36
CA ASP B 138 -19.65 13.46 22.55
C ASP B 138 -18.39 12.63 22.38
N ASN B 139 -17.66 12.44 23.48
CA ASN B 139 -16.43 11.65 23.44
C ASN B 139 -16.20 11.07 24.83
N SER B 140 -15.22 10.17 24.91
CA SER B 140 -14.85 9.55 26.18
C SER B 140 -13.51 8.85 26.01
N PHE B 141 -12.91 8.52 27.15
CA PHE B 141 -11.63 7.80 27.17
C PHE B 141 -11.46 7.16 28.54
N LYS B 142 -10.69 6.09 28.60
CA LYS B 142 -10.52 5.36 29.85
C LYS B 142 -9.22 4.57 29.81
N THR B 143 -8.34 4.81 30.77
CA THR B 143 -7.01 4.22 30.76
C THR B 143 -6.62 3.71 32.14
N ASP B 144 -5.94 2.56 32.14
CA ASP B 144 -5.25 2.02 33.31
C ASP B 144 -3.74 2.10 33.05
N ASP B 145 -3.02 2.78 33.94
CA ASP B 145 -1.58 2.97 33.81
C ASP B 145 -0.87 2.32 34.99
N PHE B 146 0.29 1.72 34.70
CA PHE B 146 1.18 1.17 35.70
C PHE B 146 2.58 1.74 35.47
N THR B 147 3.24 2.15 36.55
CA THR B 147 4.51 2.85 36.44
C THR B 147 5.49 2.35 37.49
N PHE B 148 6.77 2.39 37.13
CA PHE B 148 7.88 2.25 38.05
C PHE B 148 8.42 3.65 38.35
N ASN B 149 8.41 4.01 39.63
CA ASN B 149 8.86 5.32 40.10
C ASN B 149 10.20 5.16 40.81
N TYR B 150 11.09 6.13 40.61
CA TYR B 150 12.39 6.09 41.26
C TYR B 150 12.80 7.51 41.61
N GLY B 151 13.85 7.62 42.43
CA GLY B 151 14.30 8.93 42.84
C GLY B 151 15.58 8.86 43.66
N TRP B 152 16.26 10.00 43.72
CA TRP B 152 17.45 10.19 44.52
C TRP B 152 17.44 11.59 45.11
N THR B 153 17.64 11.67 46.43
CA THR B 153 17.61 12.94 47.15
C THR B 153 18.91 13.14 47.91
N TYR B 154 19.51 14.32 47.76
CA TYR B 154 20.74 14.71 48.41
C TYR B 154 20.46 15.99 49.21
N ASN B 155 20.81 15.98 50.49
CA ASN B 155 20.30 17.00 51.41
C ASN B 155 21.40 17.46 52.37
N LYS B 156 22.53 17.90 51.82
CA LYS B 156 23.64 18.36 52.65
C LYS B 156 23.61 19.90 52.73
N LEU B 157 22.60 20.41 53.42
CA LEU B 157 22.60 21.78 53.89
C LEU B 157 22.63 21.76 55.41
N ASP B 158 23.44 22.65 55.99
CA ASP B 158 23.92 22.41 57.35
C ASP B 158 22.79 22.38 58.38
N ARG B 159 21.70 23.11 58.12
CA ARG B 159 20.56 23.14 59.03
C ARG B 159 19.27 23.22 58.22
N GLY B 160 18.21 22.60 58.74
CA GLY B 160 17.06 22.29 57.93
C GLY B 160 15.86 23.21 58.09
N TYR B 161 15.96 24.05 59.09
CA TYR B 161 14.89 24.84 59.65
C TYR B 161 14.70 26.12 58.85
N PHE B 162 15.84 26.62 58.32
CA PHE B 162 16.09 27.85 57.59
C PHE B 162 17.51 27.75 57.03
N PRO B 163 17.69 27.25 55.81
CA PRO B 163 19.04 26.88 55.35
C PRO B 163 19.96 28.09 55.26
N THR B 164 21.26 27.81 55.38
CA THR B 164 22.29 28.84 55.34
C THR B 164 23.47 28.52 54.45
N ASP B 165 23.73 27.26 54.13
CA ASP B 165 24.85 26.86 53.28
C ASP B 165 24.60 25.45 52.81
N GLY B 166 25.02 25.16 51.58
CA GLY B 166 24.88 23.82 51.04
C GLY B 166 23.72 23.71 50.09
N SER B 167 23.42 22.47 49.68
CA SER B 167 22.46 22.26 48.61
C SER B 167 21.46 21.17 48.99
N ARG B 168 20.27 21.29 48.41
CA ARG B 168 19.28 20.21 48.38
C ARG B 168 18.94 19.91 46.93
N VAL B 169 19.18 18.67 46.51
CA VAL B 169 18.91 18.21 45.15
C VAL B 169 17.94 17.04 45.23
N ASN B 170 16.95 17.04 44.34
CA ASN B 170 15.96 15.97 44.32
C ASN B 170 15.67 15.61 42.87
N LEU B 171 15.90 14.35 42.51
CA LEU B 171 15.60 13.83 41.19
C LEU B 171 14.54 12.75 41.33
N THR B 172 13.43 12.89 40.62
CA THR B 172 12.35 11.92 40.69
C THR B 172 11.88 11.59 39.28
N GLY B 173 11.58 10.33 39.03
CA GLY B 173 11.30 9.89 37.68
C GLY B 173 10.32 8.74 37.63
N LYS B 174 9.71 8.58 36.45
CA LYS B 174 8.71 7.57 36.16
C LYS B 174 8.98 6.93 34.82
N VAL B 175 8.74 5.62 34.73
CA VAL B 175 8.71 4.90 33.46
C VAL B 175 7.54 3.92 33.49
N THR B 176 6.71 3.93 32.45
CA THR B 176 5.62 2.96 32.41
C THR B 176 6.16 1.54 32.29
N ILE B 177 5.61 0.63 33.09
CA ILE B 177 5.97 -0.78 32.99
C ILE B 177 5.04 -1.46 31.98
N PRO B 178 5.51 -2.47 31.26
CA PRO B 178 4.67 -3.08 30.22
C PRO B 178 3.36 -3.62 30.78
N GLY B 179 2.28 -3.37 30.05
CA GLY B 179 0.93 -3.70 30.47
C GLY B 179 0.04 -2.49 30.65
N SER B 180 0.62 -1.30 30.76
CA SER B 180 -0.15 -0.08 30.94
C SER B 180 -0.71 0.41 29.61
N ASP B 181 -1.84 1.12 29.67
CA ASP B 181 -2.42 1.69 28.47
C ASP B 181 -1.53 2.81 27.91
N ASN B 182 -1.22 3.80 28.74
CA ASN B 182 -0.25 4.82 28.36
C ASN B 182 1.16 4.28 28.51
N GLU B 183 2.07 4.81 27.69
CA GLU B 183 3.48 4.41 27.73
C GLU B 183 4.32 5.69 27.67
N TYR B 184 4.91 6.07 28.80
CA TYR B 184 5.64 7.33 28.87
C TYR B 184 6.78 7.24 29.88
N TYR B 185 7.66 8.24 29.80
CA TYR B 185 8.72 8.45 30.76
C TYR B 185 8.74 9.91 31.18
N LYS B 186 9.23 10.16 32.39
CA LYS B 186 9.19 11.49 32.97
C LYS B 186 10.32 11.64 33.99
N VAL B 187 10.94 12.82 34.03
CA VAL B 187 11.95 13.16 35.02
C VAL B 187 11.72 14.60 35.48
N THR B 188 11.89 14.83 36.78
CA THR B 188 11.75 16.13 37.42
C THR B 188 12.90 16.30 38.40
N LEU B 189 13.62 17.41 38.29
CA LEU B 189 14.81 17.67 39.09
C LEU B 189 14.72 19.05 39.72
N ASP B 190 14.66 19.08 41.06
CA ASP B 190 14.71 20.31 41.82
C ASP B 190 16.12 20.48 42.38
N THR B 191 16.66 21.69 42.28
CA THR B 191 17.99 21.99 42.80
C THR B 191 17.94 23.31 43.55
N ALA B 192 18.48 23.33 44.76
CA ALA B 192 18.57 24.55 45.56
C ALA B 192 19.95 24.64 46.17
N THR B 193 20.59 25.80 46.06
CA THR B 193 21.96 26.00 46.53
C THR B 193 22.02 27.31 47.32
N TYR B 194 22.32 27.19 48.62
CA TYR B 194 22.54 28.32 49.51
C TYR B 194 24.02 28.57 49.66
N VAL B 195 24.44 29.81 49.44
CA VAL B 195 25.81 30.25 49.63
C VAL B 195 25.79 31.38 50.66
N PRO B 196 26.42 31.21 51.81
CA PRO B 196 26.44 32.29 52.81
C PRO B 196 27.41 33.39 52.41
N ILE B 197 27.05 34.62 52.76
CA ILE B 197 27.76 35.79 52.27
C ILE B 197 28.46 36.56 53.38
N ASP B 198 28.03 36.45 54.63
CA ASP B 198 28.81 36.98 55.75
C ASP B 198 29.10 35.85 56.73
N ASP B 199 30.07 36.12 57.62
CA ASP B 199 30.53 35.08 58.54
C ASP B 199 29.44 34.66 59.51
N ASP B 200 28.46 35.52 59.76
CA ASP B 200 27.33 35.22 60.64
C ASP B 200 26.17 34.57 59.91
N HIS B 201 26.22 34.50 58.57
CA HIS B 201 25.21 33.84 57.75
C HIS B 201 23.84 34.52 57.86
N LYS B 202 23.84 35.84 58.01
CA LYS B 202 22.60 36.60 57.98
C LYS B 202 22.25 37.10 56.58
N TRP B 203 23.24 37.26 55.70
CA TRP B 203 23.02 37.51 54.28
C TRP B 203 23.41 36.26 53.51
N VAL B 204 22.51 35.77 52.67
CA VAL B 204 22.72 34.54 51.91
C VAL B 204 22.31 34.79 50.46
N VAL B 205 22.86 33.98 49.56
CA VAL B 205 22.43 33.96 48.16
C VAL B 205 21.92 32.56 47.84
N LEU B 206 20.68 32.48 47.37
CA LEU B 206 20.06 31.22 46.99
C LEU B 206 19.89 31.17 45.48
N GLY B 207 20.50 30.18 44.85
CA GLY B 207 20.17 29.80 43.48
C GLY B 207 19.22 28.62 43.53
N ARG B 208 18.30 28.57 42.57
CA ARG B 208 17.30 27.51 42.57
C ARG B 208 16.87 27.24 41.14
N THR B 209 16.52 25.98 40.87
CA THR B 209 16.06 25.63 39.54
C THR B 209 15.16 24.39 39.61
N ARG B 210 14.19 24.35 38.70
CA ARG B 210 13.36 23.18 38.45
C ARG B 210 13.51 22.80 36.98
N TRP B 211 13.70 21.51 36.73
CA TRP B 211 13.76 20.98 35.38
C TRP B 211 12.76 19.84 35.25
N GLY B 212 12.11 19.75 34.10
CA GLY B 212 11.18 18.68 33.89
C GLY B 212 11.08 18.28 32.42
N TYR B 213 11.25 17.01 32.13
CA TYR B 213 11.13 16.53 30.76
C TYR B 213 10.39 15.20 30.77
N GLY B 214 9.75 14.89 29.66
CA GLY B 214 8.99 13.67 29.58
C GLY B 214 8.40 13.52 28.19
N ASP B 215 8.08 12.27 27.85
CA ASP B 215 7.61 11.99 26.51
C ASP B 215 6.97 10.61 26.48
N GLY B 216 6.27 10.34 25.37
CA GLY B 216 5.75 9.02 25.13
C GLY B 216 6.75 8.13 24.41
N LEU B 217 6.49 6.83 24.46
CA LEU B 217 7.40 5.83 23.92
C LEU B 217 6.83 5.22 22.64
N GLY B 218 7.68 5.09 21.62
CA GLY B 218 7.34 4.38 20.41
C GLY B 218 6.31 5.04 19.52
N GLY B 219 6.08 6.34 19.68
CA GLY B 219 5.09 7.04 18.88
C GLY B 219 3.86 7.48 19.64
N LYS B 220 3.69 7.07 20.88
CA LYS B 220 2.63 7.61 21.72
C LYS B 220 3.05 8.97 22.28
N GLU B 221 2.06 9.78 22.61
CA GLU B 221 2.32 11.07 23.25
C GLU B 221 2.30 10.90 24.76
N MET B 222 2.93 11.84 25.45
CA MET B 222 2.88 11.86 26.90
C MET B 222 1.45 12.16 27.34
N PRO B 223 0.90 11.41 28.30
CA PRO B 223 -0.48 11.69 28.74
C PRO B 223 -0.64 13.12 29.22
N PHE B 224 -1.75 13.73 28.81
CA PHE B 224 -1.98 15.13 29.12
C PHE B 224 -2.11 15.38 30.62
N TYR B 225 -2.53 14.38 31.38
CA TYR B 225 -2.68 14.57 32.82
C TYR B 225 -1.36 14.51 33.57
N GLU B 226 -0.25 14.33 32.86
CA GLU B 226 1.08 14.35 33.45
C GLU B 226 1.87 15.59 33.03
N ASN B 227 1.22 16.58 32.44
CA ASN B 227 1.93 17.75 31.92
C ASN B 227 2.53 18.59 33.05
N PHE B 228 3.47 19.44 32.68
CA PHE B 228 4.07 20.38 33.61
C PHE B 228 3.37 21.73 33.51
N TYR B 229 3.10 22.33 34.67
CA TYR B 229 2.54 23.67 34.77
C TYR B 229 3.45 24.54 35.62
N ALA B 230 3.62 25.80 35.23
CA ALA B 230 4.47 26.73 35.97
C ALA B 230 3.69 27.99 36.31
N GLY B 231 4.18 28.70 37.30
CA GLY B 231 3.57 29.93 37.78
C GLY B 231 3.07 29.75 39.20
N GLY B 232 3.21 30.79 40.00
CA GLY B 232 2.73 30.80 41.37
C GLY B 232 3.86 30.91 42.37
N SER B 233 3.50 30.71 43.64
CA SER B 233 4.47 30.86 44.72
C SER B 233 5.57 29.81 44.65
N SER B 234 5.23 28.60 44.22
CA SER B 234 6.19 27.50 44.23
C SER B 234 7.22 27.59 43.12
N THR B 235 6.93 28.32 42.03
CA THR B 235 7.78 28.30 40.86
C THR B 235 8.20 29.71 40.44
N VAL B 236 7.36 30.38 39.66
CA VAL B 236 7.62 31.72 39.16
C VAL B 236 6.49 32.60 39.65
N ARG B 237 6.74 33.37 40.72
CA ARG B 237 5.70 34.18 41.31
C ARG B 237 5.58 35.52 40.59
N GLY B 238 4.41 36.14 40.72
CA GLY B 238 3.98 37.21 39.86
C GLY B 238 3.01 36.77 38.79
N PHE B 239 2.85 35.47 38.59
CA PHE B 239 1.89 34.89 37.67
C PHE B 239 0.85 34.11 38.47
N GLN B 240 -0.33 33.93 37.87
CA GLN B 240 -1.32 33.08 38.50
C GLN B 240 -0.84 31.63 38.49
N SER B 241 -1.26 30.88 39.50
CA SER B 241 -0.75 29.53 39.71
C SER B 241 -1.03 28.65 38.50
N ASN B 242 0.04 28.05 37.96
CA ASN B 242 -0.02 27.04 36.91
C ASN B 242 -0.54 27.57 35.59
N THR B 243 -0.41 28.87 35.32
CA THR B 243 -0.93 29.46 34.09
C THR B 243 0.15 29.70 33.04
N ILE B 244 1.42 29.52 33.36
CA ILE B 244 2.49 29.75 32.41
C ILE B 244 2.54 28.60 31.42
N GLY B 245 2.80 28.91 30.15
CA GLY B 245 3.08 27.90 29.16
C GLY B 245 2.08 27.87 28.02
N PRO B 246 1.99 26.72 27.35
CA PRO B 246 1.06 26.59 26.22
C PRO B 246 -0.38 26.83 26.65
N LYS B 247 -1.13 27.44 25.75
CA LYS B 247 -2.56 27.67 25.95
C LYS B 247 -3.36 26.81 24.97
N ALA B 248 -4.59 26.50 25.37
CA ALA B 248 -5.45 25.69 24.51
C ALA B 248 -5.94 26.50 23.33
N VAL B 249 -5.90 25.91 22.15
CA VAL B 249 -6.62 26.41 20.98
C VAL B 249 -7.70 25.38 20.64
N TYR B 250 -8.93 25.85 20.54
CA TYR B 250 -10.08 24.97 20.46
C TYR B 250 -10.55 24.81 19.02
N PHE B 251 -11.09 23.64 18.72
CA PHE B 251 -11.79 23.46 17.47
C PHE B 251 -13.23 23.98 17.61
N PRO B 252 -13.79 24.55 16.54
CA PRO B 252 -15.20 24.93 16.58
C PRO B 252 -16.07 23.70 16.76
N HIS B 253 -16.95 23.75 17.77
CA HIS B 253 -17.72 22.57 18.14
C HIS B 253 -19.03 22.99 18.80
N GLN B 254 -19.94 22.03 18.91
CA GLN B 254 -21.20 22.21 19.62
C GLN B 254 -21.00 21.86 21.08
N ALA B 255 -21.10 22.87 21.95
CA ALA B 255 -21.01 22.62 23.38
C ALA B 255 -22.22 21.85 23.88
N SER B 256 -21.97 20.94 24.82
CA SER B 256 -22.98 20.00 25.30
C SER B 256 -23.95 20.60 26.31
N ASN B 257 -23.48 21.49 27.18
CA ASN B 257 -24.33 22.17 28.17
C ASN B 257 -24.30 23.67 27.89
N TYR B 258 -25.10 24.10 26.91
CA TYR B 258 -25.02 25.47 26.42
C TYR B 258 -26.09 26.35 27.05
N ASP B 259 -25.75 27.63 27.20
CA ASP B 259 -26.63 28.67 27.71
C ASP B 259 -26.16 30.01 27.14
N PRO B 260 -26.93 30.64 26.25
CA PRO B 260 -26.45 31.87 25.59
C PRO B 260 -26.19 33.01 26.54
N ASP B 261 -26.69 32.95 27.76
CA ASP B 261 -26.43 33.97 28.76
C ASP B 261 -25.02 33.88 29.34
N TYR B 262 -24.26 32.85 28.98
CA TYR B 262 -22.93 32.63 29.52
C TYR B 262 -21.90 32.63 28.39
N ASP B 263 -20.63 32.46 28.76
CA ASP B 263 -19.51 32.69 27.87
C ASP B 263 -18.88 31.37 27.43
N TYR B 264 -18.51 31.29 26.16
CA TYR B 264 -17.97 30.05 25.59
C TYR B 264 -16.81 30.35 24.66
N GLU B 265 -16.03 29.31 24.36
CA GLU B 265 -14.86 29.41 23.50
C GLU B 265 -15.06 28.54 22.27
N CYS B 266 -15.03 29.16 21.09
CA CYS B 266 -15.20 28.48 19.81
C CYS B 266 -16.39 27.53 19.82
N ALA B 267 -17.49 28.00 20.42
CA ALA B 267 -18.75 27.25 20.37
C ALA B 267 -19.42 27.49 19.03
N THR B 268 -19.94 26.42 18.42
CA THR B 268 -20.51 26.55 17.10
C THR B 268 -21.85 27.29 17.12
N GLN B 269 -22.55 27.28 18.25
CA GLN B 269 -23.76 28.08 18.40
C GLN B 269 -23.46 29.49 18.90
N ASP B 270 -22.21 29.95 18.76
CA ASP B 270 -21.86 31.35 18.83
C ASP B 270 -21.29 31.86 17.51
N GLY B 271 -21.27 31.00 16.48
CA GLY B 271 -20.83 31.41 15.16
C GLY B 271 -19.39 31.08 14.83
N ALA B 272 -18.82 30.06 15.46
CA ALA B 272 -17.39 29.75 15.30
C ALA B 272 -17.18 28.83 14.10
N LYS B 273 -16.24 29.21 13.23
CA LYS B 273 -15.89 28.39 12.07
C LYS B 273 -14.44 27.96 12.08
N ASP B 274 -13.54 28.86 12.42
CA ASP B 274 -12.13 28.56 12.56
C ASP B 274 -11.83 28.17 13.99
N LEU B 275 -10.64 27.61 14.19
CA LEU B 275 -10.13 27.42 15.53
C LEU B 275 -9.64 28.74 16.10
N CYS B 276 -9.76 28.90 17.41
CA CYS B 276 -9.47 30.17 18.06
C CYS B 276 -8.59 30.00 19.28
N LYS B 277 -7.65 30.93 19.45
CA LYS B 277 -6.72 30.96 20.58
C LYS B 277 -7.43 31.43 21.83
N SER B 278 -6.95 30.97 23.00
CA SER B 278 -7.60 31.25 24.26
C SER B 278 -6.57 31.55 25.34
N ASP B 279 -7.05 31.88 26.53
CA ASP B 279 -6.24 32.05 27.73
C ASP B 279 -6.02 30.75 28.49
N ASP B 280 -6.73 29.69 28.11
CA ASP B 280 -6.78 28.47 28.90
C ASP B 280 -5.43 27.75 28.87
N ALA B 281 -4.76 27.70 30.02
CA ALA B 281 -3.50 27.00 30.12
C ALA B 281 -3.73 25.49 30.18
N VAL B 282 -2.83 24.74 29.54
CA VAL B 282 -2.97 23.30 29.41
C VAL B 282 -1.66 22.60 29.74
N GLY B 283 -0.62 23.38 30.04
CA GLY B 283 0.67 22.81 30.38
C GLY B 283 1.37 22.19 29.18
N GLY B 284 2.56 21.67 29.44
CA GLY B 284 3.37 21.07 28.39
C GLY B 284 4.12 19.83 28.85
N ASN B 285 4.95 19.27 27.99
CA ASN B 285 5.76 18.11 28.38
C ASN B 285 7.17 18.49 28.81
N ALA B 286 7.57 19.75 28.68
CA ALA B 286 8.88 20.18 29.10
C ALA B 286 8.78 21.50 29.85
N MET B 287 9.69 21.68 30.81
CA MET B 287 9.65 22.83 31.70
C MET B 287 11.04 23.12 32.23
N ALA B 288 11.38 24.42 32.33
CA ALA B 288 12.61 24.83 32.97
C ALA B 288 12.37 26.16 33.67
N VAL B 289 12.62 26.20 34.98
CA VAL B 289 12.52 27.44 35.75
C VAL B 289 13.78 27.59 36.60
N ALA B 290 14.07 28.84 36.95
CA ALA B 290 15.20 29.19 37.79
C ALA B 290 14.82 30.39 38.65
N SER B 291 15.62 30.64 39.68
CA SER B 291 15.34 31.72 40.61
C SER B 291 16.61 32.09 41.35
N LEU B 292 16.87 33.39 41.44
CA LEU B 292 17.96 33.92 42.25
C LEU B 292 17.35 34.80 43.34
N GLU B 293 17.57 34.42 44.60
CA GLU B 293 17.06 35.16 45.74
C GLU B 293 18.25 35.64 46.56
N PHE B 294 18.32 36.95 46.79
CA PHE B 294 19.26 37.51 47.75
C PHE B 294 18.53 37.57 49.08
N ILE B 295 18.89 36.68 49.99
CA ILE B 295 18.37 36.66 51.36
C ILE B 295 19.11 37.72 52.17
N THR B 296 18.37 38.64 52.76
CA THR B 296 18.93 39.74 53.52
C THR B 296 18.35 39.77 54.92
N PRO B 297 19.03 40.41 55.86
CA PRO B 297 18.38 40.74 57.14
C PRO B 297 17.14 41.58 56.94
N THR B 298 16.21 41.44 57.87
CA THR B 298 14.94 42.16 57.77
C THR B 298 15.17 43.66 57.92
N PRO B 299 14.62 44.47 57.02
CA PRO B 299 14.86 45.92 57.09
C PRO B 299 14.24 46.66 58.25
N PHE B 300 13.45 46.00 59.11
CA PHE B 300 13.05 46.74 60.32
C PHE B 300 12.63 45.88 61.50
N ILE B 301 13.16 44.64 61.73
CA ILE B 301 12.73 43.75 62.80
C ILE B 301 13.94 43.41 63.68
N SER B 302 13.67 43.13 64.96
CA SER B 302 14.73 42.84 65.92
C SER B 302 15.19 41.39 65.81
N ASP B 303 16.40 41.13 66.30
CA ASP B 303 17.10 39.93 65.88
C ASP B 303 16.76 38.71 66.72
N LYS B 304 16.12 38.97 67.87
CA LYS B 304 15.80 38.07 68.95
C LYS B 304 14.63 37.17 68.60
N TYR B 305 13.72 37.68 67.77
CA TYR B 305 12.57 36.98 67.23
C TYR B 305 12.67 36.74 65.73
N ALA B 306 13.76 37.18 65.10
CA ALA B 306 13.95 37.05 63.66
C ALA B 306 14.27 35.62 63.23
N ASN B 307 14.57 34.73 64.19
CA ASN B 307 14.77 33.34 63.84
C ASN B 307 13.51 32.68 63.29
N SER B 308 12.40 33.38 63.22
CA SER B 308 11.18 32.87 62.62
C SER B 308 10.81 33.57 61.32
N VAL B 309 11.68 34.45 60.81
CA VAL B 309 11.38 35.34 59.69
C VAL B 309 12.59 35.40 58.77
N ARG B 310 12.32 35.57 57.47
CA ARG B 310 13.36 35.70 56.46
C ARG B 310 12.87 36.65 55.38
N THR B 311 13.78 37.44 54.80
CA THR B 311 13.44 38.43 53.78
C THR B 311 14.37 38.27 52.59
N SER B 312 13.81 38.42 51.38
CA SER B 312 14.61 38.23 50.18
C SER B 312 14.16 39.14 49.05
N PHE B 313 15.12 39.49 48.20
CA PHE B 313 14.89 40.17 46.91
C PHE B 313 15.17 39.15 45.82
N PHE B 314 14.17 38.85 44.98
CA PHE B 314 14.29 37.72 44.07
C PHE B 314 13.99 38.11 42.63
N TRP B 315 14.55 37.34 41.71
CA TRP B 315 13.94 37.27 40.41
C TRP B 315 13.87 35.83 39.95
N ASP B 316 12.75 35.53 39.33
CA ASP B 316 12.36 34.21 38.85
C ASP B 316 12.24 34.21 37.34
N MET B 317 12.71 33.13 36.71
CA MET B 317 12.61 32.90 35.28
C MET B 317 11.96 31.54 35.07
N GLY B 318 11.21 31.40 33.98
CA GLY B 318 10.54 30.13 33.76
C GLY B 318 9.90 29.99 32.39
N THR B 319 9.85 28.74 31.90
CA THR B 319 9.23 28.45 30.62
C THR B 319 8.69 27.03 30.63
N VAL B 320 7.58 26.83 29.90
CA VAL B 320 6.96 25.54 29.70
C VAL B 320 6.63 25.39 28.22
N TRP B 321 6.94 24.24 27.64
CA TRP B 321 6.66 24.05 26.23
C TRP B 321 6.28 22.61 25.91
N ASP B 322 5.69 22.46 24.72
CA ASP B 322 5.17 21.19 24.20
C ASP B 322 6.04 20.79 23.02
N THR B 323 6.84 19.73 23.21
CA THR B 323 7.82 19.34 22.19
C THR B 323 7.15 18.92 20.88
N ASN B 324 5.98 18.29 20.95
CA ASN B 324 5.34 17.73 19.77
C ASN B 324 4.31 18.66 19.15
N TRP B 325 4.39 19.96 19.43
CA TRP B 325 3.52 20.91 18.78
C TRP B 325 4.01 21.19 17.36
N ASP B 326 3.09 21.13 16.39
CA ASP B 326 3.44 21.28 14.99
C ASP B 326 3.48 22.76 14.65
N SER B 327 4.69 23.32 14.59
CA SER B 327 4.87 24.72 14.24
C SER B 327 4.52 25.02 12.78
N SER B 328 4.32 23.99 11.95
CA SER B 328 4.01 24.18 10.55
C SER B 328 2.53 24.10 10.24
N GLN B 329 1.81 23.16 10.87
CA GLN B 329 0.39 23.00 10.60
C GLN B 329 -0.44 24.19 11.05
N TYR B 330 0.05 24.96 12.01
CA TYR B 330 -0.66 26.12 12.56
C TYR B 330 0.27 27.33 12.39
N SER B 331 0.34 27.83 11.17
CA SER B 331 1.37 28.81 10.82
C SER B 331 1.15 30.13 11.55
N GLY B 332 -0.06 30.67 11.50
CA GLY B 332 -0.34 31.94 12.14
C GLY B 332 -0.52 31.90 13.64
N TYR B 333 -0.42 30.72 14.24
CA TYR B 333 -0.63 30.50 15.67
C TYR B 333 0.70 30.30 16.39
N PRO B 334 0.80 30.79 17.63
CA PRO B 334 2.12 30.85 18.29
C PRO B 334 2.76 29.49 18.45
N ASP B 335 4.10 29.47 18.38
CA ASP B 335 4.88 28.25 18.45
C ASP B 335 5.03 27.83 19.91
N TYR B 336 4.21 26.88 20.34
CA TYR B 336 4.32 26.38 21.70
C TYR B 336 5.42 25.34 21.86
N SER B 337 6.20 25.07 20.82
CA SER B 337 7.36 24.18 20.93
C SER B 337 8.66 24.93 21.18
N ASP B 338 8.64 26.25 21.08
CA ASP B 338 9.82 27.05 21.31
C ASP B 338 10.15 27.12 22.79
N PRO B 339 11.37 26.78 23.21
CA PRO B 339 11.73 26.92 24.63
C PRO B 339 12.01 28.35 25.05
N SER B 340 12.32 29.25 24.10
CA SER B 340 12.88 30.56 24.43
C SER B 340 11.82 31.58 24.86
N ASN B 341 10.56 31.19 25.02
CA ASN B 341 9.54 32.10 25.53
C ASN B 341 9.61 32.16 27.05
N ILE B 342 10.73 32.68 27.53
CA ILE B 342 11.06 32.64 28.96
C ILE B 342 10.40 33.83 29.65
N ARG B 343 9.46 33.55 30.53
CA ARG B 343 8.86 34.56 31.38
C ARG B 343 9.81 34.93 32.52
N MET B 344 9.76 36.20 32.93
CA MET B 344 10.65 36.69 33.98
C MET B 344 9.91 37.70 34.86
N SER B 345 10.05 37.52 36.18
CA SER B 345 9.48 38.43 37.17
C SER B 345 10.53 38.72 38.23
N ALA B 346 10.33 39.81 38.96
CA ALA B 346 11.19 40.18 40.07
C ALA B 346 10.33 40.77 41.19
N GLY B 347 10.80 40.63 42.42
CA GLY B 347 10.04 41.20 43.53
C GLY B 347 10.72 40.98 44.86
N ILE B 348 9.93 41.19 45.92
CA ILE B 348 10.37 41.03 47.30
C ILE B 348 9.50 39.98 47.96
N ALA B 349 10.09 39.25 48.91
CA ALA B 349 9.41 38.13 49.55
C ALA B 349 9.78 38.08 51.03
N LEU B 350 8.84 37.57 51.83
CA LEU B 350 8.98 37.46 53.28
C LEU B 350 8.60 36.04 53.68
N GLN B 351 9.60 35.18 53.85
CA GLN B 351 9.38 33.81 54.32
C GLN B 351 9.20 33.87 55.83
N TRP B 352 7.94 33.96 56.25
CA TRP B 352 7.56 33.94 57.66
C TRP B 352 7.44 32.48 58.10
N MET B 353 6.99 32.26 59.33
CA MET B 353 6.74 30.91 59.81
C MET B 353 5.62 30.94 60.83
N SER B 354 4.48 30.38 60.47
CA SER B 354 3.41 30.12 61.42
C SER B 354 3.89 29.08 62.43
N PRO B 355 3.24 28.97 63.58
CA PRO B 355 3.63 27.94 64.55
C PRO B 355 3.54 26.52 64.00
N LEU B 356 2.89 26.31 62.85
CA LEU B 356 2.73 24.98 62.28
C LEU B 356 3.37 24.83 60.90
N GLY B 357 4.10 25.84 60.42
CA GLY B 357 4.75 25.74 59.14
C GLY B 357 5.24 27.07 58.58
N PRO B 358 6.18 27.01 57.65
CA PRO B 358 6.69 28.24 57.03
C PRO B 358 5.70 28.81 56.03
N LEU B 359 5.56 30.13 56.04
CA LEU B 359 4.65 30.85 55.16
C LEU B 359 5.43 31.85 54.34
N VAL B 360 5.19 31.85 53.03
CA VAL B 360 5.79 32.81 52.11
C VAL B 360 4.71 33.81 51.70
N PHE B 361 4.87 35.05 52.16
CA PHE B 361 4.26 36.22 51.53
C PHE B 361 5.21 36.68 50.44
N SER B 362 4.66 37.31 49.41
CA SER B 362 5.55 37.89 48.40
C SER B 362 4.77 38.87 47.52
N TYR B 363 5.48 39.89 47.04
CA TYR B 363 5.01 40.74 45.96
C TYR B 363 6.00 40.62 44.81
N ALA B 364 5.46 40.52 43.60
CA ALA B 364 6.26 40.47 42.40
C ALA B 364 5.46 41.11 41.27
N GLN B 365 6.15 41.53 40.22
CA GLN B 365 5.49 41.99 39.00
C GLN B 365 6.20 41.37 37.82
N PRO B 366 5.50 40.62 36.96
CA PRO B 366 6.15 39.99 35.80
C PRO B 366 6.45 41.03 34.73
N PHE B 367 7.71 41.13 34.34
CA PHE B 367 8.07 42.10 33.33
C PHE B 367 8.34 41.48 31.96
N LYS B 368 8.77 40.21 31.91
CA LYS B 368 8.80 39.48 30.66
C LYS B 368 7.61 38.52 30.67
N LYS B 369 6.60 38.86 29.88
CA LYS B 369 5.29 38.21 29.90
C LYS B 369 4.82 38.05 28.46
N TYR B 370 3.94 37.07 28.23
CA TYR B 370 3.41 36.81 26.91
C TYR B 370 1.89 36.75 26.96
N ASP B 371 1.28 36.82 25.78
CA ASP B 371 -0.17 36.85 25.68
C ASP B 371 -0.79 35.63 26.34
N GLY B 372 -1.93 35.84 27.01
CA GLY B 372 -2.61 34.78 27.71
C GLY B 372 -2.14 34.53 29.13
N ASP B 373 -0.95 35.01 29.48
CA ASP B 373 -0.46 34.87 30.85
C ASP B 373 -1.27 35.75 31.79
N LYS B 374 -1.63 35.18 32.93
CA LYS B 374 -2.42 35.87 33.94
C LYS B 374 -1.51 36.27 35.10
N ALA B 375 -1.54 37.55 35.45
CA ALA B 375 -0.68 38.09 36.50
C ALA B 375 -1.33 37.92 37.88
N GLU B 376 -0.48 37.65 38.87
CA GLU B 376 -0.89 37.56 40.27
C GLU B 376 0.26 38.18 41.08
N GLN B 377 0.21 39.50 41.23
CA GLN B 377 1.34 40.23 41.77
C GLN B 377 1.50 40.06 43.28
N PHE B 378 0.45 39.61 43.97
CA PHE B 378 0.45 39.47 45.42
C PHE B 378 0.21 38.00 45.75
N GLN B 379 1.19 37.37 46.38
CA GLN B 379 1.23 35.92 46.54
C GLN B 379 1.36 35.52 48.00
N PHE B 380 0.70 34.42 48.36
CA PHE B 380 0.82 33.80 49.67
C PHE B 380 0.71 32.29 49.52
N ASN B 381 1.56 31.57 50.24
CA ASN B 381 1.37 30.12 50.33
C ASN B 381 2.16 29.57 51.50
N ILE B 382 1.84 28.33 51.87
CA ILE B 382 2.53 27.64 52.96
C ILE B 382 3.86 27.10 52.46
N SER C 1 -35.18 28.90 -32.34
CA SER C 1 -36.02 28.75 -31.17
C SER C 1 -35.63 29.76 -30.08
N PHE C 2 -36.07 29.50 -28.84
CA PHE C 2 -36.31 30.57 -27.89
C PHE C 2 -36.40 30.02 -26.47
N ASN C 3 -35.60 30.59 -25.56
CA ASN C 3 -35.86 30.46 -24.13
C ASN C 3 -34.92 31.40 -23.38
N PHE C 4 -35.21 31.59 -22.10
CA PHE C 4 -34.42 32.44 -21.22
C PHE C 4 -34.87 32.25 -19.79
N GLY C 5 -33.93 32.40 -18.86
CA GLY C 5 -34.22 32.40 -17.43
C GLY C 5 -33.05 32.95 -16.62
N ILE C 6 -33.37 33.52 -15.44
CA ILE C 6 -32.41 33.89 -14.39
C ILE C 6 -33.04 33.47 -13.05
N GLY C 7 -32.48 33.88 -11.92
CA GLY C 7 -33.07 33.41 -10.68
C GLY C 7 -32.64 34.17 -9.44
N TYR C 8 -33.21 33.74 -8.21
CA TYR C 8 -32.99 34.30 -6.84
C TYR C 8 -32.46 33.36 -5.79
N GLY C 9 -32.91 32.11 -5.75
CA GLY C 9 -32.48 31.04 -4.86
C GLY C 9 -33.30 29.77 -4.97
N THR C 10 -32.97 28.94 -5.90
CA THR C 10 -33.91 27.82 -5.94
C THR C 10 -33.29 26.41 -5.74
N GLU C 11 -32.34 26.30 -4.79
CA GLU C 11 -31.29 25.32 -4.53
C GLU C 11 -30.03 25.52 -5.38
N SER C 12 -30.20 25.70 -6.69
CA SER C 12 -29.12 26.07 -7.61
C SER C 12 -28.86 27.57 -7.54
N GLY C 13 -28.00 28.08 -8.42
CA GLY C 13 -27.53 29.46 -8.30
C GLY C 13 -28.25 30.51 -9.12
N VAL C 14 -27.45 31.38 -9.78
CA VAL C 14 -28.02 32.52 -10.52
C VAL C 14 -29.00 32.04 -11.57
N SER C 15 -28.69 30.94 -12.25
CA SER C 15 -29.61 30.24 -13.16
C SER C 15 -29.91 31.04 -14.42
N PHE C 16 -28.90 31.71 -14.98
CA PHE C 16 -29.00 32.13 -16.37
C PHE C 16 -29.18 30.88 -17.22
N GLN C 17 -30.20 30.86 -18.06
CA GLN C 17 -30.46 29.68 -18.87
C GLN C 17 -31.02 30.10 -20.22
N ALA C 18 -30.63 29.37 -21.26
CA ALA C 18 -31.03 29.70 -22.62
C ALA C 18 -30.97 28.45 -23.51
N GLY C 19 -32.03 28.25 -24.29
CA GLY C 19 -32.03 27.30 -25.38
C GLY C 19 -32.54 27.97 -26.63
N VAL C 20 -31.75 27.93 -27.71
CA VAL C 20 -31.99 28.77 -28.88
C VAL C 20 -31.65 27.98 -30.15
N GLN C 21 -32.41 28.24 -31.21
CA GLN C 21 -32.16 27.62 -32.51
C GLN C 21 -32.36 28.67 -33.61
N GLN C 22 -31.37 28.82 -34.48
CA GLN C 22 -31.48 29.63 -35.69
C GLN C 22 -31.43 28.69 -36.88
N ASP C 23 -32.49 28.70 -37.69
CA ASP C 23 -32.74 27.58 -38.60
C ASP C 23 -33.37 28.09 -39.89
N ASN C 24 -33.59 27.17 -40.83
CA ASN C 24 -34.25 27.46 -42.09
C ASN C 24 -35.10 26.27 -42.52
N TRP C 25 -36.07 26.53 -43.40
CA TRP C 25 -36.76 25.44 -44.05
C TRP C 25 -36.07 25.08 -45.36
N LEU C 26 -35.60 26.09 -46.10
CA LEU C 26 -34.86 25.87 -47.34
C LEU C 26 -34.05 27.12 -47.63
N GLY C 27 -32.98 26.91 -48.36
CA GLY C 27 -32.06 27.92 -48.76
C GLY C 27 -30.71 27.79 -48.12
N THR C 28 -30.50 28.78 -47.33
CA THR C 28 -29.15 29.18 -47.03
C THR C 28 -28.37 28.14 -46.25
N GLY C 29 -29.03 27.14 -45.69
CA GLY C 29 -28.42 25.89 -45.33
C GLY C 29 -28.11 25.67 -43.88
N TYR C 30 -27.74 26.72 -43.14
CA TYR C 30 -27.21 26.52 -41.81
C TYR C 30 -28.29 26.09 -40.83
N ALA C 31 -27.91 25.23 -39.88
CA ALA C 31 -28.74 24.90 -38.74
C ALA C 31 -27.90 25.12 -37.49
N VAL C 32 -28.30 26.08 -36.66
CA VAL C 32 -27.51 26.55 -35.53
C VAL C 32 -28.31 26.37 -34.25
N GLY C 33 -27.64 25.89 -33.21
CA GLY C 33 -28.27 25.73 -31.91
C GLY C 33 -27.32 26.18 -30.80
N ILE C 34 -27.91 26.67 -29.71
CA ILE C 34 -27.15 27.24 -28.61
C ILE C 34 -27.83 26.88 -27.29
N ASN C 35 -27.03 26.42 -26.33
CA ASN C 35 -27.49 26.15 -24.98
C ASN C 35 -26.58 26.85 -23.98
N GLY C 36 -27.17 27.39 -22.92
CA GLY C 36 -26.40 28.09 -21.91
C GLY C 36 -27.03 27.98 -20.54
N THR C 37 -26.17 27.91 -19.52
CA THR C 37 -26.60 27.76 -18.12
C THR C 37 -25.50 28.26 -17.20
N LYS C 38 -25.76 29.35 -16.48
CA LYS C 38 -24.84 29.89 -15.49
C LYS C 38 -25.48 29.82 -14.11
N ASN C 39 -24.77 29.18 -13.17
CA ASN C 39 -25.14 29.10 -11.77
C ASN C 39 -23.98 29.60 -10.93
N ASP C 40 -24.19 29.63 -9.61
CA ASP C 40 -23.06 29.83 -8.71
C ASP C 40 -22.05 28.69 -8.83
N TYR C 41 -22.48 27.53 -9.32
CA TYR C 41 -21.68 26.33 -9.30
C TYR C 41 -21.42 25.72 -10.67
N GLN C 42 -21.88 26.35 -11.75
CA GLN C 42 -21.64 25.81 -13.08
C GLN C 42 -21.79 26.89 -14.13
N THR C 43 -21.00 26.76 -15.19
CA THR C 43 -21.14 27.57 -16.41
C THR C 43 -21.03 26.63 -17.60
N TYR C 44 -22.16 26.41 -18.28
CA TYR C 44 -22.28 25.46 -19.37
C TYR C 44 -22.69 26.22 -20.62
N ALA C 45 -21.97 26.01 -21.72
CA ALA C 45 -22.25 26.70 -22.98
C ALA C 45 -21.94 25.75 -24.12
N GLU C 46 -22.94 25.48 -24.95
CA GLU C 46 -22.80 24.57 -26.08
C GLU C 46 -23.28 25.26 -27.35
N LEU C 47 -22.42 25.28 -28.37
CA LEU C 47 -22.72 25.87 -29.66
C LEU C 47 -22.62 24.79 -30.73
N SER C 48 -23.66 24.64 -31.54
CA SER C 48 -23.73 23.55 -32.50
C SER C 48 -24.15 24.08 -33.87
N VAL C 49 -23.53 23.55 -34.93
CA VAL C 49 -23.89 23.89 -36.30
C VAL C 49 -24.00 22.60 -37.10
N THR C 50 -24.80 22.67 -38.17
CA THR C 50 -24.97 21.54 -39.07
C THR C 50 -25.36 22.04 -40.45
N ASN C 51 -24.71 21.48 -41.47
CA ASN C 51 -25.10 21.65 -42.86
C ASN C 51 -25.69 20.33 -43.34
N PRO C 52 -27.00 20.27 -43.60
CA PRO C 52 -27.63 19.02 -44.07
C PRO C 52 -27.41 18.73 -45.55
N TYR C 53 -26.82 19.75 -46.18
CA TYR C 53 -26.49 19.79 -47.59
C TYR C 53 -25.01 20.09 -47.73
N PHE C 54 -24.17 19.11 -47.31
CA PHE C 54 -22.74 19.28 -47.53
C PHE C 54 -22.34 18.97 -48.96
N THR C 55 -23.10 18.10 -49.65
CA THR C 55 -22.83 17.78 -51.03
C THR C 55 -24.13 17.34 -51.69
N VAL C 56 -24.06 17.10 -53.01
CA VAL C 56 -25.26 16.79 -53.80
C VAL C 56 -25.92 15.51 -53.31
N ASP C 57 -25.16 14.59 -52.74
CA ASP C 57 -25.68 13.29 -52.35
C ASP C 57 -26.60 13.35 -51.13
N GLY C 58 -26.78 14.52 -50.52
CA GLY C 58 -27.57 14.62 -49.31
C GLY C 58 -26.81 14.35 -48.03
N VAL C 59 -25.49 14.16 -48.11
CA VAL C 59 -24.67 13.91 -46.93
C VAL C 59 -24.58 15.18 -46.09
N SER C 60 -24.52 14.99 -44.76
CA SER C 60 -24.50 16.13 -43.84
C SER C 60 -23.18 16.23 -43.10
N LEU C 61 -22.87 17.43 -42.63
CA LEU C 61 -21.68 17.70 -41.82
C LEU C 61 -22.09 18.51 -40.60
N GLY C 62 -21.78 18.00 -39.42
CA GLY C 62 -22.20 18.66 -38.19
C GLY C 62 -21.07 18.80 -37.19
N GLY C 63 -20.97 19.98 -36.60
CA GLY C 63 -19.93 20.25 -35.62
C GLY C 63 -20.49 20.93 -34.39
N ARG C 64 -19.70 20.92 -33.32
CA ARG C 64 -20.10 21.56 -32.08
C ARG C 64 -18.89 21.87 -31.23
N LEU C 65 -19.06 22.86 -30.35
CA LEU C 65 -18.02 23.40 -29.48
C LEU C 65 -18.64 23.67 -28.12
N PHE C 66 -18.02 23.16 -27.05
CA PHE C 66 -18.66 23.24 -25.74
C PHE C 66 -17.65 23.60 -24.66
N TYR C 67 -18.18 24.23 -23.60
CA TYR C 67 -17.46 24.65 -22.41
C TYR C 67 -18.35 24.31 -21.21
N ASN C 68 -17.75 23.77 -20.15
CA ASN C 68 -18.55 23.26 -19.03
C ASN C 68 -17.67 23.31 -17.77
N ASP C 69 -17.90 24.32 -16.94
CA ASP C 69 -17.02 24.65 -15.82
C ASP C 69 -17.80 24.52 -14.52
N PHE C 70 -17.42 23.56 -13.69
CA PHE C 70 -18.11 23.29 -12.43
C PHE C 70 -17.20 23.61 -11.25
N GLN C 71 -17.72 24.39 -10.30
CA GLN C 71 -17.02 24.75 -9.06
C GLN C 71 -17.96 24.48 -7.90
N ALA C 72 -17.51 23.67 -6.94
CA ALA C 72 -18.35 23.25 -5.83
C ALA C 72 -18.52 24.32 -4.75
N ASP C 73 -17.86 25.47 -4.90
CA ASP C 73 -18.07 26.57 -3.98
C ASP C 73 -18.39 27.80 -4.82
N ASP C 74 -17.69 28.88 -4.50
CA ASP C 74 -16.66 29.41 -5.42
C ASP C 74 -16.14 30.79 -5.07
N ALA C 75 -16.49 31.31 -3.93
CA ALA C 75 -15.60 32.39 -3.55
C ALA C 75 -14.21 31.87 -3.21
N ASP C 76 -14.12 30.59 -2.80
CA ASP C 76 -12.89 29.98 -2.32
C ASP C 76 -12.14 29.21 -3.39
N LEU C 77 -12.85 28.69 -4.40
CA LEU C 77 -12.31 27.62 -5.24
C LEU C 77 -11.87 26.52 -4.27
N SER C 78 -10.65 25.99 -4.41
CA SER C 78 -10.01 25.14 -3.40
C SER C 78 -10.84 23.92 -3.01
N ASP C 79 -11.98 23.69 -3.64
CA ASP C 79 -12.81 22.51 -3.44
C ASP C 79 -12.94 21.78 -4.77
N TYR C 80 -13.68 20.67 -4.77
CA TYR C 80 -13.81 19.86 -5.98
C TYR C 80 -14.24 20.71 -7.16
N THR C 81 -13.39 20.74 -8.19
CA THR C 81 -13.57 21.60 -9.35
C THR C 81 -13.31 20.80 -10.60
N ASN C 82 -14.24 20.86 -11.56
CA ASN C 82 -14.18 20.05 -12.78
C ASN C 82 -14.48 20.96 -13.97
N LYS C 83 -13.46 21.32 -14.74
CA LYS C 83 -13.65 22.10 -15.94
C LYS C 83 -13.43 21.21 -17.16
N SER C 84 -14.24 21.42 -18.18
CA SER C 84 -14.12 20.67 -19.42
C SER C 84 -14.42 21.60 -20.58
N TYR C 85 -13.81 21.32 -21.72
CA TYR C 85 -14.25 21.93 -22.96
C TYR C 85 -13.85 21.01 -24.11
N GLY C 86 -14.33 21.33 -25.31
CA GLY C 86 -13.93 20.52 -26.43
C GLY C 86 -14.76 20.78 -27.67
N THR C 87 -14.54 19.93 -28.66
CA THR C 87 -15.06 20.11 -30.01
C THR C 87 -15.37 18.75 -30.62
N ASP C 88 -16.38 18.73 -31.48
CA ASP C 88 -16.72 17.55 -32.28
C ASP C 88 -16.98 17.98 -33.70
N VAL C 89 -16.60 17.13 -34.66
CA VAL C 89 -16.97 17.29 -36.05
C VAL C 89 -17.29 15.92 -36.61
N THR C 90 -18.36 15.83 -37.41
CA THR C 90 -18.87 14.54 -37.85
C THR C 90 -19.47 14.66 -39.25
N LEU C 91 -19.46 13.54 -39.97
CA LEU C 91 -20.08 13.40 -41.26
C LEU C 91 -21.17 12.33 -41.17
N GLY C 92 -22.31 12.62 -41.78
CA GLY C 92 -23.44 11.71 -41.81
C GLY C 92 -23.79 11.29 -43.23
N PHE C 93 -23.77 9.97 -43.46
CA PHE C 93 -23.96 9.38 -44.77
C PHE C 93 -25.27 8.60 -44.82
N PRO C 94 -26.27 9.06 -45.56
CA PRO C 94 -27.38 8.17 -45.91
C PRO C 94 -26.97 7.23 -47.04
N ILE C 95 -27.53 6.02 -46.99
CA ILE C 95 -27.26 5.02 -48.02
C ILE C 95 -28.57 4.32 -48.38
N ASN C 96 -29.06 3.49 -47.46
CA ASN C 96 -30.44 3.03 -47.53
C ASN C 96 -31.34 4.07 -46.91
N GLU C 97 -32.58 4.17 -47.42
CA GLU C 97 -33.50 5.15 -46.89
C GLU C 97 -33.83 4.88 -45.42
N TYR C 98 -33.68 3.63 -44.99
CA TYR C 98 -33.87 3.30 -43.58
C TYR C 98 -32.66 3.69 -42.72
N ASN C 99 -31.49 3.80 -43.32
CA ASN C 99 -30.23 3.76 -42.58
C ASN C 99 -29.43 5.06 -42.73
N SER C 100 -28.47 5.20 -41.83
CA SER C 100 -27.45 6.24 -41.93
C SER C 100 -26.23 5.77 -41.15
N LEU C 101 -25.05 6.21 -41.58
CA LEU C 101 -23.82 6.00 -40.85
C LEU C 101 -23.21 7.34 -40.49
N ARG C 102 -22.37 7.35 -39.47
CA ARG C 102 -21.75 8.57 -38.98
C ARG C 102 -20.31 8.31 -38.63
N ALA C 103 -19.43 9.23 -39.00
CA ALA C 103 -18.01 9.13 -38.67
C ALA C 103 -17.46 10.51 -38.40
N GLY C 104 -16.66 10.65 -37.34
CA GLY C 104 -16.15 11.97 -37.01
C GLY C 104 -15.01 11.90 -36.01
N LEU C 105 -14.52 13.08 -35.67
CA LEU C 105 -13.40 13.26 -34.75
C LEU C 105 -13.80 14.20 -33.62
N GLY C 106 -13.28 13.94 -32.43
CA GLY C 106 -13.59 14.77 -31.28
C GLY C 106 -12.35 15.01 -30.43
N TYR C 107 -12.37 16.14 -29.72
CA TYR C 107 -11.31 16.52 -28.79
C TYR C 107 -11.96 17.02 -27.51
N VAL C 108 -11.41 16.61 -26.37
CA VAL C 108 -11.95 16.97 -25.06
C VAL C 108 -10.81 17.26 -24.10
N HIS C 109 -10.85 18.42 -23.47
CA HIS C 109 -9.93 18.76 -22.39
C HIS C 109 -10.66 18.73 -21.06
N ASN C 110 -10.03 18.12 -20.05
CA ASN C 110 -10.60 17.96 -18.73
C ASN C 110 -9.57 18.34 -17.67
N SER C 111 -9.94 19.28 -16.79
CA SER C 111 -9.11 19.72 -15.68
C SER C 111 -9.85 19.44 -14.38
N LEU C 112 -9.14 18.84 -13.42
CA LEU C 112 -9.70 18.48 -12.12
C LEU C 112 -8.84 19.08 -11.02
N SER C 113 -9.49 19.65 -10.02
CA SER C 113 -8.80 20.19 -8.85
C SER C 113 -9.52 19.71 -7.59
N ASN C 114 -8.74 19.20 -6.63
CA ASN C 114 -9.22 18.98 -5.26
C ASN C 114 -10.38 18.00 -5.21
N MET C 115 -10.28 16.91 -5.96
CA MET C 115 -11.32 15.89 -5.94
C MET C 115 -11.24 15.08 -4.65
N GLN C 116 -12.41 14.74 -4.10
CA GLN C 116 -12.46 14.04 -2.82
C GLN C 116 -12.03 12.58 -3.00
N PRO C 117 -11.12 12.08 -2.18
CA PRO C 117 -10.58 10.71 -2.39
C PRO C 117 -11.64 9.64 -2.21
N GLN C 118 -11.86 8.86 -3.28
CA GLN C 118 -12.72 7.69 -3.23
C GLN C 118 -12.08 6.60 -4.08
N VAL C 119 -12.52 5.36 -3.87
CA VAL C 119 -11.80 4.20 -4.39
C VAL C 119 -11.76 4.21 -5.92
N ALA C 120 -12.93 4.27 -6.56
CA ALA C 120 -13.00 4.07 -8.00
C ALA C 120 -12.21 5.12 -8.76
N MET C 121 -12.49 6.40 -8.49
CA MET C 121 -11.72 7.49 -9.11
C MET C 121 -10.22 7.25 -8.98
N TRP C 122 -9.79 6.80 -7.80
CA TRP C 122 -8.37 6.71 -7.55
C TRP C 122 -7.77 5.41 -8.06
N ARG C 123 -8.58 4.36 -8.23
CA ARG C 123 -8.15 3.24 -9.05
C ARG C 123 -7.83 3.70 -10.46
N TYR C 124 -8.70 4.53 -11.04
CA TYR C 124 -8.43 5.07 -12.38
C TYR C 124 -7.16 5.92 -12.38
N LEU C 125 -7.03 6.82 -11.41
CA LEU C 125 -5.86 7.70 -11.35
C LEU C 125 -4.58 6.89 -11.21
N TYR C 126 -4.57 5.90 -10.32
CA TYR C 126 -3.45 4.97 -10.20
C TYR C 126 -3.16 4.31 -11.55
N SER C 127 -4.21 3.90 -12.27
CA SER C 127 -4.01 3.26 -13.56
C SER C 127 -3.39 4.21 -14.59
N MET C 128 -3.65 5.51 -14.45
CA MET C 128 -3.06 6.50 -15.36
C MET C 128 -1.63 6.87 -14.99
N GLY C 129 -1.06 6.25 -13.95
CA GLY C 129 0.26 6.63 -13.49
C GLY C 129 0.29 7.80 -12.52
N GLU C 130 -0.86 8.25 -12.05
CA GLU C 130 -0.95 9.33 -11.07
C GLU C 130 -1.21 8.73 -9.69
N HIS C 131 -0.45 9.18 -8.70
CA HIS C 131 -0.56 8.68 -7.32
C HIS C 131 -0.83 9.84 -6.36
N PRO C 132 -2.07 10.28 -6.26
CA PRO C 132 -2.41 11.27 -5.24
C PRO C 132 -2.57 10.59 -3.88
N SER C 133 -2.86 11.42 -2.87
CA SER C 133 -2.56 11.03 -1.50
C SER C 133 -3.53 10.00 -0.95
N THR C 134 -4.82 10.35 -0.88
CA THR C 134 -5.95 9.68 -0.22
C THR C 134 -6.11 10.20 1.21
N SER C 135 -5.30 11.17 1.64
CA SER C 135 -5.43 11.73 2.97
C SER C 135 -5.88 13.18 2.98
N ASP C 136 -6.00 13.80 1.81
CA ASP C 136 -6.35 15.21 1.72
C ASP C 136 -6.92 15.50 0.35
N GLN C 137 -7.50 16.70 0.21
CA GLN C 137 -8.03 17.17 -1.06
C GLN C 137 -7.02 18.00 -1.84
N ASP C 138 -5.73 17.83 -1.59
CA ASP C 138 -4.70 18.54 -2.35
C ASP C 138 -4.29 17.63 -3.50
N ASN C 139 -4.99 17.76 -4.62
CA ASN C 139 -4.69 16.96 -5.81
C ASN C 139 -5.16 17.73 -7.04
N SER C 140 -4.78 17.20 -8.20
CA SER C 140 -5.18 17.80 -9.47
C SER C 140 -4.89 16.81 -10.59
N PHE C 141 -5.48 17.09 -11.75
CA PHE C 141 -5.27 16.26 -12.94
C PHE C 141 -5.67 17.08 -14.16
N LYS C 142 -5.09 16.75 -15.31
CA LYS C 142 -5.36 17.51 -16.52
C LYS C 142 -5.07 16.65 -17.74
N THR C 143 -6.05 16.48 -18.61
CA THR C 143 -5.95 15.57 -19.74
C THR C 143 -6.48 16.19 -21.02
N ASP C 144 -5.80 15.92 -22.13
CA ASP C 144 -6.28 16.19 -23.48
C ASP C 144 -6.57 14.84 -24.15
N ASP C 145 -7.80 14.67 -24.62
CA ASP C 145 -8.23 13.44 -25.26
C ASP C 145 -8.64 13.72 -26.69
N PHE C 146 -8.31 12.78 -27.58
CA PHE C 146 -8.74 12.80 -28.97
C PHE C 146 -9.38 11.46 -29.29
N THR C 147 -10.51 11.50 -29.99
CA THR C 147 -11.30 10.29 -30.24
C THR C 147 -11.81 10.26 -31.67
N PHE C 148 -11.94 9.05 -32.19
CA PHE C 148 -12.68 8.76 -33.41
C PHE C 148 -14.06 8.22 -33.01
N ASN C 149 -15.10 8.90 -33.45
CA ASN C 149 -16.48 8.55 -33.15
C ASN C 149 -17.14 7.98 -34.39
N TYR C 150 -17.97 6.96 -34.19
CA TYR C 150 -18.67 6.34 -35.31
C TYR C 150 -20.07 5.92 -34.86
N GLY C 151 -20.91 5.59 -35.82
CA GLY C 151 -22.26 5.19 -35.49
C GLY C 151 -23.03 4.70 -36.70
N TRP C 152 -24.10 3.97 -36.41
CA TRP C 152 -25.03 3.47 -37.42
C TRP C 152 -26.45 3.53 -36.85
N THR C 153 -27.36 4.14 -37.61
CA THR C 153 -28.74 4.32 -37.18
C THR C 153 -29.67 3.72 -38.21
N TYR C 154 -30.63 2.92 -37.74
CA TYR C 154 -31.64 2.27 -38.56
C TYR C 154 -33.00 2.69 -38.03
N ASN C 155 -33.88 3.19 -38.91
CA ASN C 155 -35.07 3.90 -38.46
C ASN C 155 -36.28 3.52 -39.33
N LYS C 156 -36.56 2.22 -39.41
CA LYS C 156 -37.70 1.75 -40.21
C LYS C 156 -38.89 1.49 -39.28
N LEU C 157 -39.44 2.58 -38.75
CA LEU C 157 -40.76 2.55 -38.13
C LEU C 157 -41.67 3.44 -38.97
N ASP C 158 -42.90 2.98 -39.20
CA ASP C 158 -43.66 3.46 -40.34
C ASP C 158 -43.98 4.95 -40.24
N ARG C 159 -44.09 5.50 -39.04
CA ARG C 159 -44.37 6.91 -38.84
C ARG C 159 -43.61 7.41 -37.62
N GLY C 160 -43.20 8.67 -37.67
CA GLY C 160 -42.17 9.15 -36.76
C GLY C 160 -42.65 9.98 -35.59
N TYR C 161 -43.82 10.61 -35.59
CA TYR C 161 -44.06 11.35 -34.33
C TYR C 161 -44.50 10.38 -33.24
N PHE C 162 -45.35 9.41 -33.58
CA PHE C 162 -45.90 8.52 -32.58
C PHE C 162 -45.86 7.11 -33.16
N PRO C 163 -44.79 6.35 -32.92
CA PRO C 163 -44.58 5.11 -33.69
C PRO C 163 -45.66 4.08 -33.43
N THR C 164 -45.86 3.20 -34.41
CA THR C 164 -46.88 2.16 -34.33
C THR C 164 -46.39 0.77 -34.74
N ASP C 165 -45.31 0.66 -35.51
CA ASP C 165 -44.80 -0.63 -35.95
C ASP C 165 -43.37 -0.42 -36.44
N GLY C 166 -42.53 -1.41 -36.20
CA GLY C 166 -41.15 -1.33 -36.67
C GLY C 166 -40.20 -0.97 -35.56
N SER C 167 -38.94 -0.73 -35.95
CA SER C 167 -37.89 -0.55 -34.95
C SER C 167 -37.04 0.67 -35.26
N ARG C 168 -36.47 1.23 -34.20
CA ARG C 168 -35.39 2.21 -34.28
C ARG C 168 -34.20 1.67 -33.50
N VAL C 169 -33.07 1.51 -34.18
CA VAL C 169 -31.84 1.00 -33.60
C VAL C 169 -30.76 2.05 -33.80
N ASN C 170 -29.96 2.30 -32.76
CA ASN C 170 -28.88 3.28 -32.84
C ASN C 170 -27.66 2.72 -32.14
N LEU C 171 -26.56 2.60 -32.87
CA LEU C 171 -25.29 2.16 -32.32
C LEU C 171 -24.28 3.29 -32.46
N THR C 172 -23.68 3.71 -31.35
CA THR C 172 -22.71 4.80 -31.37
C THR C 172 -21.49 4.39 -30.56
N GLY C 173 -20.31 4.75 -31.03
CA GLY C 173 -19.08 4.26 -30.43
C GLY C 173 -17.94 5.24 -30.55
N LYS C 174 -16.95 5.04 -29.68
CA LYS C 174 -15.76 5.87 -29.57
C LYS C 174 -14.53 4.99 -29.42
N VAL C 175 -13.42 5.40 -30.04
CA VAL C 175 -12.11 4.82 -29.80
C VAL C 175 -11.09 5.96 -29.76
N THR C 176 -10.26 5.99 -28.71
CA THR C 176 -9.22 7.02 -28.66
C THR C 176 -8.21 6.82 -29.80
N ILE C 177 -7.87 7.92 -30.47
CA ILE C 177 -6.84 7.89 -31.51
C ILE C 177 -5.49 8.15 -30.86
N PRO C 178 -4.41 7.58 -31.37
CA PRO C 178 -3.10 7.74 -30.72
C PRO C 178 -2.70 9.20 -30.60
N GLY C 179 -2.16 9.56 -29.43
CA GLY C 179 -1.84 10.92 -29.08
C GLY C 179 -2.62 11.47 -27.92
N SER C 180 -3.74 10.82 -27.56
CA SER C 180 -4.56 11.28 -26.45
C SER C 180 -3.98 10.81 -25.12
N ASP C 181 -4.27 11.57 -24.06
CA ASP C 181 -3.82 11.18 -22.73
C ASP C 181 -4.56 9.93 -22.26
N ASN C 182 -5.88 9.97 -22.26
CA ASN C 182 -6.66 8.78 -21.98
C ASN C 182 -6.70 7.88 -23.21
N GLU C 183 -6.85 6.58 -22.97
CA GLU C 183 -6.94 5.59 -24.05
C GLU C 183 -8.07 4.64 -23.71
N TYR C 184 -9.19 4.76 -24.42
CA TYR C 184 -10.37 3.97 -24.08
C TYR C 184 -11.21 3.70 -25.33
N TYR C 185 -12.13 2.76 -25.17
CA TYR C 185 -13.15 2.46 -26.18
C TYR C 185 -14.50 2.37 -25.49
N LYS C 186 -15.56 2.66 -26.26
CA LYS C 186 -16.91 2.75 -25.72
C LYS C 186 -17.93 2.46 -26.82
N VAL C 187 -18.99 1.74 -26.46
CA VAL C 187 -20.11 1.47 -27.36
C VAL C 187 -21.41 1.62 -26.57
N THR C 188 -22.41 2.21 -27.22
CA THR C 188 -23.75 2.43 -26.67
C THR C 188 -24.77 2.07 -27.75
N LEU C 189 -25.72 1.22 -27.40
CA LEU C 189 -26.70 0.71 -28.36
C LEU C 189 -28.10 0.87 -27.79
N ASP C 190 -28.92 1.68 -28.43
CA ASP C 190 -30.32 1.83 -28.10
C ASP C 190 -31.16 1.04 -29.11
N THR C 191 -32.14 0.30 -28.61
CA THR C 191 -33.02 -0.49 -29.46
C THR C 191 -34.45 -0.27 -29.01
N ALA C 192 -35.34 0.01 -29.96
CA ALA C 192 -36.76 0.15 -29.67
C ALA C 192 -37.56 -0.57 -30.75
N THR C 193 -38.53 -1.38 -30.33
CA THR C 193 -39.32 -2.20 -31.23
C THR C 193 -40.79 -2.05 -30.88
N TYR C 194 -41.56 -1.51 -31.81
CA TYR C 194 -43.01 -1.37 -31.71
C TYR C 194 -43.68 -2.50 -32.50
N VAL C 195 -44.59 -3.22 -31.84
CA VAL C 195 -45.37 -4.26 -32.46
C VAL C 195 -46.85 -3.88 -32.29
N PRO C 196 -47.59 -3.65 -33.37
CA PRO C 196 -49.00 -3.30 -33.24
C PRO C 196 -49.84 -4.51 -32.91
N ILE C 197 -50.88 -4.29 -32.12
CA ILE C 197 -51.65 -5.39 -31.55
C ILE C 197 -53.09 -5.44 -32.05
N ASP C 198 -53.66 -4.34 -32.54
CA ASP C 198 -54.92 -4.39 -33.25
C ASP C 198 -54.75 -3.80 -34.64
N ASP C 199 -55.73 -4.08 -35.51
CA ASP C 199 -55.63 -3.66 -36.90
C ASP C 199 -55.61 -2.15 -37.05
N ASP C 200 -56.16 -1.44 -36.07
CA ASP C 200 -56.18 0.03 -36.09
C ASP C 200 -54.96 0.63 -35.43
N HIS C 201 -54.11 -0.18 -34.79
CA HIS C 201 -52.85 0.26 -34.19
C HIS C 201 -53.08 1.24 -33.04
N LYS C 202 -54.16 1.05 -32.29
CA LYS C 202 -54.40 1.83 -31.09
C LYS C 202 -53.84 1.16 -29.83
N TRP C 203 -53.68 -0.16 -29.84
CA TRP C 203 -52.95 -0.88 -28.80
C TRP C 203 -51.64 -1.37 -29.40
N VAL C 204 -50.52 -1.07 -28.74
CA VAL C 204 -49.20 -1.43 -29.22
C VAL C 204 -48.41 -2.03 -28.06
N VAL C 205 -47.39 -2.81 -28.40
CA VAL C 205 -46.42 -3.30 -27.43
C VAL C 205 -45.04 -2.80 -27.82
N LEU C 206 -44.38 -2.09 -26.92
CA LEU C 206 -43.03 -1.56 -27.14
C LEU C 206 -42.05 -2.32 -26.27
N GLY C 207 -41.07 -2.96 -26.91
CA GLY C 207 -39.88 -3.43 -26.23
C GLY C 207 -38.77 -2.42 -26.44
N ARG C 208 -37.92 -2.26 -25.43
CA ARG C 208 -36.86 -1.26 -25.52
C ARG C 208 -35.68 -1.71 -24.69
N THR C 209 -34.48 -1.34 -25.11
CA THR C 209 -33.29 -1.69 -24.36
C THR C 209 -32.17 -0.69 -24.65
N ARG C 210 -31.34 -0.48 -23.64
CA ARG C 210 -30.10 0.27 -23.76
C ARG C 210 -28.95 -0.63 -23.30
N TRP C 211 -27.88 -0.65 -24.08
CA TRP C 211 -26.68 -1.39 -23.73
C TRP C 211 -25.49 -0.45 -23.79
N GLY C 212 -24.56 -0.62 -22.86
CA GLY C 212 -23.38 0.22 -22.87
C GLY C 212 -22.17 -0.48 -22.28
N TYR C 213 -21.07 -0.52 -23.04
CA TYR C 213 -19.85 -1.13 -22.52
C TYR C 213 -18.68 -0.27 -22.94
N GLY C 214 -17.60 -0.36 -22.17
CA GLY C 214 -16.44 0.44 -22.45
C GLY C 214 -15.33 0.10 -21.47
N ASP C 215 -14.11 0.41 -21.88
CA ASP C 215 -12.96 0.05 -21.07
C ASP C 215 -11.73 0.81 -21.54
N GLY C 216 -10.68 0.76 -20.72
CA GLY C 216 -9.41 1.30 -21.12
C GLY C 216 -8.55 0.29 -21.86
N LEU C 217 -7.54 0.80 -22.55
CA LEU C 217 -6.69 -0.02 -23.41
C LEU C 217 -5.32 -0.20 -22.78
N GLY C 218 -4.83 -1.44 -22.82
CA GLY C 218 -3.46 -1.74 -22.41
C GLY C 218 -3.16 -1.61 -20.94
N GLY C 219 -4.17 -1.61 -20.08
CA GLY C 219 -3.96 -1.47 -18.65
C GLY C 219 -4.44 -0.16 -18.08
N LYS C 220 -4.84 0.80 -18.90
CA LYS C 220 -5.48 2.00 -18.38
C LYS C 220 -6.95 1.71 -18.08
N GLU C 221 -7.51 2.51 -17.17
CA GLU C 221 -8.93 2.41 -16.87
C GLU C 221 -9.73 3.35 -17.77
N MET C 222 -11.01 3.07 -17.90
CA MET C 222 -11.89 3.98 -18.63
C MET C 222 -12.02 5.29 -17.86
N PRO C 223 -11.90 6.44 -18.52
CA PRO C 223 -12.02 7.71 -17.79
C PRO C 223 -13.34 7.81 -17.05
N PHE C 224 -13.27 8.31 -15.82
CA PHE C 224 -14.46 8.36 -14.97
C PHE C 224 -15.52 9.30 -15.53
N TYR C 225 -15.11 10.29 -16.33
CA TYR C 225 -16.09 11.22 -16.89
C TYR C 225 -16.84 10.65 -18.08
N GLU C 226 -16.56 9.41 -18.45
CA GLU C 226 -17.28 8.72 -19.52
C GLU C 226 -18.15 7.59 -18.98
N ASN C 227 -18.38 7.54 -17.67
CA ASN C 227 -19.12 6.44 -17.08
C ASN C 227 -20.59 6.46 -17.52
N PHE C 228 -21.25 5.32 -17.34
CA PHE C 228 -22.68 5.21 -17.58
C PHE C 228 -23.46 5.42 -16.28
N TYR C 229 -24.54 6.19 -16.36
CA TYR C 229 -25.46 6.39 -15.26
C TYR C 229 -26.87 6.00 -15.71
N ALA C 230 -27.62 5.38 -14.81
CA ALA C 230 -28.99 4.95 -15.12
C ALA C 230 -29.95 5.49 -14.06
N GLY C 231 -31.22 5.54 -14.43
CA GLY C 231 -32.26 6.04 -13.56
C GLY C 231 -32.86 7.31 -14.13
N GLY C 232 -34.17 7.45 -14.00
CA GLY C 232 -34.87 8.63 -14.44
C GLY C 232 -35.86 8.33 -15.55
N SER C 233 -36.38 9.40 -16.14
CA SER C 233 -37.41 9.26 -17.18
C SER C 233 -36.85 8.58 -18.43
N SER C 234 -35.58 8.85 -18.76
CA SER C 234 -35.01 8.35 -20.00
C SER C 234 -34.68 6.87 -19.95
N THR C 235 -34.49 6.31 -18.75
CA THR C 235 -33.98 4.95 -18.63
C THR C 235 -34.89 4.07 -17.77
N VAL C 236 -34.71 4.12 -16.46
CA VAL C 236 -35.49 3.33 -15.51
C VAL C 236 -36.17 4.31 -14.58
N ARG C 237 -37.45 4.58 -14.81
CA ARG C 237 -38.16 5.57 -14.01
C ARG C 237 -38.70 4.95 -12.73
N GLY C 238 -38.94 5.82 -11.74
CA GLY C 238 -39.12 5.40 -10.37
C GLY C 238 -37.89 5.61 -9.51
N PHE C 239 -36.74 5.89 -10.13
CA PHE C 239 -35.51 6.22 -9.45
C PHE C 239 -35.14 7.67 -9.75
N GLN C 240 -34.34 8.26 -8.87
CA GLN C 240 -33.83 9.59 -9.17
C GLN C 240 -32.86 9.52 -10.34
N SER C 241 -32.80 10.61 -11.10
CA SER C 241 -32.03 10.62 -12.34
C SER C 241 -30.56 10.31 -12.09
N ASN C 242 -30.06 9.29 -12.79
CA ASN C 242 -28.64 8.93 -12.83
C ASN C 242 -28.11 8.44 -11.49
N THR C 243 -28.96 7.90 -10.62
CA THR C 243 -28.52 7.44 -9.31
C THR C 243 -28.35 5.93 -9.22
N ILE C 244 -28.73 5.17 -10.24
CA ILE C 244 -28.60 3.73 -10.20
C ILE C 244 -27.15 3.34 -10.42
N GLY C 245 -26.69 2.32 -9.71
CA GLY C 245 -25.39 1.74 -9.97
C GLY C 245 -24.42 1.84 -8.81
N PRO C 246 -23.14 1.77 -9.13
CA PRO C 246 -22.11 1.84 -8.07
C PRO C 246 -22.18 3.16 -7.32
N LYS C 247 -21.90 3.09 -6.02
CA LYS C 247 -21.83 4.26 -5.16
C LYS C 247 -20.39 4.48 -4.72
N ALA C 248 -20.08 5.74 -4.42
CA ALA C 248 -18.74 6.07 -3.97
C ALA C 248 -18.51 5.58 -2.55
N VAL C 249 -17.34 4.98 -2.32
CA VAL C 249 -16.83 4.73 -0.97
C VAL C 249 -15.58 5.58 -0.81
N TYR C 250 -15.55 6.39 0.25
CA TYR C 250 -14.54 7.42 0.40
C TYR C 250 -13.43 6.96 1.33
N PHE C 251 -12.23 7.45 1.08
CA PHE C 251 -11.16 7.30 2.04
C PHE C 251 -11.27 8.38 3.12
N PRO C 252 -10.90 8.06 4.35
CA PRO C 252 -10.85 9.10 5.40
C PRO C 252 -9.82 10.15 5.03
N HIS C 253 -10.23 11.42 5.03
CA HIS C 253 -9.37 12.48 4.55
C HIS C 253 -9.76 13.80 5.21
N GLN C 254 -8.87 14.77 5.08
CA GLN C 254 -9.11 16.14 5.54
C GLN C 254 -9.79 16.93 4.43
N ALA C 255 -11.04 17.31 4.66
CA ALA C 255 -11.76 18.13 3.69
C ALA C 255 -11.17 19.54 3.64
N SER C 256 -11.10 20.09 2.44
CA SER C 256 -10.43 21.36 2.17
C SER C 256 -11.25 22.58 2.58
N ASN C 257 -12.57 22.54 2.39
CA ASN C 257 -13.46 23.65 2.78
C ASN C 257 -14.42 23.14 3.85
N TYR C 258 -13.95 23.09 5.09
CA TYR C 258 -14.70 22.45 6.17
C TYR C 258 -15.49 23.46 6.99
N ASP C 259 -16.62 23.01 7.51
CA ASP C 259 -17.49 23.78 8.41
C ASP C 259 -18.27 22.79 9.25
N PRO C 260 -18.01 22.73 10.57
CA PRO C 260 -18.65 21.69 11.41
C PRO C 260 -20.17 21.81 11.47
N ASP C 261 -20.73 22.95 11.07
CA ASP C 261 -22.18 23.10 11.03
C ASP C 261 -22.81 22.38 9.85
N TYR C 262 -22.02 21.80 8.96
CA TYR C 262 -22.52 21.13 7.76
C TYR C 262 -22.10 19.66 7.77
N ASP C 263 -22.52 18.94 6.74
CA ASP C 263 -22.44 17.48 6.71
C ASP C 263 -21.34 17.02 5.76
N TYR C 264 -20.60 15.99 6.17
CA TYR C 264 -19.47 15.50 5.38
C TYR C 264 -19.42 13.98 5.40
N GLU C 265 -18.66 13.42 4.47
CA GLU C 265 -18.52 11.98 4.31
C GLU C 265 -17.06 11.59 4.53
N CYS C 266 -16.82 10.74 5.52
CA CYS C 266 -15.48 10.25 5.88
C CYS C 266 -14.47 11.40 5.96
N ALA C 267 -14.90 12.50 6.58
CA ALA C 267 -14.00 13.60 6.87
C ALA C 267 -13.19 13.28 8.11
N THR C 268 -11.88 13.55 8.06
CA THR C 268 -11.03 13.17 9.18
C THR C 268 -11.26 14.07 10.39
N GLN C 269 -11.77 15.29 10.20
CA GLN C 269 -12.14 16.15 11.31
C GLN C 269 -13.58 15.90 11.75
N ASP C 270 -14.16 14.76 11.39
CA ASP C 270 -15.36 14.23 12.02
C ASP C 270 -15.08 12.90 12.70
N GLY C 271 -13.83 12.46 12.71
CA GLY C 271 -13.44 11.24 13.42
C GLY C 271 -13.37 10.00 12.55
N ALA C 272 -13.13 10.14 11.26
CA ALA C 272 -13.16 9.02 10.33
C ALA C 272 -11.79 8.33 10.28
N LYS C 273 -11.79 7.01 10.42
CA LYS C 273 -10.56 6.23 10.33
C LYS C 273 -10.61 5.20 9.22
N ASP C 274 -11.73 4.50 9.08
CA ASP C 274 -11.95 3.55 8.01
C ASP C 274 -12.59 4.26 6.83
N LEU C 275 -12.60 3.56 5.70
CA LEU C 275 -13.39 4.01 4.57
C LEU C 275 -14.86 3.68 4.81
N CYS C 276 -15.75 4.53 4.28
CA CYS C 276 -17.17 4.40 4.56
C CYS C 276 -18.01 4.49 3.29
N LYS C 277 -19.05 3.65 3.24
CA LYS C 277 -19.98 3.60 2.13
C LYS C 277 -20.93 4.79 2.16
N SER C 278 -21.40 5.21 0.99
CA SER C 278 -22.22 6.41 0.86
C SER C 278 -23.36 6.18 -0.11
N ASP C 279 -24.21 7.20 -0.25
CA ASP C 279 -25.27 7.23 -1.26
C ASP C 279 -24.81 7.80 -2.59
N ASP C 280 -23.59 8.34 -2.65
CA ASP C 280 -23.14 9.12 -3.80
C ASP C 280 -22.92 8.21 -5.01
N ALA C 281 -23.76 8.38 -6.02
CA ALA C 281 -23.61 7.61 -7.26
C ALA C 281 -22.45 8.13 -8.09
N VAL C 282 -21.73 7.22 -8.73
CA VAL C 282 -20.52 7.57 -9.47
C VAL C 282 -20.53 6.89 -10.85
N GLY C 283 -21.57 6.10 -11.12
CA GLY C 283 -21.69 5.42 -12.39
C GLY C 283 -20.67 4.30 -12.55
N GLY C 284 -20.74 3.63 -13.70
CA GLY C 284 -19.85 2.52 -13.98
C GLY C 284 -19.40 2.47 -15.42
N ASN C 285 -18.66 1.44 -15.80
CA ASN C 285 -18.23 1.28 -17.19
C ASN C 285 -19.13 0.36 -17.99
N ALA C 286 -20.11 -0.29 -17.37
CA ALA C 286 -21.03 -1.16 -18.08
C ALA C 286 -22.45 -0.91 -17.62
N MET C 287 -23.41 -1.08 -18.53
CA MET C 287 -24.80 -0.77 -18.24
C MET C 287 -25.70 -1.61 -19.16
N ALA C 288 -26.81 -2.08 -18.60
CA ALA C 288 -27.84 -2.75 -19.40
C ALA C 288 -29.19 -2.42 -18.80
N VAL C 289 -30.08 -1.85 -19.61
CA VAL C 289 -31.46 -1.59 -19.19
C VAL C 289 -32.40 -2.09 -20.27
N ALA C 290 -33.63 -2.38 -19.85
CA ALA C 290 -34.69 -2.83 -20.73
C ALA C 290 -36.02 -2.28 -20.21
N SER C 291 -37.04 -2.34 -21.07
CA SER C 291 -38.34 -1.79 -20.74
C SER C 291 -39.39 -2.43 -21.62
N LEU C 292 -40.49 -2.85 -21.01
CA LEU C 292 -41.67 -3.33 -21.74
C LEU C 292 -42.83 -2.40 -21.42
N GLU C 293 -43.36 -1.74 -22.44
CA GLU C 293 -44.49 -0.83 -22.30
C GLU C 293 -45.65 -1.36 -23.12
N PHE C 294 -46.78 -1.57 -22.48
CA PHE C 294 -48.03 -1.84 -23.17
C PHE C 294 -48.70 -0.49 -23.42
N ILE C 295 -48.68 -0.04 -24.67
CA ILE C 295 -49.36 1.17 -25.10
C ILE C 295 -50.83 0.85 -25.30
N THR C 296 -51.70 1.58 -24.62
CA THR C 296 -53.13 1.35 -24.66
C THR C 296 -53.84 2.64 -25.05
N PRO C 297 -55.07 2.54 -25.53
CA PRO C 297 -55.92 3.73 -25.64
C PRO C 297 -56.12 4.39 -24.29
N THR C 298 -56.34 5.69 -24.33
CA THR C 298 -56.50 6.46 -23.11
C THR C 298 -57.78 6.06 -22.38
N PRO C 299 -57.71 5.78 -21.08
CA PRO C 299 -58.90 5.32 -20.37
C PRO C 299 -60.00 6.33 -20.16
N PHE C 300 -59.84 7.61 -20.51
CA PHE C 300 -61.01 8.47 -20.55
C PHE C 300 -60.73 9.73 -21.32
N ILE C 301 -60.31 9.67 -22.63
CA ILE C 301 -60.18 10.82 -23.51
C ILE C 301 -60.77 10.48 -24.89
N SER C 302 -61.25 11.51 -25.58
CA SER C 302 -61.89 11.32 -26.88
C SER C 302 -60.85 11.20 -27.99
N ASP C 303 -61.27 10.60 -29.10
CA ASP C 303 -60.29 10.07 -30.04
C ASP C 303 -59.79 11.09 -31.04
N LYS C 304 -60.51 12.20 -31.22
CA LYS C 304 -60.07 13.14 -32.24
C LYS C 304 -58.90 13.96 -31.77
N TYR C 305 -58.87 14.30 -30.49
CA TYR C 305 -57.72 15.02 -29.98
C TYR C 305 -56.65 14.10 -29.40
N ALA C 306 -56.89 12.79 -29.41
CA ALA C 306 -55.96 11.81 -28.83
C ALA C 306 -54.72 11.62 -29.68
N ASN C 307 -54.70 12.14 -30.91
CA ASN C 307 -53.49 12.08 -31.71
C ASN C 307 -52.34 12.87 -31.11
N SER C 308 -52.54 13.54 -29.99
CA SER C 308 -51.47 14.24 -29.29
C SER C 308 -51.13 13.60 -27.95
N VAL C 309 -51.71 12.45 -27.63
CA VAL C 309 -51.62 11.82 -26.32
C VAL C 309 -51.41 10.33 -26.49
N ARG C 310 -50.69 9.73 -25.54
CA ARG C 310 -50.44 8.29 -25.51
C ARG C 310 -50.38 7.83 -24.07
N THR C 311 -50.85 6.61 -23.80
CA THR C 311 -50.90 6.06 -22.45
C THR C 311 -50.28 4.66 -22.45
N SER C 312 -49.52 4.34 -21.39
CA SER C 312 -48.86 3.05 -21.34
C SER C 312 -48.75 2.54 -19.91
N PHE C 313 -48.75 1.21 -19.79
CA PHE C 313 -48.42 0.49 -18.56
C PHE C 313 -47.05 -0.16 -18.77
N PHE C 314 -46.07 0.17 -17.95
CA PHE C 314 -44.69 -0.22 -18.23
C PHE C 314 -44.04 -0.92 -17.05
N TRP C 315 -42.88 -1.47 -17.42
CA TRP C 315 -42.00 -2.37 -16.66
C TRP C 315 -40.55 -2.03 -17.05
N ASP C 316 -39.78 -1.37 -16.18
CA ASP C 316 -38.39 -1.06 -16.53
C ASP C 316 -37.44 -1.87 -15.66
N MET C 317 -36.38 -2.38 -16.27
CA MET C 317 -35.30 -3.09 -15.61
C MET C 317 -33.99 -2.42 -15.96
N GLY C 318 -33.03 -2.46 -15.04
CA GLY C 318 -31.77 -1.80 -15.31
C GLY C 318 -30.67 -2.08 -14.32
N THR C 319 -29.42 -2.07 -14.80
CA THR C 319 -28.27 -2.29 -13.94
C THR C 319 -27.06 -1.56 -14.52
N VAL C 320 -26.19 -1.09 -13.62
CA VAL C 320 -24.93 -0.45 -13.97
C VAL C 320 -23.85 -1.04 -13.07
N TRP C 321 -22.69 -1.37 -13.67
CA TRP C 321 -21.64 -1.97 -12.87
C TRP C 321 -20.26 -1.55 -13.38
N ASP C 322 -19.27 -1.76 -12.51
CA ASP C 322 -17.88 -1.40 -12.72
C ASP C 322 -17.06 -2.69 -12.84
N THR C 323 -16.60 -2.97 -14.06
CA THR C 323 -15.93 -4.25 -14.33
C THR C 323 -14.66 -4.42 -13.52
N ASN C 324 -13.92 -3.33 -13.27
CA ASN C 324 -12.62 -3.42 -12.63
C ASN C 324 -12.68 -3.19 -11.12
N TRP C 325 -13.85 -3.35 -10.51
CA TRP C 325 -13.95 -3.26 -9.06
C TRP C 325 -13.42 -4.54 -8.43
N ASP C 326 -12.56 -4.40 -7.42
CA ASP C 326 -11.91 -5.53 -6.78
C ASP C 326 -12.83 -6.09 -5.70
N SER C 327 -13.53 -7.17 -6.02
CA SER C 327 -14.42 -7.83 -5.07
C SER C 327 -13.67 -8.47 -3.91
N SER C 328 -12.34 -8.60 -4.00
CA SER C 328 -11.56 -9.24 -2.95
C SER C 328 -10.93 -8.25 -1.99
N GLN C 329 -10.42 -7.12 -2.49
CA GLN C 329 -9.77 -6.14 -1.63
C GLN C 329 -10.73 -5.48 -0.65
N TYR C 330 -12.02 -5.46 -0.97
CA TYR C 330 -13.04 -4.83 -0.12
C TYR C 330 -14.09 -5.90 0.18
N SER C 331 -13.74 -6.80 1.10
CA SER C 331 -14.54 -8.01 1.31
C SER C 331 -15.92 -7.69 1.86
N GLY C 332 -15.98 -6.89 2.92
CA GLY C 332 -17.25 -6.57 3.54
C GLY C 332 -18.08 -5.53 2.83
N TYR C 333 -17.59 -4.99 1.70
CA TYR C 333 -18.23 -3.94 0.93
C TYR C 333 -18.86 -4.51 -0.33
N PRO C 334 -20.00 -3.95 -0.76
CA PRO C 334 -20.79 -4.60 -1.81
C PRO C 334 -20.01 -4.72 -3.11
N ASP C 335 -20.32 -5.78 -3.87
CA ASP C 335 -19.62 -6.09 -5.12
C ASP C 335 -20.24 -5.26 -6.23
N TYR C 336 -19.57 -4.16 -6.58
CA TYR C 336 -20.04 -3.32 -7.68
C TYR C 336 -19.64 -3.86 -9.05
N SER C 337 -19.01 -5.03 -9.11
CA SER C 337 -18.70 -5.67 -10.39
C SER C 337 -19.75 -6.69 -10.79
N ASP C 338 -20.68 -7.01 -9.91
CA ASP C 338 -21.72 -7.98 -10.22
C ASP C 338 -22.75 -7.35 -11.15
N PRO C 339 -23.06 -7.99 -12.29
CA PRO C 339 -24.13 -7.46 -13.15
C PRO C 339 -25.53 -7.74 -12.65
N SER C 340 -25.71 -8.72 -11.78
CA SER C 340 -27.04 -9.23 -11.46
C SER C 340 -27.80 -8.38 -10.44
N ASN C 341 -27.28 -7.22 -10.05
CA ASN C 341 -28.00 -6.34 -9.15
C ASN C 341 -29.00 -5.50 -9.97
N ILE C 342 -29.97 -6.19 -10.55
CA ILE C 342 -30.90 -5.60 -11.51
C ILE C 342 -32.03 -4.92 -10.76
N ARG C 343 -32.12 -3.60 -10.86
CA ARG C 343 -33.24 -2.85 -10.33
C ARG C 343 -34.44 -2.99 -11.25
N MET C 344 -35.63 -2.98 -10.66
CA MET C 344 -36.87 -3.15 -11.42
C MET C 344 -37.98 -2.27 -10.83
N SER C 345 -38.68 -1.56 -11.72
CA SER C 345 -39.81 -0.73 -11.36
C SER C 345 -40.95 -0.97 -12.35
N ALA C 346 -42.15 -0.61 -11.94
CA ALA C 346 -43.33 -0.70 -12.79
C ALA C 346 -44.24 0.50 -12.53
N GLY C 347 -44.99 0.90 -13.53
CA GLY C 347 -45.89 2.02 -13.33
C GLY C 347 -46.71 2.34 -14.55
N ILE C 348 -47.30 3.53 -14.53
CA ILE C 348 -48.14 4.03 -15.62
C ILE C 348 -47.53 5.34 -16.13
N ALA C 349 -47.70 5.59 -17.42
CA ALA C 349 -47.08 6.74 -18.07
C ALA C 349 -48.02 7.34 -19.10
N LEU C 350 -47.88 8.65 -19.29
CA LEU C 350 -48.72 9.42 -20.21
C LEU C 350 -47.79 10.27 -21.09
N GLN C 351 -47.50 9.77 -22.29
CA GLN C 351 -46.70 10.52 -23.26
C GLN C 351 -47.60 11.54 -23.93
N TRP C 352 -47.62 12.75 -23.37
CA TRP C 352 -48.36 13.88 -23.90
C TRP C 352 -47.49 14.55 -24.98
N MET C 353 -47.95 15.68 -25.51
CA MET C 353 -47.16 16.43 -26.46
C MET C 353 -47.52 17.91 -26.34
N SER C 354 -46.58 18.70 -25.82
CA SER C 354 -46.70 20.14 -25.89
C SER C 354 -46.64 20.59 -27.34
N PRO C 355 -47.10 21.81 -27.65
CA PRO C 355 -47.00 22.30 -29.04
C PRO C 355 -45.58 22.35 -29.57
N LEU C 356 -44.55 22.21 -28.71
CA LEU C 356 -43.17 22.28 -29.15
C LEU C 356 -42.39 20.99 -28.88
N GLY C 357 -43.04 19.94 -28.41
CA GLY C 357 -42.34 18.69 -28.17
C GLY C 357 -43.14 17.70 -27.33
N PRO C 358 -42.77 16.42 -27.42
CA PRO C 358 -43.46 15.40 -26.61
C PRO C 358 -43.03 15.45 -25.16
N LEU C 359 -44.00 15.29 -24.27
CA LEU C 359 -43.76 15.32 -22.83
C LEU C 359 -44.22 14.00 -22.21
N VAL C 360 -43.36 13.42 -21.38
CA VAL C 360 -43.69 12.21 -20.64
C VAL C 360 -43.91 12.58 -19.19
N PHE C 361 -45.17 12.47 -18.74
CA PHE C 361 -45.51 12.32 -17.34
C PHE C 361 -45.44 10.83 -17.02
N SER C 362 -45.15 10.52 -15.76
CA SER C 362 -45.21 9.10 -15.37
C SER C 362 -45.22 8.98 -13.86
N TYR C 363 -45.87 7.93 -13.38
CA TYR C 363 -45.73 7.47 -12.01
C TYR C 363 -45.20 6.04 -12.04
N ALA C 364 -44.26 5.76 -11.15
CA ALA C 364 -43.70 4.43 -11.01
C ALA C 364 -43.29 4.25 -9.55
N GLN C 365 -43.15 3.00 -9.12
CA GLN C 365 -42.59 2.70 -7.82
C GLN C 365 -41.58 1.58 -7.98
N PRO C 366 -40.32 1.78 -7.58
CA PRO C 366 -39.32 0.72 -7.75
C PRO C 366 -39.52 -0.37 -6.70
N PHE C 367 -39.68 -1.61 -7.16
CA PHE C 367 -39.89 -2.70 -6.22
C PHE C 367 -38.67 -3.57 -6.04
N LYS C 368 -37.80 -3.68 -7.05
CA LYS C 368 -36.49 -4.28 -6.85
C LYS C 368 -35.48 -3.15 -6.78
N LYS C 369 -34.98 -2.90 -5.56
CA LYS C 369 -34.18 -1.74 -5.23
C LYS C 369 -33.06 -2.19 -4.29
N TYR C 370 -31.97 -1.43 -4.28
CA TYR C 370 -30.82 -1.76 -3.43
C TYR C 370 -30.44 -0.53 -2.61
N ASP C 371 -29.61 -0.77 -1.59
CA ASP C 371 -29.20 0.29 -0.69
C ASP C 371 -28.52 1.42 -1.44
N GLY C 372 -28.79 2.66 -1.00
CA GLY C 372 -28.25 3.83 -1.64
C GLY C 372 -29.04 4.35 -2.82
N ASP C 373 -29.92 3.54 -3.40
CA ASP C 373 -30.77 4.00 -4.49
C ASP C 373 -31.79 5.00 -3.98
N LYS C 374 -31.96 6.08 -4.73
CA LYS C 374 -32.89 7.14 -4.38
C LYS C 374 -34.12 7.04 -5.26
N ALA C 375 -35.29 7.00 -4.64
CA ALA C 375 -36.56 6.84 -5.35
C ALA C 375 -37.09 8.18 -5.82
N GLU C 376 -37.72 8.18 -7.00
CA GLU C 376 -38.39 9.35 -7.57
C GLU C 376 -39.63 8.81 -8.27
N GLN C 377 -40.71 8.65 -7.50
CA GLN C 377 -41.89 7.94 -7.98
C GLN C 377 -42.70 8.75 -8.99
N PHE C 378 -42.51 10.07 -9.02
CA PHE C 378 -43.28 10.97 -9.87
C PHE C 378 -42.32 11.66 -10.83
N GLN C 379 -42.47 11.40 -12.13
CA GLN C 379 -41.49 11.77 -13.13
C GLN C 379 -42.10 12.63 -14.22
N PHE C 380 -41.33 13.59 -14.72
CA PHE C 380 -41.68 14.41 -15.87
C PHE C 380 -40.42 14.72 -16.66
N ASN C 381 -40.53 14.65 -17.99
CA ASN C 381 -39.45 15.15 -18.83
C ASN C 381 -39.95 15.36 -20.25
N ILE C 382 -39.16 16.08 -21.03
CA ILE C 382 -39.47 16.34 -22.43
C ILE C 382 -39.11 15.13 -23.27
N SER D 1 -8.49 -29.03 -57.94
CA SER D 1 -7.06 -28.99 -58.26
C SER D 1 -6.34 -30.22 -57.69
N PHE D 2 -5.01 -30.14 -57.60
CA PHE D 2 -4.16 -31.32 -57.67
C PHE D 2 -2.77 -31.03 -57.14
N ASN D 3 -2.31 -31.85 -56.19
CA ASN D 3 -0.88 -31.95 -55.87
C ASN D 3 -0.68 -33.11 -54.91
N PHE D 4 0.59 -33.50 -54.76
CA PHE D 4 0.98 -34.58 -53.87
C PHE D 4 2.50 -34.58 -53.73
N GLY D 5 2.96 -35.01 -52.56
CA GLY D 5 4.38 -35.24 -52.31
C GLY D 5 4.61 -36.06 -51.04
N ILE D 6 5.74 -36.78 -51.01
CA ILE D 6 6.29 -37.45 -49.83
C ILE D 6 7.80 -37.21 -49.85
N GLY D 7 8.59 -37.88 -49.00
CA GLY D 7 10.00 -37.56 -49.00
C GLY D 7 10.88 -38.58 -48.30
N TYR D 8 12.17 -38.24 -48.13
CA TYR D 8 12.96 -39.05 -47.21
C TYR D 8 13.98 -38.28 -46.36
N GLY D 9 14.61 -37.20 -46.84
CA GLY D 9 15.39 -36.37 -45.94
C GLY D 9 15.77 -35.01 -46.51
N THR D 10 14.89 -33.99 -46.40
CA THR D 10 15.04 -32.69 -47.08
C THR D 10 15.56 -31.49 -46.21
N GLU D 11 15.96 -31.77 -44.95
CA GLU D 11 15.93 -30.98 -43.71
C GLU D 11 14.63 -31.17 -42.90
N SER D 12 13.47 -31.10 -43.57
CA SER D 12 12.18 -31.42 -42.98
C SER D 12 11.96 -32.93 -42.98
N GLY D 13 10.76 -33.37 -42.60
CA GLY D 13 10.53 -34.79 -42.37
C GLY D 13 9.91 -35.59 -43.51
N VAL D 14 8.91 -36.42 -43.18
CA VAL D 14 8.32 -37.33 -44.16
C VAL D 14 7.79 -36.56 -45.36
N SER D 15 7.19 -35.39 -45.12
CA SER D 15 6.79 -34.44 -46.15
C SER D 15 5.65 -34.96 -47.04
N PHE D 16 4.68 -35.64 -46.43
CA PHE D 16 3.38 -35.78 -47.09
C PHE D 16 2.82 -34.39 -47.34
N GLN D 17 2.44 -34.11 -48.59
CA GLN D 17 1.95 -32.77 -48.91
C GLN D 17 0.88 -32.87 -49.97
N ALA D 18 -0.13 -32.01 -49.87
CA ALA D 18 -1.27 -32.05 -50.79
C ALA D 18 -1.95 -30.68 -50.82
N GLY D 19 -2.25 -30.22 -52.04
CA GLY D 19 -3.11 -29.09 -52.26
C GLY D 19 -4.15 -29.47 -53.30
N VAL D 20 -5.44 -29.33 -52.96
CA VAL D 20 -6.52 -29.91 -53.75
C VAL D 20 -7.71 -28.95 -53.76
N GLN D 21 -8.43 -28.92 -54.88
CA GLN D 21 -9.64 -28.12 -55.01
C GLN D 21 -10.69 -28.92 -55.77
N GLN D 22 -11.89 -29.03 -55.20
CA GLN D 22 -13.05 -29.60 -55.89
C GLN D 22 -14.04 -28.46 -56.11
N ASP D 23 -14.38 -28.20 -57.37
CA ASP D 23 -14.98 -26.93 -57.73
C ASP D 23 -15.99 -27.12 -58.86
N ASN D 24 -16.64 -26.01 -59.23
CA ASN D 24 -17.58 -26.00 -60.36
C ASN D 24 -17.50 -24.66 -61.06
N TRP D 25 -17.96 -24.64 -62.31
CA TRP D 25 -18.17 -23.36 -62.99
C TRP D 25 -19.59 -22.86 -62.77
N LEU D 26 -20.56 -23.77 -62.78
CA LEU D 26 -21.96 -23.43 -62.51
C LEU D 26 -22.69 -24.69 -62.10
N GLY D 27 -23.78 -24.44 -61.37
CA GLY D 27 -24.67 -25.45 -60.86
C GLY D 27 -24.45 -25.62 -59.37
N THR D 28 -23.98 -26.78 -59.05
CA THR D 28 -24.27 -27.41 -57.77
C THR D 28 -23.74 -26.62 -56.58
N GLY D 29 -22.84 -25.67 -56.81
CA GLY D 29 -22.61 -24.57 -55.90
C GLY D 29 -21.36 -24.67 -55.05
N TYR D 30 -20.96 -25.87 -54.63
CA TYR D 30 -19.92 -25.97 -53.62
C TYR D 30 -18.55 -25.59 -54.19
N ALA D 31 -17.73 -24.98 -53.34
CA ALA D 31 -16.32 -24.76 -53.64
C ALA D 31 -15.53 -25.29 -52.46
N VAL D 32 -14.74 -26.33 -52.71
CA VAL D 32 -14.06 -27.09 -51.66
C VAL D 32 -12.56 -27.04 -51.88
N GLY D 33 -11.80 -26.84 -50.81
CA GLY D 33 -10.35 -26.84 -50.88
C GLY D 33 -9.76 -27.59 -49.71
N ILE D 34 -8.59 -28.19 -49.94
CA ILE D 34 -7.94 -29.05 -48.95
C ILE D 34 -6.43 -28.85 -49.03
N ASN D 35 -5.80 -28.67 -47.87
CA ASN D 35 -4.35 -28.59 -47.76
C ASN D 35 -3.87 -29.56 -46.68
N GLY D 36 -2.75 -30.20 -46.94
CA GLY D 36 -2.20 -31.17 -46.00
C GLY D 36 -0.69 -31.22 -46.06
N THR D 37 -0.07 -31.45 -44.89
CA THR D 37 1.38 -31.50 -44.76
C THR D 37 1.74 -32.28 -43.51
N LYS D 38 2.37 -33.44 -43.68
CA LYS D 38 2.86 -34.25 -42.58
C LYS D 38 4.38 -34.35 -42.65
N ASN D 39 5.04 -34.00 -41.55
CA ASN D 39 6.47 -34.12 -41.38
C ASN D 39 6.74 -34.89 -40.09
N ASP D 40 8.03 -35.13 -39.81
CA ASP D 40 8.40 -35.61 -38.49
C ASP D 40 8.03 -34.61 -37.41
N TYR D 41 7.88 -33.34 -37.77
CA TYR D 41 7.75 -32.26 -36.81
C TYR D 41 6.47 -31.46 -36.96
N GLN D 42 5.57 -31.82 -37.88
CA GLN D 42 4.33 -31.08 -38.04
C GLN D 42 3.30 -31.94 -38.76
N THR D 43 2.04 -31.71 -38.40
CA THR D 43 0.88 -32.27 -39.10
C THR D 43 -0.14 -31.15 -39.27
N TYR D 44 -0.30 -30.69 -40.50
CA TYR D 44 -1.14 -29.54 -40.84
C TYR D 44 -2.22 -30.01 -41.81
N ALA D 45 -3.48 -29.69 -41.50
CA ALA D 45 -4.60 -30.10 -42.33
C ALA D 45 -5.65 -29.01 -42.29
N GLU D 46 -6.00 -28.48 -43.46
CA GLU D 46 -6.98 -27.40 -43.58
C GLU D 46 -8.04 -27.80 -44.60
N LEU D 47 -9.31 -27.74 -44.18
CA LEU D 47 -10.44 -28.05 -45.03
C LEU D 47 -11.32 -26.81 -45.13
N SER D 48 -11.66 -26.40 -46.34
CA SER D 48 -12.38 -25.15 -46.56
C SER D 48 -13.53 -25.38 -47.53
N VAL D 49 -14.67 -24.74 -47.24
CA VAL D 49 -15.83 -24.78 -48.13
C VAL D 49 -16.37 -23.37 -48.29
N THR D 50 -17.05 -23.15 -49.42
CA THR D 50 -17.67 -21.87 -49.70
C THR D 50 -18.84 -22.06 -50.65
N ASN D 51 -19.95 -21.41 -50.32
CA ASN D 51 -21.11 -21.27 -51.21
C ASN D 51 -21.16 -19.83 -51.69
N PRO D 52 -20.88 -19.57 -52.98
CA PRO D 52 -20.92 -18.19 -53.49
C PRO D 52 -22.32 -17.67 -53.78
N TYR D 53 -23.38 -18.47 -53.64
CA TYR D 53 -24.76 -17.98 -53.85
C TYR D 53 -25.63 -18.50 -52.73
N PHE D 54 -25.23 -18.11 -51.52
CA PHE D 54 -25.99 -18.41 -50.32
C PHE D 54 -27.42 -17.90 -50.40
N THR D 55 -27.65 -16.85 -51.19
CA THR D 55 -28.99 -16.31 -51.39
C THR D 55 -29.04 -15.61 -52.74
N VAL D 56 -30.24 -15.15 -53.11
CA VAL D 56 -30.46 -14.57 -54.43
C VAL D 56 -29.60 -13.32 -54.64
N ASP D 57 -29.27 -12.61 -53.57
CA ASP D 57 -28.56 -11.34 -53.66
C ASP D 57 -27.10 -11.51 -54.08
N GLY D 58 -26.60 -12.74 -54.24
CA GLY D 58 -25.21 -12.97 -54.54
C GLY D 58 -24.29 -13.02 -53.33
N VAL D 59 -24.85 -12.98 -52.13
CA VAL D 59 -24.05 -13.04 -50.90
C VAL D 59 -23.47 -14.44 -50.74
N SER D 60 -22.26 -14.51 -50.17
CA SER D 60 -21.56 -15.79 -50.04
C SER D 60 -21.41 -16.17 -48.57
N LEU D 61 -21.24 -17.47 -48.33
CA LEU D 61 -20.99 -18.01 -47.00
C LEU D 61 -19.81 -18.98 -47.08
N GLY D 62 -18.78 -18.74 -46.29
CA GLY D 62 -17.57 -19.53 -46.35
C GLY D 62 -17.11 -19.99 -44.96
N GLY D 63 -16.76 -21.27 -44.87
CA GLY D 63 -16.30 -21.82 -43.61
C GLY D 63 -15.04 -22.65 -43.81
N ARG D 64 -14.36 -22.91 -42.70
CA ARG D 64 -13.14 -23.71 -42.74
C ARG D 64 -12.86 -24.32 -41.36
N LEU D 65 -12.11 -25.42 -41.38
CA LEU D 65 -11.78 -26.23 -40.21
C LEU D 65 -10.33 -26.67 -40.35
N PHE D 66 -9.53 -26.43 -39.30
CA PHE D 66 -8.10 -26.67 -39.42
C PHE D 66 -7.54 -27.33 -38.18
N TYR D 67 -6.45 -28.07 -38.39
CA TYR D 67 -5.67 -28.79 -37.38
C TYR D 67 -4.20 -28.56 -37.70
N ASN D 68 -3.39 -28.30 -36.68
CA ASN D 68 -1.99 -27.90 -36.91
C ASN D 68 -1.19 -28.28 -35.67
N ASP D 69 -0.46 -29.38 -35.75
CA ASP D 69 0.18 -30.02 -34.59
C ASP D 69 1.69 -30.02 -34.82
N PHE D 70 2.43 -29.27 -34.00
CA PHE D 70 3.88 -29.16 -34.13
C PHE D 70 4.57 -29.80 -32.93
N GLN D 71 5.55 -30.66 -33.20
CA GLN D 71 6.35 -31.32 -32.18
C GLN D 71 7.82 -31.16 -32.57
N ALA D 72 8.63 -30.60 -31.67
CA ALA D 72 10.02 -30.28 -31.96
C ALA D 72 10.93 -31.49 -31.92
N ASP D 73 10.41 -32.66 -31.57
CA ASP D 73 11.20 -33.88 -31.63
C ASP D 73 10.40 -34.89 -32.45
N ASP D 74 10.45 -36.13 -32.07
CA ASP D 74 9.28 -36.94 -32.33
C ASP D 74 9.10 -37.79 -31.11
N ALA D 75 10.06 -38.70 -31.01
CA ALA D 75 9.94 -39.93 -30.25
C ALA D 75 9.78 -39.66 -28.77
N ASP D 76 10.27 -38.50 -28.31
CA ASP D 76 10.31 -38.13 -26.90
C ASP D 76 9.14 -37.27 -26.46
N LEU D 77 8.55 -36.51 -27.38
CA LEU D 77 7.71 -35.37 -27.01
C LEU D 77 8.55 -34.53 -26.05
N SER D 78 8.03 -34.12 -24.90
CA SER D 78 8.80 -33.56 -23.80
C SER D 78 9.63 -32.33 -24.19
N ASP D 79 9.51 -31.86 -25.42
CA ASP D 79 10.16 -30.64 -25.90
C ASP D 79 9.08 -29.68 -26.37
N TYR D 80 9.50 -28.51 -26.84
CA TYR D 80 8.54 -27.48 -27.26
C TYR D 80 7.52 -28.05 -28.23
N THR D 81 6.25 -28.00 -27.82
CA THR D 81 5.15 -28.61 -28.57
C THR D 81 4.00 -27.62 -28.63
N ASN D 82 3.47 -27.41 -29.84
CA ASN D 82 2.44 -26.41 -30.08
C ASN D 82 1.36 -27.04 -30.95
N LYS D 83 0.22 -27.38 -30.36
CA LYS D 83 -0.92 -27.91 -31.10
C LYS D 83 -2.00 -26.85 -31.18
N SER D 84 -2.66 -26.76 -32.33
CA SER D 84 -3.74 -25.83 -32.53
C SER D 84 -4.80 -26.49 -33.39
N TYR D 85 -6.05 -26.09 -33.18
CA TYR D 85 -7.09 -26.42 -34.15
C TYR D 85 -8.18 -25.36 -34.04
N GLY D 86 -9.13 -25.40 -34.96
CA GLY D 86 -10.22 -24.45 -34.86
C GLY D 86 -11.06 -24.39 -36.12
N THR D 87 -11.95 -23.40 -36.12
CA THR D 87 -13.01 -23.27 -37.11
C THR D 87 -13.29 -21.80 -37.36
N ASP D 88 -13.68 -21.50 -38.60
CA ASP D 88 -14.13 -20.17 -38.99
C ASP D 88 -15.39 -20.30 -39.83
N VAL D 89 -16.31 -19.35 -39.66
CA VAL D 89 -17.46 -19.21 -40.54
C VAL D 89 -17.69 -17.73 -40.79
N THR D 90 -17.99 -17.37 -42.04
CA THR D 90 -18.05 -15.97 -42.44
C THR D 90 -19.11 -15.78 -43.50
N LEU D 91 -19.64 -14.56 -43.55
CA LEU D 91 -20.58 -14.10 -44.57
C LEU D 91 -19.94 -12.95 -45.34
N GLY D 92 -20.10 -12.99 -46.65
CA GLY D 92 -19.58 -11.96 -47.54
C GLY D 92 -20.70 -11.25 -48.29
N PHE D 93 -20.75 -9.94 -48.13
CA PHE D 93 -21.82 -9.10 -48.68
C PHE D 93 -21.25 -8.17 -49.74
N PRO D 94 -21.60 -8.36 -51.01
CA PRO D 94 -21.38 -7.29 -51.99
C PRO D 94 -22.47 -6.22 -51.86
N ILE D 95 -22.07 -4.99 -52.13
CA ILE D 95 -22.98 -3.85 -52.08
C ILE D 95 -22.72 -2.96 -53.29
N ASN D 96 -21.61 -2.24 -53.26
CA ASN D 96 -21.09 -1.62 -54.46
C ASN D 96 -20.29 -2.64 -55.25
N GLU D 97 -20.30 -2.50 -56.58
CA GLU D 97 -19.57 -3.44 -57.41
C GLU D 97 -18.08 -3.41 -57.13
N TYR D 98 -17.57 -2.28 -56.62
CA TYR D 98 -16.17 -2.18 -56.22
C TYR D 98 -15.91 -2.86 -54.88
N ASN D 99 -16.92 -3.01 -54.03
CA ASN D 99 -16.72 -3.25 -52.62
C ASN D 99 -17.32 -4.58 -52.17
N SER D 100 -16.89 -5.00 -50.98
CA SER D 100 -17.49 -6.11 -50.27
C SER D 100 -17.18 -5.94 -48.79
N LEU D 101 -18.09 -6.44 -47.95
CA LEU D 101 -17.87 -6.51 -46.52
C LEU D 101 -17.94 -7.96 -46.08
N ARG D 102 -17.32 -8.24 -44.94
CA ARG D 102 -17.26 -9.60 -44.41
C ARG D 102 -17.46 -9.58 -42.91
N ALA D 103 -18.25 -10.53 -42.41
CA ALA D 103 -18.48 -10.66 -40.98
C ALA D 103 -18.62 -12.12 -40.61
N GLY D 104 -17.96 -12.53 -39.53
CA GLY D 104 -18.01 -13.94 -39.19
C GLY D 104 -17.54 -14.19 -37.76
N LEU D 105 -17.55 -15.47 -37.40
CA LEU D 105 -17.15 -15.94 -36.08
C LEU D 105 -16.09 -17.02 -36.20
N GLY D 106 -15.16 -17.03 -35.26
CA GLY D 106 -14.09 -18.01 -35.27
C GLY D 106 -13.82 -18.54 -33.88
N TYR D 107 -13.30 -19.78 -33.83
CA TYR D 107 -12.90 -20.44 -32.61
C TYR D 107 -11.54 -21.08 -32.82
N VAL D 108 -10.66 -20.94 -31.83
CA VAL D 108 -9.29 -21.46 -31.92
C VAL D 108 -8.88 -22.06 -30.59
N HIS D 109 -8.43 -23.31 -30.59
CA HIS D 109 -7.84 -23.93 -29.42
C HIS D 109 -6.33 -24.05 -29.61
N ASN D 110 -5.59 -23.72 -28.56
CA ASN D 110 -4.14 -23.73 -28.58
C ASN D 110 -3.61 -24.42 -27.32
N SER D 111 -2.77 -25.44 -27.51
CA SER D 111 -2.13 -26.17 -26.43
C SER D 111 -0.62 -26.05 -26.59
N LEU D 112 0.06 -25.72 -25.48
CA LEU D 112 1.50 -25.53 -25.47
C LEU D 112 2.10 -26.42 -24.39
N SER D 113 3.21 -27.08 -24.72
CA SER D 113 3.96 -27.89 -23.78
C SER D 113 5.43 -27.56 -23.88
N ASN D 114 6.08 -27.34 -22.73
CA ASN D 114 7.54 -27.31 -22.64
C ASN D 114 8.15 -26.22 -23.51
N MET D 115 7.56 -25.03 -23.49
CA MET D 115 8.10 -23.92 -24.26
C MET D 115 9.35 -23.36 -23.58
N GLN D 116 10.33 -22.99 -24.38
CA GLN D 116 11.61 -22.52 -23.84
C GLN D 116 11.46 -21.12 -23.27
N PRO D 117 11.92 -20.87 -22.03
CA PRO D 117 11.69 -19.58 -21.38
C PRO D 117 12.39 -18.43 -22.10
N GLN D 118 11.60 -17.46 -22.54
CA GLN D 118 12.11 -16.22 -23.09
C GLN D 118 11.21 -15.08 -22.63
N VAL D 119 11.73 -13.85 -22.74
CA VAL D 119 11.11 -12.72 -22.05
C VAL D 119 9.70 -12.46 -22.56
N ALA D 120 9.56 -12.26 -23.89
CA ALA D 120 8.28 -11.79 -24.43
C ALA D 120 7.15 -12.78 -24.17
N MET D 121 7.36 -14.05 -24.55
CA MET D 121 6.37 -15.09 -24.27
C MET D 121 5.95 -15.06 -22.81
N TRP D 122 6.91 -14.88 -21.91
CA TRP D 122 6.61 -15.01 -20.49
C TRP D 122 6.06 -13.72 -19.90
N ARG D 123 6.35 -12.58 -20.52
CA ARG D 123 5.57 -11.38 -20.22
C ARG D 123 4.09 -11.62 -20.51
N TYR D 124 3.80 -12.21 -21.67
CA TYR D 124 2.41 -12.54 -22.01
C TYR D 124 1.81 -13.52 -21.00
N LEU D 125 2.54 -14.59 -20.68
CA LEU D 125 2.03 -15.59 -19.75
C LEU D 125 1.77 -14.99 -18.38
N TYR D 126 2.71 -14.19 -17.88
CA TYR D 126 2.48 -13.43 -16.65
C TYR D 126 1.23 -12.58 -16.74
N SER D 127 1.02 -11.93 -17.88
CA SER D 127 -0.17 -11.10 -18.06
C SER D 127 -1.45 -11.92 -18.03
N MET D 128 -1.39 -13.18 -18.46
CA MET D 128 -2.57 -14.05 -18.41
C MET D 128 -2.82 -14.65 -17.04
N GLY D 129 -2.01 -14.30 -16.03
CA GLY D 129 -2.13 -14.90 -14.72
C GLY D 129 -1.40 -16.22 -14.56
N GLU D 130 -0.58 -16.61 -15.52
CA GLU D 130 0.22 -17.82 -15.44
C GLU D 130 1.64 -17.46 -15.07
N HIS D 131 2.21 -18.17 -14.10
CA HIS D 131 3.58 -17.91 -13.62
C HIS D 131 4.41 -19.18 -13.73
N PRO D 132 4.92 -19.48 -14.90
CA PRO D 132 5.88 -20.59 -15.03
C PRO D 132 7.26 -20.15 -14.55
N SER D 133 8.21 -21.10 -14.61
CA SER D 133 9.38 -21.02 -13.76
C SER D 133 10.39 -19.99 -14.28
N THR D 134 10.89 -20.19 -15.50
CA THR D 134 12.02 -19.51 -16.17
C THR D 134 13.32 -20.25 -15.90
N SER D 135 13.29 -21.38 -15.18
CA SER D 135 14.50 -22.14 -14.91
C SER D 135 14.49 -23.51 -15.58
N ASP D 136 13.40 -23.89 -16.22
CA ASP D 136 13.28 -25.22 -16.82
C ASP D 136 12.21 -25.18 -17.89
N GLN D 137 12.16 -26.25 -18.69
CA GLN D 137 11.15 -26.43 -19.72
C GLN D 137 9.95 -27.23 -19.23
N ASP D 138 9.71 -27.26 -17.92
CA ASP D 138 8.53 -27.93 -17.37
C ASP D 138 7.42 -26.89 -17.25
N ASN D 139 6.65 -26.73 -18.32
CA ASN D 139 5.55 -25.77 -18.34
C ASN D 139 4.50 -26.25 -19.33
N SER D 140 3.36 -25.58 -19.32
CA SER D 140 2.27 -25.88 -20.24
C SER D 140 1.27 -24.74 -20.21
N PHE D 141 0.39 -24.74 -21.21
CA PHE D 141 -0.67 -23.75 -21.31
C PHE D 141 -1.74 -24.28 -22.25
N LYS D 142 -2.97 -23.82 -22.08
CA LYS D 142 -4.07 -24.32 -22.90
C LYS D 142 -5.19 -23.29 -22.91
N THR D 143 -5.60 -22.85 -24.11
CA THR D 143 -6.56 -21.78 -24.25
C THR D 143 -7.59 -22.09 -25.32
N ASP D 144 -8.84 -21.70 -25.04
CA ASP D 144 -9.93 -21.67 -26.02
C ASP D 144 -10.27 -20.21 -26.28
N ASP D 145 -10.20 -19.80 -27.54
CA ASP D 145 -10.47 -18.43 -27.96
C ASP D 145 -11.67 -18.40 -28.90
N PHE D 146 -12.49 -17.36 -28.75
CA PHE D 146 -13.60 -17.09 -29.64
C PHE D 146 -13.49 -15.64 -30.11
N THR D 147 -13.71 -15.41 -31.40
CA THR D 147 -13.47 -14.10 -32.00
C THR D 147 -14.59 -13.75 -32.98
N PHE D 148 -14.86 -12.45 -33.07
CA PHE D 148 -15.67 -11.87 -34.13
C PHE D 148 -14.71 -11.25 -35.15
N ASN D 149 -14.79 -11.71 -36.39
CA ASN D 149 -13.94 -11.27 -37.48
C ASN D 149 -14.76 -10.39 -38.43
N TYR D 150 -14.14 -9.34 -38.94
CA TYR D 150 -14.82 -8.45 -39.88
C TYR D 150 -13.81 -7.96 -40.91
N GLY D 151 -14.33 -7.35 -41.97
CA GLY D 151 -13.46 -6.86 -43.02
C GLY D 151 -14.21 -6.07 -44.07
N TRP D 152 -13.45 -5.29 -44.82
CA TRP D 152 -13.95 -4.51 -45.94
C TRP D 152 -12.90 -4.51 -47.04
N THR D 153 -13.32 -4.85 -48.26
CA THR D 153 -12.42 -4.93 -49.40
C THR D 153 -12.93 -4.06 -50.53
N TYR D 154 -12.04 -3.25 -51.08
CA TYR D 154 -12.31 -2.34 -52.19
C TYR D 154 -11.36 -2.68 -53.33
N ASN D 155 -11.89 -2.90 -54.52
CA ASN D 155 -11.11 -3.54 -55.59
C ASN D 155 -11.40 -2.86 -56.93
N LYS D 156 -11.20 -1.55 -57.00
CA LYS D 156 -11.43 -0.81 -58.24
C LYS D 156 -10.10 -0.58 -58.95
N LEU D 157 -9.53 -1.67 -59.45
CA LEU D 157 -8.46 -1.60 -60.44
C LEU D 157 -8.99 -2.21 -61.73
N ASP D 158 -8.67 -1.57 -62.85
CA ASP D 158 -9.47 -1.74 -64.05
C ASP D 158 -9.45 -3.17 -64.57
N ARG D 159 -8.36 -3.91 -64.33
CA ARG D 159 -8.24 -5.30 -64.78
C ARG D 159 -7.48 -6.09 -63.73
N GLY D 160 -7.83 -7.37 -63.59
CA GLY D 160 -7.46 -8.12 -62.41
C GLY D 160 -6.30 -9.09 -62.58
N TYR D 161 -6.00 -9.48 -63.82
CA TYR D 161 -4.90 -10.43 -64.06
C TYR D 161 -3.55 -9.78 -63.77
N PHE D 162 -3.36 -8.57 -64.22
CA PHE D 162 -2.11 -7.80 -64.21
C PHE D 162 -2.50 -6.33 -64.13
N PRO D 163 -2.60 -5.76 -62.93
CA PRO D 163 -3.24 -4.44 -62.78
C PRO D 163 -2.45 -3.35 -63.50
N THR D 164 -3.17 -2.29 -63.88
CA THR D 164 -2.58 -1.16 -64.60
C THR D 164 -2.97 0.20 -64.06
N ASP D 165 -4.08 0.33 -63.33
CA ASP D 165 -4.53 1.60 -62.78
C ASP D 165 -5.54 1.31 -61.69
N GLY D 166 -5.54 2.14 -60.65
CA GLY D 166 -6.50 1.98 -59.58
C GLY D 166 -5.90 1.31 -58.36
N SER D 167 -6.76 0.99 -57.40
CA SER D 167 -6.28 0.52 -56.12
C SER D 167 -7.03 -0.72 -55.66
N ARG D 168 -6.35 -1.52 -54.85
CA ARG D 168 -6.96 -2.60 -54.07
C ARG D 168 -6.62 -2.36 -52.60
N VAL D 169 -7.66 -2.20 -51.78
CA VAL D 169 -7.55 -1.96 -50.35
C VAL D 169 -8.28 -3.09 -49.63
N ASN D 170 -7.67 -3.61 -48.57
CA ASN D 170 -8.26 -4.68 -47.78
C ASN D 170 -8.02 -4.41 -46.31
N LEU D 171 -9.10 -4.28 -45.54
CA LEU D 171 -9.02 -4.10 -44.10
C LEU D 171 -9.68 -5.31 -43.43
N THR D 172 -8.95 -5.99 -42.56
CA THR D 172 -9.47 -7.16 -41.87
C THR D 172 -9.14 -7.06 -40.39
N GLY D 173 -10.07 -7.47 -39.54
CA GLY D 173 -9.93 -7.24 -38.12
C GLY D 173 -10.60 -8.31 -37.29
N LYS D 174 -10.16 -8.39 -36.04
CA LYS D 174 -10.62 -9.36 -35.06
C LYS D 174 -10.84 -8.69 -33.71
N VAL D 175 -11.89 -9.11 -33.00
CA VAL D 175 -12.10 -8.74 -31.60
C VAL D 175 -12.59 -9.97 -30.86
N THR D 176 -11.96 -10.29 -29.72
CA THR D 176 -12.45 -11.43 -28.94
C THR D 176 -13.84 -11.16 -28.39
N ILE D 177 -14.72 -12.15 -28.52
CA ILE D 177 -16.06 -12.05 -27.95
C ILE D 177 -16.02 -12.60 -26.53
N PRO D 178 -16.84 -12.07 -25.61
CA PRO D 178 -16.76 -12.50 -24.21
C PRO D 178 -16.98 -14.00 -24.06
N GLY D 179 -16.16 -14.62 -23.21
CA GLY D 179 -16.13 -16.06 -23.03
C GLY D 179 -14.81 -16.70 -23.42
N SER D 180 -13.99 -16.00 -24.21
CA SER D 180 -12.71 -16.54 -24.64
C SER D 180 -11.67 -16.40 -23.54
N ASP D 181 -10.68 -17.30 -23.56
CA ASP D 181 -9.58 -17.21 -22.61
C ASP D 181 -8.72 -15.98 -22.89
N ASN D 182 -8.21 -15.86 -24.11
CA ASN D 182 -7.52 -14.65 -24.52
C ASN D 182 -8.52 -13.55 -24.83
N GLU D 183 -8.09 -12.31 -24.64
CA GLU D 183 -8.92 -11.13 -24.94
C GLU D 183 -8.06 -10.13 -25.68
N TYR D 184 -8.29 -9.99 -26.98
CA TYR D 184 -7.43 -9.14 -27.80
C TYR D 184 -8.22 -8.55 -28.96
N TYR D 185 -7.62 -7.55 -29.59
CA TYR D 185 -8.11 -6.95 -30.83
C TYR D 185 -6.95 -6.83 -31.81
N LYS D 186 -7.29 -6.85 -33.10
CA LYS D 186 -6.29 -6.87 -34.16
C LYS D 186 -6.86 -6.27 -35.44
N VAL D 187 -6.03 -5.50 -36.16
CA VAL D 187 -6.38 -4.95 -37.45
C VAL D 187 -5.19 -5.08 -38.39
N THR D 188 -5.48 -5.42 -39.65
CA THR D 188 -4.48 -5.56 -40.70
C THR D 188 -5.03 -4.91 -41.96
N LEU D 189 -4.25 -4.01 -42.56
CA LEU D 189 -4.70 -3.24 -43.72
C LEU D 189 -3.64 -3.32 -44.81
N ASP D 190 -4.02 -3.91 -45.94
CA ASP D 190 -3.19 -3.94 -47.14
C ASP D 190 -3.71 -2.89 -48.12
N THR D 191 -2.79 -2.14 -48.71
CA THR D 191 -3.13 -1.11 -49.68
C THR D 191 -2.19 -1.22 -50.87
N ALA D 192 -2.75 -1.23 -52.08
CA ALA D 192 -1.96 -1.25 -53.30
C ALA D 192 -2.55 -0.26 -54.29
N THR D 193 -1.70 0.58 -54.88
CA THR D 193 -2.12 1.64 -55.78
C THR D 193 -1.25 1.61 -57.03
N TYR D 194 -1.88 1.33 -58.18
CA TYR D 194 -1.24 1.36 -59.48
C TYR D 194 -1.57 2.67 -60.18
N VAL D 195 -0.53 3.37 -60.64
CA VAL D 195 -0.67 4.59 -61.40
C VAL D 195 0.01 4.37 -62.76
N PRO D 196 -0.73 4.42 -63.87
CA PRO D 196 -0.10 4.23 -65.17
C PRO D 196 0.66 5.46 -65.60
N ILE D 197 1.76 5.23 -66.32
CA ILE D 197 2.70 6.28 -66.61
C ILE D 197 2.81 6.60 -68.11
N ASP D 198 2.45 5.68 -69.00
CA ASP D 198 2.30 6.01 -70.40
C ASP D 198 0.88 5.66 -70.84
N ASP D 199 0.49 6.20 -72.01
CA ASP D 199 -0.87 6.04 -72.49
C ASP D 199 -1.20 4.58 -72.81
N ASP D 200 -0.18 3.77 -73.08
CA ASP D 200 -0.35 2.36 -73.37
C ASP D 200 -0.30 1.49 -72.11
N HIS D 201 0.06 2.08 -70.96
CA HIS D 201 0.07 1.38 -69.67
C HIS D 201 1.09 0.24 -69.64
N LYS D 202 2.22 0.43 -70.33
CA LYS D 202 3.32 -0.52 -70.26
C LYS D 202 4.33 -0.16 -69.17
N TRP D 203 4.43 1.11 -68.79
CA TRP D 203 5.18 1.55 -67.62
C TRP D 203 4.19 1.99 -66.55
N VAL D 204 4.34 1.43 -65.34
CA VAL D 204 3.42 1.71 -64.24
C VAL D 204 4.25 1.99 -62.99
N VAL D 205 3.64 2.70 -62.04
CA VAL D 205 4.23 2.88 -60.71
C VAL D 205 3.27 2.30 -59.69
N LEU D 206 3.76 1.37 -58.87
CA LEU D 206 2.97 0.73 -57.82
C LEU D 206 3.48 1.19 -56.47
N GLY D 207 2.60 1.81 -55.70
CA GLY D 207 2.82 2.01 -54.27
C GLY D 207 2.09 0.92 -53.51
N ARG D 208 2.65 0.49 -52.40
CA ARG D 208 2.06 -0.60 -51.64
C ARG D 208 2.42 -0.45 -50.18
N THR D 209 1.52 -0.88 -49.30
CA THR D 209 1.80 -0.82 -47.88
C THR D 209 0.98 -1.88 -47.13
N ARG D 210 1.56 -2.37 -46.05
CA ARG D 210 0.88 -3.22 -45.08
C ARG D 210 0.96 -2.56 -43.72
N TRP D 211 -0.16 -2.53 -43.01
CA TRP D 211 -0.20 -2.01 -41.65
C TRP D 211 -0.83 -3.07 -40.76
N GLY D 212 -0.32 -3.19 -39.54
CA GLY D 212 -0.88 -4.14 -38.60
C GLY D 212 -0.73 -3.69 -37.17
N TYR D 213 -1.83 -3.66 -36.43
CA TYR D 213 -1.75 -3.30 -35.01
C TYR D 213 -2.70 -4.19 -34.23
N GLY D 214 -2.38 -4.39 -32.96
CA GLY D 214 -3.19 -5.26 -32.13
C GLY D 214 -2.67 -5.23 -30.71
N ASP D 215 -3.56 -5.62 -29.79
CA ASP D 215 -3.21 -5.53 -28.38
C ASP D 215 -4.21 -6.34 -27.57
N GLY D 216 -3.86 -6.56 -26.31
CA GLY D 216 -4.77 -7.17 -25.37
C GLY D 216 -5.65 -6.16 -24.69
N LEU D 217 -6.74 -6.65 -24.09
CA LEU D 217 -7.75 -5.81 -23.48
C LEU D 217 -7.68 -5.90 -21.96
N GLY D 218 -7.76 -4.75 -21.30
CA GLY D 218 -7.87 -4.68 -19.86
C GLY D 218 -6.66 -5.11 -19.08
N GLY D 219 -5.47 -5.15 -19.69
CA GLY D 219 -4.28 -5.57 -19.00
C GLY D 219 -3.71 -6.89 -19.48
N LYS D 220 -4.43 -7.63 -20.31
CA LYS D 220 -3.85 -8.82 -20.93
C LYS D 220 -2.99 -8.42 -22.11
N GLU D 221 -2.04 -9.29 -22.44
CA GLU D 221 -1.20 -9.08 -23.60
C GLU D 221 -1.82 -9.74 -24.82
N MET D 222 -1.42 -9.29 -26.00
CA MET D 222 -1.87 -9.94 -27.23
C MET D 222 -1.27 -11.34 -27.30
N PRO D 223 -2.05 -12.36 -27.63
CA PRO D 223 -1.49 -13.72 -27.71
C PRO D 223 -0.32 -13.80 -28.67
N PHE D 224 0.73 -14.50 -28.25
CA PHE D 224 1.95 -14.57 -29.04
C PHE D 224 1.72 -15.25 -30.39
N TYR D 225 0.72 -16.13 -30.48
CA TYR D 225 0.48 -16.82 -31.74
C TYR D 225 -0.26 -15.97 -32.75
N GLU D 226 -0.57 -14.71 -32.41
CA GLU D 226 -1.18 -13.77 -33.33
C GLU D 226 -0.22 -12.65 -33.73
N ASN D 227 1.08 -12.80 -33.46
CA ASN D 227 2.04 -11.75 -33.73
C ASN D 227 2.20 -11.53 -35.24
N PHE D 228 2.76 -10.37 -35.57
CA PHE D 228 3.09 -10.03 -36.95
C PHE D 228 4.56 -10.38 -37.22
N TYR D 229 4.80 -10.98 -38.38
CA TYR D 229 6.15 -11.26 -38.87
C TYR D 229 6.32 -10.64 -40.25
N ALA D 230 7.51 -10.10 -40.51
CA ALA D 230 7.81 -9.48 -41.78
C ALA D 230 9.08 -10.07 -42.38
N GLY D 231 9.22 -9.89 -43.68
CA GLY D 231 10.36 -10.43 -44.42
C GLY D 231 9.90 -11.49 -45.40
N GLY D 232 10.52 -11.49 -46.57
CA GLY D 232 10.24 -12.49 -47.59
C GLY D 232 9.64 -11.87 -48.84
N SER D 233 9.16 -12.74 -49.73
CA SER D 233 8.63 -12.30 -51.00
C SER D 233 7.35 -11.48 -50.82
N SER D 234 6.53 -11.83 -49.84
CA SER D 234 5.23 -11.20 -49.68
C SER D 234 5.34 -9.79 -49.08
N THR D 235 6.43 -9.48 -48.38
CA THR D 235 6.51 -8.24 -47.63
C THR D 235 7.74 -7.42 -48.00
N VAL D 236 8.87 -7.73 -47.37
CA VAL D 236 10.13 -7.03 -47.59
C VAL D 236 11.13 -8.08 -48.06
N ARG D 237 11.38 -8.15 -49.36
CA ARG D 237 12.26 -9.18 -49.89
C ARG D 237 13.72 -8.73 -49.82
N GLY D 238 14.61 -9.72 -49.83
CA GLY D 238 15.99 -9.54 -49.43
C GLY D 238 16.27 -10.05 -48.04
N PHE D 239 15.23 -10.34 -47.26
CA PHE D 239 15.34 -10.94 -45.94
C PHE D 239 14.74 -12.34 -45.97
N GLN D 240 15.18 -13.18 -45.04
CA GLN D 240 14.55 -14.48 -44.90
C GLN D 240 13.11 -14.32 -44.42
N SER D 241 12.26 -15.26 -44.83
CA SER D 241 10.83 -15.14 -44.58
C SER D 241 10.53 -15.05 -43.10
N ASN D 242 9.82 -13.99 -42.71
CA ASN D 242 9.28 -13.81 -41.36
C ASN D 242 10.37 -13.63 -40.30
N THR D 243 11.55 -13.15 -40.68
CA THR D 243 12.64 -13.00 -39.71
C THR D 243 12.84 -11.56 -39.25
N ILE D 244 12.14 -10.60 -39.84
CA ILE D 244 12.30 -9.20 -39.45
C ILE D 244 11.58 -8.96 -38.12
N GLY D 245 12.19 -8.15 -37.26
CA GLY D 245 11.52 -7.68 -36.07
C GLY D 245 12.20 -8.11 -34.79
N PRO D 246 11.42 -8.13 -33.69
CA PRO D 246 11.99 -8.52 -32.40
C PRO D 246 12.55 -9.93 -32.42
N LYS D 247 13.64 -10.13 -31.69
CA LYS D 247 14.25 -11.43 -31.53
C LYS D 247 14.07 -11.91 -30.08
N ALA D 248 14.09 -13.22 -29.91
CA ALA D 248 13.93 -13.78 -28.59
C ALA D 248 15.21 -13.59 -27.77
N VAL D 249 15.04 -13.17 -26.52
CA VAL D 249 16.10 -13.24 -25.52
C VAL D 249 15.68 -14.25 -24.47
N TYR D 250 16.53 -15.22 -24.20
CA TYR D 250 16.16 -16.38 -23.41
C TYR D 250 16.65 -16.23 -21.97
N PHE D 251 15.88 -16.82 -21.05
CA PHE D 251 16.38 -16.97 -19.70
C PHE D 251 17.28 -18.20 -19.61
N PRO D 252 18.31 -18.15 -18.77
CA PRO D 252 19.11 -19.36 -18.54
C PRO D 252 18.25 -20.45 -17.90
N HIS D 253 18.26 -21.63 -18.51
CA HIS D 253 17.36 -22.69 -18.09
C HIS D 253 17.96 -24.05 -18.44
N GLN D 254 17.38 -25.09 -17.83
CA GLN D 254 17.74 -26.47 -18.14
C GLN D 254 16.89 -26.97 -19.30
N ALA D 255 17.52 -27.22 -20.44
CA ALA D 255 16.81 -27.76 -21.58
C ALA D 255 16.37 -29.20 -21.31
N SER D 256 15.18 -29.54 -21.79
CA SER D 256 14.53 -30.81 -21.49
C SER D 256 15.06 -31.97 -22.32
N ASN D 257 15.41 -31.76 -23.59
CA ASN D 257 15.97 -32.79 -24.46
C ASN D 257 17.38 -32.37 -24.86
N TYR D 258 18.34 -32.59 -23.97
CA TYR D 258 19.69 -32.07 -24.16
C TYR D 258 20.62 -33.12 -24.76
N ASP D 259 21.59 -32.64 -25.54
CA ASP D 259 22.65 -33.43 -26.14
C ASP D 259 23.86 -32.53 -26.37
N PRO D 260 24.96 -32.74 -25.65
CA PRO D 260 26.09 -31.80 -25.76
C PRO D 260 26.72 -31.74 -27.14
N ASP D 261 26.43 -32.71 -28.00
CA ASP D 261 26.92 -32.70 -29.37
C ASP D 261 26.19 -31.69 -30.25
N TYR D 262 25.14 -31.06 -29.73
CA TYR D 262 24.31 -30.13 -30.50
C TYR D 262 24.34 -28.75 -29.86
N ASP D 263 23.64 -27.81 -30.49
CA ASP D 263 23.75 -26.39 -30.16
C ASP D 263 22.52 -25.91 -29.41
N TYR D 264 22.73 -25.06 -28.40
CA TYR D 264 21.64 -24.58 -27.56
C TYR D 264 21.82 -23.10 -27.25
N GLU D 265 20.74 -22.49 -26.78
CA GLU D 265 20.71 -21.07 -26.46
C GLU D 265 20.40 -20.90 -24.97
N CYS D 266 21.33 -20.27 -24.25
CA CYS D 266 21.19 -20.02 -22.81
C CYS D 266 20.76 -21.27 -22.06
N ALA D 267 21.34 -22.41 -22.42
CA ALA D 267 21.13 -23.65 -21.68
C ALA D 267 22.00 -23.65 -20.44
N THR D 268 21.42 -24.06 -19.31
CA THR D 268 22.16 -24.00 -18.05
C THR D 268 23.25 -25.06 -17.98
N GLN D 269 23.11 -26.16 -18.73
CA GLN D 269 24.18 -27.15 -18.84
C GLN D 269 25.16 -26.82 -19.95
N ASP D 270 25.19 -25.57 -20.40
CA ASP D 270 26.29 -25.02 -21.18
C ASP D 270 26.97 -23.88 -20.44
N GLY D 271 26.56 -23.59 -19.21
CA GLY D 271 27.19 -22.58 -18.39
C GLY D 271 26.52 -21.22 -18.41
N ALA D 272 25.23 -21.16 -18.69
CA ALA D 272 24.53 -19.89 -18.85
C ALA D 272 24.03 -19.37 -17.50
N LYS D 273 24.33 -18.11 -17.20
CA LYS D 273 23.86 -17.47 -15.97
C LYS D 273 22.99 -16.27 -16.23
N ASP D 274 23.38 -15.43 -17.18
CA ASP D 274 22.60 -14.29 -17.60
C ASP D 274 21.67 -14.68 -18.74
N LEU D 275 20.73 -13.81 -19.03
CA LEU D 275 19.95 -13.94 -20.24
C LEU D 275 20.77 -13.48 -21.45
N CYS D 276 20.53 -14.12 -22.59
CA CYS D 276 21.35 -13.87 -23.78
C CYS D 276 20.49 -13.62 -25.02
N LYS D 277 20.95 -12.68 -25.84
CA LYS D 277 20.30 -12.31 -27.09
C LYS D 277 20.55 -13.38 -28.15
N SER D 278 19.60 -13.52 -29.09
CA SER D 278 19.66 -14.57 -30.09
C SER D 278 19.22 -14.02 -31.45
N ASP D 279 19.30 -14.89 -32.46
CA ASP D 279 18.79 -14.63 -33.80
C ASP D 279 17.32 -14.99 -33.95
N ASP D 280 16.74 -15.66 -32.96
CA ASP D 280 15.42 -16.26 -33.09
C ASP D 280 14.33 -15.18 -33.18
N ALA D 281 13.70 -15.07 -34.33
CA ALA D 281 12.61 -14.11 -34.51
C ALA D 281 11.34 -14.62 -33.84
N VAL D 282 10.59 -13.70 -33.24
CA VAL D 282 9.40 -14.04 -32.48
C VAL D 282 8.24 -13.14 -32.86
N GLY D 283 8.47 -12.20 -33.76
CA GLY D 283 7.44 -11.29 -34.20
C GLY D 283 7.03 -10.29 -33.13
N GLY D 284 6.09 -9.42 -33.49
CA GLY D 284 5.64 -8.38 -32.59
C GLY D 284 4.14 -8.14 -32.68
N ASN D 285 3.64 -7.15 -31.95
CA ASN D 285 2.22 -6.81 -32.04
C ASN D 285 1.94 -5.66 -32.99
N ALA D 286 2.97 -5.02 -33.54
CA ALA D 286 2.76 -3.93 -34.48
C ALA D 286 3.72 -4.08 -35.66
N MET D 287 3.26 -3.63 -36.83
CA MET D 287 4.02 -3.81 -38.06
C MET D 287 3.63 -2.74 -39.06
N ALA D 288 4.63 -2.25 -39.79
CA ALA D 288 4.37 -1.32 -40.90
C ALA D 288 5.39 -1.58 -41.98
N VAL D 289 4.93 -1.89 -43.20
CA VAL D 289 5.81 -2.06 -44.35
C VAL D 289 5.24 -1.27 -45.51
N ALA D 290 6.14 -0.91 -46.43
CA ALA D 290 5.79 -0.19 -47.64
C ALA D 290 6.71 -0.66 -48.78
N SER D 291 6.32 -0.32 -50.00
CA SER D 291 7.07 -0.76 -51.18
C SER D 291 6.73 0.16 -52.34
N LEU D 292 7.76 0.58 -53.06
CA LEU D 292 7.60 1.32 -54.32
C LEU D 292 8.24 0.50 -55.43
N GLU D 293 7.42 0.10 -56.40
CA GLU D 293 7.87 -0.68 -57.54
C GLU D 293 7.63 0.13 -58.81
N PHE D 294 8.68 0.34 -59.57
CA PHE D 294 8.56 0.89 -60.91
C PHE D 294 8.43 -0.30 -61.86
N ILE D 295 7.22 -0.52 -62.37
CA ILE D 295 6.94 -1.55 -63.36
C ILE D 295 7.36 -1.02 -64.72
N THR D 296 8.23 -1.76 -65.41
CA THR D 296 8.77 -1.37 -66.69
C THR D 296 8.54 -2.46 -67.70
N PRO D 297 8.57 -2.12 -69.00
CA PRO D 297 8.66 -3.16 -70.03
C PRO D 297 9.90 -4.03 -69.84
N THR D 298 9.79 -5.27 -70.28
CA THR D 298 10.87 -6.22 -70.13
C THR D 298 12.08 -5.80 -70.97
N PRO D 299 13.27 -5.76 -70.38
CA PRO D 299 14.44 -5.30 -71.13
C PRO D 299 14.93 -6.21 -72.25
N PHE D 300 14.41 -7.44 -72.43
CA PHE D 300 14.52 -8.10 -73.75
C PHE D 300 13.64 -9.31 -73.84
N ILE D 301 12.38 -8.98 -74.02
CA ILE D 301 11.38 -9.97 -74.42
C ILE D 301 10.40 -9.32 -75.39
N SER D 302 9.83 -10.14 -76.27
CA SER D 302 8.90 -9.64 -77.29
C SER D 302 7.50 -9.46 -76.72
N ASP D 303 6.71 -8.62 -77.39
CA ASP D 303 5.55 -8.05 -76.74
C ASP D 303 4.32 -8.92 -76.82
N LYS D 304 4.18 -9.83 -77.78
CA LYS D 304 2.90 -10.53 -77.63
C LYS D 304 2.95 -11.64 -76.63
N TYR D 305 4.07 -12.27 -76.35
CA TYR D 305 4.01 -13.21 -75.24
C TYR D 305 4.25 -12.53 -73.90
N ALA D 306 4.49 -11.22 -73.88
CA ALA D 306 4.77 -10.48 -72.65
C ALA D 306 3.54 -10.29 -71.78
N ASN D 307 2.35 -10.59 -72.30
CA ASN D 307 1.16 -10.53 -71.47
C ASN D 307 1.18 -11.54 -70.34
N SER D 308 2.20 -12.38 -70.25
CA SER D 308 2.34 -13.31 -69.13
C SER D 308 3.51 -12.97 -68.23
N VAL D 309 4.16 -11.83 -68.44
CA VAL D 309 5.41 -11.47 -67.78
C VAL D 309 5.36 -9.99 -67.37
N ARG D 310 6.02 -9.66 -66.27
CA ARG D 310 6.12 -8.30 -65.77
C ARG D 310 7.48 -8.12 -65.11
N THR D 311 8.05 -6.92 -65.24
CA THR D 311 9.36 -6.62 -64.69
C THR D 311 9.30 -5.32 -63.88
N SER D 312 10.03 -5.29 -62.74
CA SER D 312 9.96 -4.12 -61.88
C SER D 312 11.30 -3.89 -61.17
N PHE D 313 11.57 -2.61 -60.89
CA PHE D 313 12.65 -2.17 -60.01
C PHE D 313 12.01 -1.66 -58.73
N PHE D 314 12.36 -2.26 -57.59
CA PHE D 314 11.61 -1.99 -56.37
C PHE D 314 12.52 -1.58 -55.22
N TRP D 315 11.95 -0.84 -54.29
CA TRP D 315 12.53 -0.79 -52.95
C TRP D 315 11.43 -0.98 -51.93
N ASP D 316 11.73 -1.82 -50.92
CA ASP D 316 10.85 -2.22 -49.84
C ASP D 316 11.38 -1.70 -48.50
N MET D 317 10.46 -1.22 -47.67
CA MET D 317 10.76 -0.77 -46.31
C MET D 317 9.85 -1.52 -45.36
N GLY D 318 10.32 -1.76 -44.14
CA GLY D 318 9.50 -2.51 -43.20
C GLY D 318 10.02 -2.55 -41.78
N THR D 319 9.11 -2.62 -40.82
CA THR D 319 9.47 -2.69 -39.41
C THR D 319 8.39 -3.45 -38.65
N VAL D 320 8.82 -4.17 -37.61
CA VAL D 320 7.95 -4.89 -36.70
C VAL D 320 8.42 -4.59 -35.28
N TRP D 321 7.48 -4.31 -34.38
CA TRP D 321 7.87 -4.00 -33.01
C TRP D 321 6.83 -4.48 -32.02
N ASP D 322 7.27 -4.55 -30.76
CA ASP D 322 6.50 -5.04 -29.62
C ASP D 322 6.23 -3.85 -28.69
N THR D 323 4.97 -3.41 -28.65
CA THR D 323 4.62 -2.19 -27.91
C THR D 323 4.90 -2.32 -26.42
N ASN D 324 4.70 -3.52 -25.85
CA ASN D 324 4.80 -3.70 -24.41
C ASN D 324 6.18 -4.19 -23.96
N TRP D 325 7.21 -4.00 -24.79
CA TRP D 325 8.57 -4.33 -24.38
C TRP D 325 9.09 -3.26 -23.43
N ASP D 326 9.67 -3.69 -22.31
CA ASP D 326 10.14 -2.77 -21.28
C ASP D 326 11.54 -2.31 -21.64
N SER D 327 11.66 -1.11 -22.20
CA SER D 327 12.95 -0.53 -22.54
C SER D 327 13.80 -0.20 -21.33
N SER D 328 13.22 -0.22 -20.12
CA SER D 328 13.96 0.13 -18.92
C SER D 328 14.48 -1.09 -18.17
N GLN D 329 13.68 -2.16 -18.09
CA GLN D 329 14.10 -3.36 -17.35
C GLN D 329 15.29 -4.06 -17.99
N TYR D 330 15.50 -3.87 -19.29
CA TYR D 330 16.58 -4.50 -20.03
C TYR D 330 17.39 -3.39 -20.70
N SER D 331 18.21 -2.72 -19.88
CA SER D 331 18.85 -1.48 -20.32
C SER D 331 19.85 -1.72 -21.44
N GLY D 332 20.75 -2.69 -21.26
CA GLY D 332 21.76 -2.96 -22.26
C GLY D 332 21.30 -3.75 -23.46
N TYR D 333 20.03 -4.14 -23.51
CA TYR D 333 19.43 -4.95 -24.56
C TYR D 333 18.59 -4.09 -25.50
N PRO D 334 18.58 -4.42 -26.79
CA PRO D 334 17.98 -3.51 -27.78
C PRO D 334 16.51 -3.25 -27.53
N ASP D 335 16.07 -2.04 -27.88
CA ASP D 335 14.70 -1.60 -27.64
C ASP D 335 13.80 -2.13 -28.75
N TYR D 336 13.10 -3.23 -28.47
CA TYR D 336 12.17 -3.79 -29.44
C TYR D 336 10.84 -3.07 -29.47
N SER D 337 10.68 -2.00 -28.71
CA SER D 337 9.46 -1.17 -28.77
C SER D 337 9.61 0.02 -29.69
N ASP D 338 10.82 0.29 -30.17
CA ASP D 338 11.06 1.41 -31.06
C ASP D 338 10.52 1.09 -32.45
N PRO D 339 9.67 1.94 -33.03
CA PRO D 339 9.22 1.71 -34.42
C PRO D 339 10.26 2.06 -35.48
N SER D 340 11.26 2.90 -35.15
CA SER D 340 12.12 3.50 -36.15
C SER D 340 13.23 2.58 -36.63
N ASN D 341 13.26 1.31 -36.22
CA ASN D 341 14.24 0.37 -36.73
C ASN D 341 13.78 -0.19 -38.08
N ILE D 342 13.70 0.71 -39.06
CA ILE D 342 13.10 0.41 -40.35
C ILE D 342 14.15 -0.24 -41.24
N ARG D 343 13.93 -1.51 -41.59
CA ARG D 343 14.75 -2.20 -42.57
C ARG D 343 14.39 -1.75 -43.97
N MET D 344 15.39 -1.72 -44.86
CA MET D 344 15.19 -1.28 -46.23
C MET D 344 16.05 -2.10 -47.19
N SER D 345 15.41 -2.55 -48.27
CA SER D 345 16.08 -3.29 -49.33
C SER D 345 15.64 -2.75 -50.68
N ALA D 346 16.44 -3.03 -51.71
CA ALA D 346 16.12 -2.64 -53.08
C ALA D 346 16.57 -3.75 -54.02
N GLY D 347 15.88 -3.88 -55.15
CA GLY D 347 16.29 -4.90 -56.10
C GLY D 347 15.43 -4.89 -57.35
N ILE D 348 15.55 -5.99 -58.09
CA ILE D 348 14.81 -6.19 -59.34
C ILE D 348 13.95 -7.44 -59.19
N ALA D 349 12.80 -7.44 -59.87
CA ALA D 349 11.83 -8.52 -59.73
C ALA D 349 11.18 -8.82 -61.08
N LEU D 350 10.79 -10.08 -61.26
CA LEU D 350 10.17 -10.56 -62.48
C LEU D 350 8.92 -11.34 -62.11
N GLN D 351 7.76 -10.68 -62.18
CA GLN D 351 6.48 -11.32 -61.93
C GLN D 351 6.10 -12.10 -63.19
N TRP D 352 6.46 -13.38 -63.21
CA TRP D 352 6.12 -14.29 -64.29
C TRP D 352 4.72 -14.85 -64.00
N MET D 353 4.28 -15.81 -64.81
CA MET D 353 3.01 -16.48 -64.56
C MET D 353 3.08 -17.90 -65.11
N SER D 354 3.10 -18.87 -64.22
CA SER D 354 2.91 -20.26 -64.59
C SER D 354 1.51 -20.44 -65.14
N PRO D 355 1.25 -21.52 -65.89
CA PRO D 355 -0.12 -21.76 -66.39
C PRO D 355 -1.16 -21.89 -65.29
N LEU D 356 -0.75 -22.03 -64.02
CA LEU D 356 -1.69 -22.18 -62.91
C LEU D 356 -1.58 -21.07 -61.88
N GLY D 357 -0.78 -20.04 -62.12
CA GLY D 357 -0.67 -18.95 -61.18
C GLY D 357 0.52 -18.05 -61.43
N PRO D 358 0.45 -16.83 -60.89
CA PRO D 358 1.58 -15.88 -61.04
C PRO D 358 2.73 -16.25 -60.13
N LEU D 359 3.94 -16.13 -60.66
CA LEU D 359 5.17 -16.44 -59.94
C LEU D 359 6.06 -15.22 -59.91
N VAL D 360 6.57 -14.89 -58.72
CA VAL D 360 7.51 -13.80 -58.54
C VAL D 360 8.89 -14.41 -58.29
N PHE D 361 9.79 -14.23 -59.25
CA PHE D 361 11.21 -14.28 -59.03
C PHE D 361 11.67 -12.90 -58.59
N SER D 362 12.76 -12.85 -57.82
CA SER D 362 13.29 -11.54 -57.48
C SER D 362 14.70 -11.69 -56.91
N TYR D 363 15.52 -10.67 -57.15
CA TYR D 363 16.78 -10.48 -56.45
C TYR D 363 16.72 -9.15 -55.72
N ALA D 364 17.20 -9.15 -54.49
CA ALA D 364 17.28 -7.94 -53.68
C ALA D 364 18.48 -8.07 -52.76
N GLN D 365 18.95 -6.94 -52.25
CA GLN D 365 19.98 -6.96 -51.20
C GLN D 365 19.58 -5.94 -50.14
N PRO D 366 19.43 -6.37 -48.88
CA PRO D 366 19.02 -5.41 -47.83
C PRO D 366 20.19 -4.52 -47.45
N PHE D 367 19.99 -3.21 -47.54
CA PHE D 367 21.05 -2.29 -47.20
C PHE D 367 20.85 -1.60 -45.86
N LYS D 368 19.61 -1.43 -45.40
CA LYS D 368 19.36 -1.03 -44.03
C LYS D 368 18.91 -2.28 -43.28
N LYS D 369 19.80 -2.79 -42.43
CA LYS D 369 19.65 -4.08 -41.78
C LYS D 369 20.14 -3.94 -40.35
N TYR D 370 19.65 -4.81 -39.47
CA TYR D 370 20.01 -4.79 -38.07
C TYR D 370 20.46 -6.17 -37.62
N ASP D 371 21.11 -6.22 -36.45
CA ASP D 371 21.67 -7.48 -35.95
C ASP D 371 20.58 -8.53 -35.80
N GLY D 372 20.93 -9.78 -36.11
CA GLY D 372 19.99 -10.88 -36.05
C GLY D 372 19.16 -11.07 -37.30
N ASP D 373 19.06 -10.07 -38.16
CA ASP D 373 18.33 -10.23 -39.41
C ASP D 373 19.07 -11.18 -40.34
N LYS D 374 18.31 -12.08 -40.96
CA LYS D 374 18.87 -13.06 -41.88
C LYS D 374 18.54 -12.65 -43.31
N ALA D 375 19.57 -12.59 -44.15
CA ALA D 375 19.42 -12.15 -45.53
C ALA D 375 19.03 -13.32 -46.44
N GLU D 376 18.19 -13.02 -47.43
CA GLU D 376 17.79 -13.99 -48.45
C GLU D 376 17.69 -13.18 -49.75
N GLN D 377 18.82 -13.04 -50.44
CA GLN D 377 18.92 -12.12 -51.56
C GLN D 377 18.22 -12.64 -52.81
N PHE D 378 17.96 -13.94 -52.88
CA PHE D 378 17.36 -14.57 -54.06
C PHE D 378 16.03 -15.19 -53.64
N GLN D 379 14.94 -14.69 -54.21
CA GLN D 379 13.59 -14.99 -53.73
C GLN D 379 12.73 -15.56 -54.84
N PHE D 380 11.86 -16.49 -54.48
CA PHE D 380 10.84 -17.05 -55.37
C PHE D 380 9.60 -17.36 -54.55
N ASN D 381 8.44 -17.04 -55.12
CA ASN D 381 7.19 -17.51 -54.52
C ASN D 381 6.06 -17.40 -55.53
N ILE D 382 4.96 -18.06 -55.22
CA ILE D 382 3.76 -18.03 -56.05
C ILE D 382 3.00 -16.73 -55.81
C ACE E 1 -6.34 21.37 35.84
O ACE E 1 -6.90 21.10 36.97
CH3 ACE E 1 -5.08 20.54 35.58
N PHE E 2 -6.60 22.32 34.79
CA PHE E 2 -7.77 23.18 34.89
C PHE E 2 -8.99 22.57 34.21
N GLY E 3 -10.13 22.72 34.85
CA GLY E 3 -11.40 22.34 34.26
C GLY E 3 -12.36 23.51 34.25
N THR E 4 -12.73 23.96 33.05
CA THR E 4 -13.58 25.14 32.92
C THR E 4 -15.01 24.79 33.30
N ILE E 5 -15.55 25.47 34.30
CA ILE E 5 -16.97 25.42 34.60
C ILE E 5 -17.57 26.78 34.22
N HIS E 6 -18.65 26.73 33.44
CA HIS E 6 -19.22 27.93 32.85
C HIS E 6 -20.20 28.64 33.78
N LYS E 7 -20.94 27.89 34.60
CA LYS E 7 -21.99 28.52 35.38
C LYS E 7 -21.46 29.34 36.56
N ARG E 8 -20.13 29.48 36.67
CA ARG E 8 -19.52 30.39 37.62
C ARG E 8 -18.42 31.22 36.95
N ARG E 9 -18.30 31.13 35.62
CA ARG E 9 -17.37 31.94 34.83
C ARG E 9 -15.93 31.78 35.32
N PHE E 10 -15.50 30.53 35.50
CA PHE E 10 -14.32 30.27 36.31
C PHE E 10 -13.64 28.99 35.83
N ARG E 11 -12.33 28.92 36.03
CA ARG E 11 -11.54 27.73 35.74
C ARG E 11 -11.13 27.07 37.05
N TYR E 12 -11.44 25.79 37.18
CA TYR E 12 -11.28 25.05 38.42
C TYR E 12 -10.06 24.14 38.33
N TRP E 13 -9.17 24.24 39.32
CA TRP E 13 -7.98 23.40 39.38
C TRP E 13 -8.29 22.11 40.12
N PHE E 14 -8.02 20.99 39.47
CA PHE E 14 -8.28 19.68 40.07
C PHE E 14 -7.15 18.68 39.85
N CYS E 15 -6.07 19.05 39.15
CA CYS E 15 -5.04 18.10 38.80
C CYS E 15 -4.09 17.80 39.96
N GLY E 16 -4.12 18.59 41.02
CA GLY E 16 -3.21 18.39 42.13
C GLY E 16 -3.84 17.72 43.32
N NH2 E 17 -3.00 17.13 44.17
C ACE F 1 -22.00 14.30 -12.13
O ACE F 1 -22.41 15.44 -12.58
CH3 ACE F 1 -21.52 13.38 -13.24
N PHE F 2 -21.95 13.68 -10.84
CA PHE F 2 -22.38 14.44 -9.68
C PHE F 2 -21.22 15.17 -9.01
N GLY F 3 -21.49 16.39 -8.58
CA GLY F 3 -20.53 17.15 -7.79
C GLY F 3 -21.16 17.60 -6.49
N THR F 4 -20.63 17.11 -5.37
CA THR F 4 -21.21 17.40 -4.07
C THR F 4 -20.87 18.83 -3.67
N ILE F 5 -21.90 19.65 -3.44
CA ILE F 5 -21.74 20.95 -2.81
C ILE F 5 -22.33 20.85 -1.41
N HIS F 6 -21.55 21.28 -0.42
CA HIS F 6 -21.92 21.09 0.97
C HIS F 6 -22.81 22.21 1.52
N LYS F 7 -22.63 23.44 1.03
CA LYS F 7 -23.36 24.55 1.64
C LYS F 7 -24.83 24.58 1.24
N ARG F 8 -25.30 23.57 0.52
CA ARG F 8 -26.72 23.38 0.25
C ARG F 8 -27.14 21.93 0.49
N ARG F 9 -26.25 21.11 1.05
CA ARG F 9 -26.54 19.73 1.45
C ARG F 9 -27.06 18.91 0.27
N PHE F 10 -26.38 19.00 -0.87
CA PHE F 10 -26.97 18.59 -2.13
C PHE F 10 -25.89 18.11 -3.09
N ARG F 11 -26.26 17.21 -3.99
CA ARG F 11 -25.39 16.72 -5.05
C ARG F 11 -25.84 17.31 -6.38
N TYR F 12 -24.92 17.95 -7.09
CA TYR F 12 -25.22 18.72 -8.28
C TYR F 12 -24.78 17.94 -9.52
N TRP F 13 -25.70 17.77 -10.47
CA TRP F 13 -25.39 17.07 -11.71
C TRP F 13 -24.87 18.07 -12.75
N PHE F 14 -23.68 17.77 -13.28
CA PHE F 14 -23.06 18.64 -14.28
C PHE F 14 -22.44 17.89 -15.44
N CYS F 15 -22.51 16.55 -15.47
CA CYS F 15 -21.82 15.79 -16.49
C CYS F 15 -22.56 15.76 -17.82
N GLY F 16 -23.82 16.19 -17.85
CA GLY F 16 -24.60 16.14 -19.06
C GLY F 16 -24.73 17.48 -19.75
N NH2 F 17 -25.05 17.44 -21.04
C ACE G 1 6.67 -20.13 -36.08
O ACE G 1 6.31 -21.13 -36.82
CH3 ACE G 1 5.56 -19.09 -35.89
N PHE G 2 7.88 -19.74 -35.44
CA PHE G 2 9.05 -20.62 -35.51
C PHE G 2 9.10 -21.57 -34.34
N GLY G 3 9.48 -22.82 -34.63
CA GLY G 3 9.74 -23.80 -33.61
C GLY G 3 11.13 -24.38 -33.77
N THR G 4 11.98 -24.15 -32.77
CA THR G 4 13.37 -24.58 -32.85
C THR G 4 13.46 -26.09 -32.65
N ILE G 5 13.99 -26.80 -33.64
CA ILE G 5 14.36 -28.19 -33.48
C ILE G 5 15.89 -28.26 -33.47
N HIS G 6 16.44 -28.94 -32.47
CA HIS G 6 17.86 -28.94 -32.24
C HIS G 6 18.60 -30.01 -33.03
N LYS G 7 17.97 -31.15 -33.29
CA LYS G 7 18.68 -32.26 -33.91
C LYS G 7 18.92 -32.04 -35.39
N ARG G 8 18.55 -30.87 -35.93
CA ARG G 8 18.90 -30.47 -37.28
C ARG G 8 19.44 -29.04 -37.31
N ARG G 9 19.68 -28.44 -36.14
CA ARG G 9 20.29 -27.12 -36.02
C ARG G 9 19.51 -26.06 -36.79
N PHE G 10 18.19 -26.04 -36.61
CA PHE G 10 17.32 -25.36 -37.56
C PHE G 10 16.07 -24.87 -36.86
N ARG G 11 15.49 -23.79 -37.38
CA ARG G 11 14.22 -23.25 -36.89
C ARG G 11 13.13 -23.54 -37.92
N TYR G 12 12.06 -24.17 -37.46
CA TYR G 12 11.00 -24.69 -38.33
C TYR G 12 9.78 -23.78 -38.26
N TRP G 13 9.30 -23.34 -39.41
CA TRP G 13 8.12 -22.49 -39.49
C TRP G 13 6.87 -23.36 -39.58
N PHE G 14 5.93 -23.13 -38.65
CA PHE G 14 4.69 -23.89 -38.62
C PHE G 14 3.46 -23.03 -38.36
N CYS G 15 3.60 -21.72 -38.21
CA CYS G 15 2.47 -20.88 -37.82
C CYS G 15 1.56 -20.55 -39.00
N GLY G 16 2.00 -20.80 -40.23
CA GLY G 16 1.21 -20.46 -41.40
C GLY G 16 0.50 -21.65 -42.02
N NH2 G 17 -0.55 -21.36 -42.78
C ACE H 1 21.57 -15.72 12.18
O ACE H 1 22.86 -15.60 12.20
CH3 ACE H 1 20.89 -15.04 13.37
N PHE H 2 20.63 -16.41 11.35
CA PHE H 2 21.12 -17.10 10.16
C PHE H 2 21.10 -16.22 8.93
N GLY H 3 22.15 -16.33 8.12
CA GLY H 3 22.21 -15.68 6.83
C GLY H 3 22.46 -16.69 5.74
N THR H 4 21.50 -16.85 4.83
CA THR H 4 21.60 -17.85 3.78
C THR H 4 22.59 -17.39 2.72
N ILE H 5 23.64 -18.17 2.50
CA ILE H 5 24.53 -18.00 1.36
C ILE H 5 24.28 -19.15 0.40
N HIS H 6 24.06 -18.81 -0.87
CA HIS H 6 23.62 -19.79 -1.85
C HIS H 6 24.78 -20.52 -2.51
N LYS H 7 25.94 -19.87 -2.68
CA LYS H 7 27.01 -20.48 -3.43
C LYS H 7 27.74 -21.57 -2.66
N ARG H 8 27.26 -21.91 -1.46
CA ARG H 8 27.73 -23.07 -0.71
C ARG H 8 26.56 -23.89 -0.16
N ARG H 9 25.32 -23.56 -0.57
CA ARG H 9 24.13 -24.32 -0.22
C ARG H 9 23.97 -24.44 1.29
N PHE H 10 24.10 -23.33 2.00
CA PHE H 10 24.35 -23.40 3.43
C PHE H 10 23.79 -22.15 4.11
N ARG H 11 23.41 -22.30 5.38
CA ARG H 11 22.95 -21.19 6.21
C ARG H 11 24.03 -20.85 7.23
N TYR H 12 24.42 -19.59 7.26
CA TYR H 12 25.57 -19.13 8.05
C TYR H 12 25.07 -18.40 9.29
N TRP H 13 25.56 -18.80 10.46
CA TRP H 13 25.21 -18.16 11.72
C TRP H 13 26.16 -17.01 12.00
N PHE H 14 25.60 -15.82 12.21
CA PHE H 14 26.39 -14.63 12.49
C PHE H 14 25.83 -13.77 13.61
N CYS H 15 24.70 -14.14 14.22
CA CYS H 15 24.06 -13.28 15.20
C CYS H 15 24.71 -13.34 16.57
N GLY H 16 25.59 -14.31 16.81
CA GLY H 16 26.22 -14.46 18.11
C GLY H 16 27.64 -13.95 18.16
N NH2 H 17 28.11 -13.65 19.36
#